data_6AMQ
#
_entry.id   6AMQ
#
_cell.length_a   66.320
_cell.length_b   79.229
_cell.length_c   81.218
_cell.angle_alpha   110.980
_cell.angle_beta   91.640
_cell.angle_gamma   89.960
#
_symmetry.space_group_name_H-M   'P 1'
#
loop_
_entity.id
_entity.type
_entity.pdbx_description
1 polymer 'DNA polymerase III subunit beta'
2 non-polymer 'SULFATE ION'
3 water water
#
_entity_poly.entity_id   1
_entity_poly.type   'polypeptide(L)'
_entity_poly.pdbx_seq_one_letter_code
;MKFTVEREHLLKPLQQVSGPLGGRPTLPILGNLLLQVADGTLSLTGTDLEMEMIARVTLSQPHEAGATTVPARKFFDICR
GLPEGAEIAVQLEGDRMLVRSGRSRFSLSTLPAADFPNLDDWQSEVEFTLPQATMKRLIEATQFSMAHQDVRYYLNGMLF
ETEGEELRTVATDGHRLAVCSMPIGDSLPNHSVIVPRKGVIELMRMLDGGDTPLRVQIGSNNIRAHVGDFVFTSKLVDGR
FPDYRRVLPKNPDKTLEAGCDSLKQAFARAAILSNEKFRGVRLYVSENQIKITANNPEQEEAEEILDVTYAGTEMEIGFN
VSYVLDVLNALKCENVRILLTDSVSSVQIEDAASQSAAYVVMPMRL
;
_entity_poly.pdbx_strand_id   A,B,C,D
#
loop_
_chem_comp.id
_chem_comp.type
_chem_comp.name
_chem_comp.formula
SO4 non-polymer 'SULFATE ION' 'O4 S -2'
#
# COMPACT_ATOMS: atom_id res chain seq x y z
N MET A 1 -26.27 -7.83 -41.44
CA MET A 1 -26.22 -8.49 -40.09
C MET A 1 -26.13 -7.48 -38.96
N LYS A 2 -27.06 -7.58 -38.03
CA LYS A 2 -27.13 -6.73 -36.85
C LYS A 2 -27.71 -7.57 -35.71
N PHE A 3 -26.99 -7.61 -34.58
CA PHE A 3 -27.54 -8.17 -33.35
C PHE A 3 -27.02 -7.41 -32.13
N THR A 4 -27.80 -7.52 -31.05
CA THR A 4 -27.47 -6.96 -29.77
C THR A 4 -27.75 -8.04 -28.76
N VAL A 5 -26.72 -8.38 -28.00
CA VAL A 5 -26.73 -9.51 -27.09
C VAL A 5 -25.90 -9.16 -25.84
N GLU A 6 -26.38 -9.62 -24.68
CA GLU A 6 -25.73 -9.36 -23.39
C GLU A 6 -24.37 -10.08 -23.33
N ARG A 7 -23.39 -9.43 -22.71
CA ARG A 7 -21.99 -9.91 -22.73
C ARG A 7 -21.77 -11.36 -22.24
N GLU A 8 -22.36 -11.71 -21.11
CA GLU A 8 -22.15 -13.04 -20.49
C GLU A 8 -22.84 -14.16 -21.27
N HIS A 9 -23.88 -13.82 -22.03
CA HIS A 9 -24.55 -14.77 -22.91
C HIS A 9 -23.75 -15.04 -24.19
N LEU A 10 -22.99 -14.06 -24.66
CA LEU A 10 -22.12 -14.20 -25.84
C LEU A 10 -20.76 -14.80 -25.49
N LEU A 11 -20.32 -14.62 -24.23
CA LEU A 11 -18.99 -15.06 -23.81
C LEU A 11 -18.82 -16.58 -23.74
N LYS A 12 -19.83 -17.29 -23.24
CA LYS A 12 -19.75 -18.76 -23.16
C LYS A 12 -19.60 -19.40 -24.55
N PRO A 13 -20.53 -19.14 -25.49
CA PRO A 13 -20.40 -19.69 -26.86
C PRO A 13 -19.05 -19.41 -27.52
N LEU A 14 -18.60 -18.17 -27.46
CA LEU A 14 -17.31 -17.79 -28.03
C LEU A 14 -16.17 -18.61 -27.46
N GLN A 15 -16.26 -18.91 -26.17
CA GLN A 15 -15.28 -19.78 -25.51
C GLN A 15 -15.32 -21.14 -26.16
N GLN A 16 -16.53 -21.69 -26.29
CA GLN A 16 -16.75 -23.01 -26.86
C GLN A 16 -16.17 -23.20 -28.26
N VAL A 17 -16.32 -22.20 -29.11
CA VAL A 17 -15.84 -22.30 -30.49
C VAL A 17 -14.38 -21.90 -30.70
N SER A 18 -13.74 -21.39 -29.65
CA SER A 18 -12.34 -20.97 -29.75
C SER A 18 -11.44 -22.19 -29.92
N GLY A 19 -10.33 -22.00 -30.63
CA GLY A 19 -9.39 -23.08 -30.86
C GLY A 19 -8.10 -22.61 -31.50
N LEU A 27 -4.62 -20.07 -44.90
CA LEU A 27 -4.45 -19.90 -43.45
C LEU A 27 -5.32 -18.76 -42.86
N PRO A 28 -5.53 -17.63 -43.58
CA PRO A 28 -6.12 -16.47 -42.90
C PRO A 28 -7.52 -16.72 -42.33
N ILE A 29 -8.40 -17.27 -43.16
CA ILE A 29 -9.80 -17.42 -42.77
C ILE A 29 -9.99 -18.44 -41.62
N LEU A 30 -9.08 -19.40 -41.48
CA LEU A 30 -9.10 -20.34 -40.34
C LEU A 30 -8.95 -19.63 -38.99
N GLY A 31 -8.27 -18.47 -38.97
CA GLY A 31 -8.20 -17.63 -37.80
C GLY A 31 -9.48 -16.85 -37.50
N ASN A 32 -10.44 -16.86 -38.43
CA ASN A 32 -11.67 -16.11 -38.27
C ASN A 32 -12.79 -16.99 -37.73
N LEU A 33 -13.81 -16.31 -37.21
CA LEU A 33 -15.00 -16.89 -36.65
C LEU A 33 -16.15 -16.54 -37.59
N LEU A 34 -16.98 -17.52 -37.98
CA LEU A 34 -18.18 -17.27 -38.81
C LEU A 34 -19.39 -16.94 -37.92
N LEU A 35 -19.91 -15.72 -38.04
CA LEU A 35 -21.14 -15.31 -37.37
C LEU A 35 -22.26 -15.32 -38.37
N GLN A 36 -23.41 -15.89 -37.99
CA GLN A 36 -24.59 -15.98 -38.86
C GLN A 36 -25.88 -15.72 -38.11
N VAL A 37 -26.73 -14.84 -38.64
CA VAL A 37 -28.06 -14.57 -38.07
C VAL A 37 -29.17 -15.18 -38.92
N ALA A 38 -30.05 -15.95 -38.27
CA ALA A 38 -31.27 -16.49 -38.86
C ALA A 38 -32.42 -16.04 -37.95
N ASP A 39 -33.63 -16.55 -38.13
CA ASP A 39 -34.73 -16.02 -37.30
C ASP A 39 -34.60 -16.37 -35.82
N GLY A 40 -34.17 -15.39 -35.05
CA GLY A 40 -34.02 -15.56 -33.62
C GLY A 40 -32.74 -16.22 -33.17
N THR A 41 -31.86 -16.62 -34.11
CA THR A 41 -30.64 -17.38 -33.77
C THR A 41 -29.33 -16.78 -34.29
N LEU A 42 -28.34 -16.67 -33.39
CA LEU A 42 -26.98 -16.38 -33.77
C LEU A 42 -26.17 -17.67 -33.66
N SER A 43 -25.43 -17.98 -34.74
CA SER A 43 -24.58 -19.15 -34.83
C SER A 43 -23.15 -18.67 -34.96
N LEU A 44 -22.29 -19.18 -34.08
CA LEU A 44 -20.87 -18.84 -34.09
C LEU A 44 -20.11 -20.11 -34.43
N THR A 45 -19.31 -20.06 -35.48
CA THR A 45 -18.54 -21.23 -35.91
C THR A 45 -17.04 -21.03 -35.95
N GLY A 46 -16.31 -21.98 -35.37
CA GLY A 46 -14.86 -21.95 -35.37
C GLY A 46 -14.37 -23.20 -36.06
N THR A 47 -13.28 -23.13 -36.82
CA THR A 47 -12.79 -24.30 -37.54
C THR A 47 -11.35 -24.33 -38.03
N ASP A 48 -10.89 -25.55 -38.30
CA ASP A 48 -9.58 -25.86 -38.87
C ASP A 48 -9.80 -27.00 -39.87
N LEU A 49 -8.88 -27.20 -40.79
CA LEU A 49 -9.06 -28.27 -41.78
C LEU A 49 -9.39 -29.67 -41.24
N GLU A 50 -9.37 -29.84 -39.92
CA GLU A 50 -9.67 -31.15 -39.32
C GLU A 50 -11.09 -31.15 -38.68
N MET A 51 -11.33 -30.16 -37.83
CA MET A 51 -12.58 -30.09 -37.09
C MET A 51 -13.22 -28.72 -37.06
N GLU A 52 -14.53 -28.76 -37.10
CA GLU A 52 -15.35 -27.56 -37.18
C GLU A 52 -16.33 -27.73 -36.09
N MET A 53 -16.64 -26.65 -35.41
CA MET A 53 -17.53 -26.83 -34.27
C MET A 53 -18.55 -25.72 -34.22
N ILE A 54 -19.82 -25.91 -33.86
CA ILE A 54 -20.78 -24.76 -33.87
C ILE A 54 -21.52 -24.37 -32.57
N ALA A 55 -21.72 -23.06 -32.27
CA ALA A 55 -22.50 -22.69 -31.10
C ALA A 55 -23.71 -21.90 -31.57
N ARG A 56 -24.84 -22.07 -30.90
CA ARG A 56 -26.08 -21.39 -31.28
C ARG A 56 -26.61 -20.65 -30.06
N VAL A 57 -27.03 -19.40 -30.25
CA VAL A 57 -27.61 -18.62 -29.17
C VAL A 57 -28.87 -17.93 -29.64
N THR A 58 -29.92 -17.98 -28.83
CA THR A 58 -31.21 -17.38 -29.15
C THR A 58 -31.18 -15.90 -28.83
N LEU A 59 -31.65 -15.08 -29.74
CA LEU A 59 -31.65 -13.61 -29.57
C LEU A 59 -33.01 -13.13 -29.05
N SER A 60 -33.04 -12.57 -27.83
CA SER A 60 -34.25 -11.92 -27.28
C SER A 60 -34.40 -10.45 -27.69
N GLN A 61 -33.41 -9.87 -28.37
CA GLN A 61 -33.43 -8.45 -28.74
C GLN A 61 -33.52 -8.29 -30.25
N PRO A 62 -33.86 -7.07 -30.73
CA PRO A 62 -33.91 -6.85 -32.17
C PRO A 62 -32.64 -7.29 -32.93
N HIS A 63 -32.86 -7.79 -34.14
CA HIS A 63 -31.78 -8.30 -34.96
C HIS A 63 -32.14 -8.20 -36.42
N GLU A 64 -31.13 -8.32 -37.28
CA GLU A 64 -31.31 -8.44 -38.73
C GLU A 64 -30.36 -9.52 -39.24
N ALA A 65 -30.83 -10.25 -40.24
CA ALA A 65 -30.09 -11.40 -40.77
C ALA A 65 -28.87 -11.00 -41.58
N GLY A 66 -27.94 -11.95 -41.72
CA GLY A 66 -26.69 -11.78 -42.49
C GLY A 66 -25.58 -12.65 -41.93
N ALA A 67 -24.45 -12.64 -42.62
CA ALA A 67 -23.27 -13.37 -42.14
C ALA A 67 -21.97 -12.71 -42.54
N THR A 68 -20.94 -12.97 -41.73
CA THR A 68 -19.60 -12.49 -41.99
C THR A 68 -18.62 -13.29 -41.15
N THR A 69 -17.33 -13.10 -41.43
CA THR A 69 -16.29 -13.67 -40.61
C THR A 69 -15.42 -12.53 -40.10
N VAL A 70 -14.98 -12.64 -38.84
CA VAL A 70 -14.07 -11.68 -38.20
C VAL A 70 -13.05 -12.46 -37.37
N PRO A 71 -11.87 -11.87 -37.10
CA PRO A 71 -10.86 -12.56 -36.29
C PRO A 71 -11.39 -12.94 -34.93
N ALA A 72 -11.33 -14.25 -34.64
CA ALA A 72 -11.99 -14.85 -33.49
C ALA A 72 -11.41 -14.34 -32.17
N ARG A 73 -10.09 -14.35 -32.09
CA ARG A 73 -9.39 -14.02 -30.86
C ARG A 73 -9.59 -12.55 -30.47
N LYS A 74 -9.47 -11.64 -31.44
CA LYS A 74 -9.76 -10.23 -31.21
C LYS A 74 -11.20 -9.98 -30.78
N PHE A 75 -12.12 -10.63 -31.47
CA PHE A 75 -13.54 -10.50 -31.14
C PHE A 75 -13.83 -11.01 -29.73
N PHE A 76 -13.18 -12.12 -29.34
CA PHE A 76 -13.37 -12.67 -27.99
C PHE A 76 -12.83 -11.71 -26.94
N ASP A 77 -11.59 -11.25 -27.15
CA ASP A 77 -10.93 -10.31 -26.20
C ASP A 77 -11.69 -9.00 -26.00
N ILE A 78 -12.28 -8.47 -27.08
CA ILE A 78 -13.05 -7.26 -26.98
C ILE A 78 -14.29 -7.46 -26.12
N CYS A 79 -14.96 -8.60 -26.28
CA CYS A 79 -16.15 -8.89 -25.46
C CYS A 79 -15.75 -9.14 -24.01
N ARG A 80 -14.66 -9.88 -23.81
CA ARG A 80 -14.20 -10.18 -22.46
C ARG A 80 -13.79 -8.89 -21.78
N GLY A 81 -13.01 -8.08 -22.49
CA GLY A 81 -12.54 -6.78 -22.01
C GLY A 81 -13.61 -5.77 -21.65
N LEU A 82 -14.81 -5.91 -22.20
CA LEU A 82 -15.93 -5.05 -21.82
C LEU A 82 -16.43 -5.39 -20.41
N PRO A 83 -16.98 -4.39 -19.68
CA PRO A 83 -17.37 -4.61 -18.27
C PRO A 83 -18.52 -5.60 -18.11
N GLU A 84 -18.52 -6.27 -16.97
CA GLU A 84 -19.64 -7.12 -16.54
C GLU A 84 -20.98 -6.39 -16.74
N GLY A 85 -21.93 -7.08 -17.39
CA GLY A 85 -23.29 -6.56 -17.61
C GLY A 85 -23.56 -5.86 -18.93
N ALA A 86 -22.53 -5.68 -19.75
CA ALA A 86 -22.63 -4.88 -20.98
C ALA A 86 -23.51 -5.50 -22.07
N GLU A 87 -24.12 -4.61 -22.86
CA GLU A 87 -24.85 -4.96 -24.06
C GLU A 87 -23.92 -4.71 -25.23
N ILE A 88 -23.71 -5.75 -26.05
CA ILE A 88 -22.80 -5.64 -27.16
C ILE A 88 -23.61 -5.55 -28.45
N ALA A 89 -23.50 -4.40 -29.13
CA ALA A 89 -24.19 -4.16 -30.39
C ALA A 89 -23.26 -4.41 -31.58
N VAL A 90 -23.47 -5.53 -32.27
CA VAL A 90 -22.68 -5.87 -33.45
C VAL A 90 -23.46 -5.49 -34.69
N GLN A 91 -22.72 -5.03 -35.72
CA GLN A 91 -23.32 -4.59 -36.97
C GLN A 91 -22.31 -4.71 -38.09
N LEU A 92 -22.74 -5.25 -39.23
CA LEU A 92 -21.88 -5.36 -40.42
C LEU A 92 -21.96 -4.04 -41.19
N GLU A 93 -20.81 -3.46 -41.55
CA GLU A 93 -20.73 -2.25 -42.38
C GLU A 93 -19.71 -2.44 -43.51
N GLY A 94 -20.16 -3.00 -44.63
CA GLY A 94 -19.30 -3.22 -45.79
C GLY A 94 -18.11 -4.11 -45.48
N ASP A 95 -16.91 -3.59 -45.74
CA ASP A 95 -15.64 -4.25 -45.37
C ASP A 95 -15.52 -4.64 -43.89
N ARG A 96 -16.19 -3.92 -43.00
CA ARG A 96 -15.95 -4.03 -41.56
C ARG A 96 -17.12 -4.54 -40.76
N MET A 97 -16.81 -5.11 -39.59
CA MET A 97 -17.81 -5.37 -38.57
C MET A 97 -17.58 -4.39 -37.41
N LEU A 98 -18.68 -3.87 -36.88
CA LEU A 98 -18.67 -2.87 -35.84
C LEU A 98 -19.21 -3.45 -34.56
N VAL A 99 -18.49 -3.17 -33.48
CA VAL A 99 -18.84 -3.67 -32.17
C VAL A 99 -18.90 -2.42 -31.31
N ARG A 100 -20.07 -2.21 -30.70
CA ARG A 100 -20.36 -1.01 -29.90
C ARG A 100 -20.91 -1.41 -28.56
N SER A 101 -20.37 -0.81 -27.51
CA SER A 101 -20.97 -0.92 -26.17
C SER A 101 -20.51 0.31 -25.38
N GLY A 102 -21.46 0.91 -24.67
CA GLY A 102 -21.23 2.20 -24.01
C GLY A 102 -20.57 3.17 -24.98
N ARG A 103 -19.45 3.76 -24.55
CA ARG A 103 -18.64 4.64 -25.40
C ARG A 103 -17.37 3.93 -25.88
N SER A 104 -17.46 2.61 -26.06
CA SER A 104 -16.41 1.83 -26.68
C SER A 104 -16.85 1.43 -28.08
N ARG A 105 -15.96 1.55 -29.04
CA ARG A 105 -16.27 1.31 -30.46
C ARG A 105 -15.08 0.63 -31.14
N PHE A 106 -15.39 -0.44 -31.88
CA PHE A 106 -14.37 -1.28 -32.52
C PHE A 106 -14.77 -1.65 -33.94
N SER A 107 -13.82 -1.55 -34.85
CA SER A 107 -14.06 -1.87 -36.24
C SER A 107 -13.08 -2.97 -36.62
N LEU A 108 -13.61 -4.17 -36.88
CA LEU A 108 -12.79 -5.34 -37.24
C LEU A 108 -12.75 -5.59 -38.74
N SER A 109 -11.67 -6.23 -39.20
CA SER A 109 -11.58 -6.73 -40.58
C SER A 109 -12.54 -7.90 -40.77
N THR A 110 -12.93 -8.12 -42.02
CA THR A 110 -13.73 -9.28 -42.36
C THR A 110 -13.13 -10.03 -43.53
N LEU A 111 -13.52 -11.30 -43.60
CA LEU A 111 -13.41 -12.07 -44.81
C LEU A 111 -14.82 -12.59 -45.10
N PRO A 112 -15.18 -12.76 -46.39
CA PRO A 112 -16.59 -13.06 -46.67
C PRO A 112 -17.01 -14.47 -46.22
N ALA A 113 -18.26 -14.58 -45.76
CA ALA A 113 -18.80 -15.82 -45.19
C ALA A 113 -18.64 -17.03 -46.11
N ALA A 114 -18.91 -16.81 -47.39
CA ALA A 114 -18.84 -17.85 -48.42
C ALA A 114 -17.44 -18.42 -48.75
N ASP A 115 -16.37 -17.85 -48.21
CA ASP A 115 -15.03 -18.49 -48.27
C ASP A 115 -14.71 -19.35 -47.03
N PHE A 116 -15.64 -19.36 -46.05
CA PHE A 116 -15.46 -20.09 -44.80
C PHE A 116 -15.72 -21.57 -45.05
N PRO A 117 -14.72 -22.42 -44.81
CA PRO A 117 -14.81 -23.86 -45.03
C PRO A 117 -15.91 -24.54 -44.23
N ASN A 118 -16.51 -25.57 -44.81
CA ASN A 118 -17.56 -26.31 -44.13
C ASN A 118 -17.20 -27.79 -44.01
N LEU A 119 -17.13 -28.29 -42.79
CA LEU A 119 -16.82 -29.69 -42.54
C LEU A 119 -18.04 -30.48 -42.11
N ASP A 120 -19.19 -29.82 -42.08
CA ASP A 120 -20.42 -30.44 -41.60
C ASP A 120 -21.30 -31.13 -42.64
N ASP A 121 -20.92 -31.09 -43.91
CA ASP A 121 -21.76 -31.74 -44.92
C ASP A 121 -21.34 -33.16 -45.22
N TRP A 122 -22.04 -34.11 -44.60
CA TRP A 122 -21.82 -35.54 -44.76
C TRP A 122 -23.00 -36.28 -44.13
N GLN A 123 -23.16 -37.54 -44.47
CA GLN A 123 -24.29 -38.34 -43.99
C GLN A 123 -23.79 -39.24 -42.85
N SER A 124 -24.52 -39.24 -41.72
CA SER A 124 -24.27 -40.19 -40.66
C SER A 124 -24.71 -41.60 -41.09
N GLU A 125 -24.00 -42.61 -40.61
CA GLU A 125 -24.36 -44.01 -40.76
C GLU A 125 -24.82 -44.67 -39.45
N VAL A 126 -24.27 -44.22 -38.32
CA VAL A 126 -24.57 -44.77 -37.00
C VAL A 126 -24.81 -43.61 -36.02
N GLU A 127 -25.90 -43.70 -35.27
CA GLU A 127 -26.22 -42.68 -34.28
C GLU A 127 -26.55 -43.31 -32.94
N PHE A 128 -25.96 -42.79 -31.87
CA PHE A 128 -26.24 -43.28 -30.54
C PHE A 128 -26.16 -42.15 -29.53
N THR A 129 -26.95 -42.27 -28.46
CA THR A 129 -27.00 -41.26 -27.43
C THR A 129 -26.57 -41.84 -26.08
N LEU A 130 -25.72 -41.11 -25.38
CA LEU A 130 -25.23 -41.55 -24.08
C LEU A 130 -24.95 -40.36 -23.18
N PRO A 131 -24.79 -40.62 -21.87
CA PRO A 131 -24.52 -39.60 -20.87
C PRO A 131 -23.09 -39.05 -20.96
N GLN A 132 -22.92 -37.76 -20.68
CA GLN A 132 -21.61 -37.15 -20.73
C GLN A 132 -20.62 -37.86 -19.82
N ALA A 133 -21.09 -38.20 -18.62
CA ALA A 133 -20.26 -38.92 -17.63
C ALA A 133 -19.56 -40.14 -18.26
N THR A 134 -20.31 -40.95 -18.99
CA THR A 134 -19.78 -42.14 -19.63
C THR A 134 -18.69 -41.83 -20.66
N MET A 135 -18.96 -40.88 -21.55
CA MET A 135 -17.98 -40.52 -22.56
C MET A 135 -16.73 -39.97 -21.88
N LYS A 136 -16.94 -39.17 -20.84
CA LYS A 136 -15.85 -38.60 -20.06
C LYS A 136 -15.00 -39.69 -19.37
N ARG A 137 -15.68 -40.67 -18.78
CA ARG A 137 -15.03 -41.84 -18.22
C ARG A 137 -14.16 -42.54 -19.27
N LEU A 138 -14.73 -42.80 -20.44
CA LEU A 138 -14.00 -43.46 -21.53
C LEU A 138 -12.77 -42.71 -22.02
N ILE A 139 -12.90 -41.41 -22.23
CA ILE A 139 -11.79 -40.61 -22.73
C ILE A 139 -10.69 -40.48 -21.67
N GLU A 140 -11.04 -40.08 -20.45
CA GLU A 140 -10.04 -39.96 -19.36
C GLU A 140 -9.31 -41.26 -19.06
N ALA A 141 -10.04 -42.38 -19.10
CA ALA A 141 -9.45 -43.68 -18.88
C ALA A 141 -8.31 -44.04 -19.84
N THR A 142 -8.34 -43.55 -21.08
CA THR A 142 -7.32 -43.95 -22.08
C THR A 142 -6.44 -42.84 -22.66
N GLN A 143 -6.89 -41.58 -22.61
CA GLN A 143 -6.26 -40.51 -23.39
C GLN A 143 -4.73 -40.42 -23.26
N PHE A 144 -4.22 -40.63 -22.06
CA PHE A 144 -2.75 -40.56 -21.80
C PHE A 144 -1.90 -41.56 -22.61
N SER A 145 -2.51 -42.66 -23.04
CA SER A 145 -1.80 -43.68 -23.80
C SER A 145 -1.68 -43.39 -25.29
N MET A 146 -2.31 -42.32 -25.75
CA MET A 146 -2.23 -41.94 -27.14
C MET A 146 -0.79 -41.57 -27.48
N ALA A 147 -0.37 -41.89 -28.69
CA ALA A 147 0.97 -41.55 -29.13
C ALA A 147 1.02 -40.05 -29.46
N HIS A 148 2.21 -39.48 -29.40
CA HIS A 148 2.41 -38.06 -29.71
CA HIS A 148 2.41 -38.06 -29.71
C HIS A 148 3.40 -37.92 -30.85
N GLN A 149 2.92 -37.39 -31.99
CA GLN A 149 3.73 -37.14 -33.19
C GLN A 149 4.44 -38.39 -33.75
N ASP A 150 3.82 -39.56 -33.58
CA ASP A 150 4.36 -40.82 -34.09
C ASP A 150 4.16 -40.89 -35.61
N VAL A 151 5.09 -41.56 -36.30
CA VAL A 151 5.02 -41.74 -37.76
C VAL A 151 3.86 -42.66 -38.19
N ARG A 152 3.47 -43.63 -37.34
CA ARG A 152 2.25 -44.42 -37.55
C ARG A 152 1.07 -43.55 -37.10
N TYR A 153 0.70 -42.61 -37.96
CA TYR A 153 -0.20 -41.49 -37.61
C TYR A 153 -1.49 -41.90 -36.89
N TYR A 154 -2.07 -43.04 -37.26
CA TYR A 154 -3.26 -43.61 -36.60
C TYR A 154 -3.14 -43.77 -35.07
N LEU A 155 -1.93 -44.01 -34.59
CA LEU A 155 -1.64 -44.16 -33.17
C LEU A 155 -1.86 -42.86 -32.43
N ASN A 156 -1.65 -41.74 -33.12
CA ASN A 156 -1.86 -40.40 -32.53
C ASN A 156 -3.30 -40.11 -32.14
N GLY A 157 -4.23 -40.95 -32.59
CA GLY A 157 -5.61 -40.84 -32.19
C GLY A 157 -6.00 -41.87 -31.16
N MET A 158 -7.31 -41.94 -30.98
CA MET A 158 -7.98 -42.83 -30.09
C MET A 158 -9.04 -43.58 -30.92
N LEU A 159 -9.20 -44.87 -30.62
CA LEU A 159 -10.15 -45.74 -31.30
C LEU A 159 -11.47 -45.74 -30.53
N PHE A 160 -12.59 -45.45 -31.21
CA PHE A 160 -13.92 -45.61 -30.66
C PHE A 160 -14.52 -46.81 -31.36
N GLU A 161 -14.77 -47.86 -30.58
CA GLU A 161 -15.25 -49.13 -31.13
C GLU A 161 -16.59 -49.41 -30.48
N THR A 162 -17.64 -49.59 -31.28
CA THR A 162 -18.92 -50.10 -30.78
C THR A 162 -18.92 -51.61 -30.94
N GLU A 163 -19.30 -52.33 -29.89
CA GLU A 163 -19.44 -53.79 -29.98
C GLU A 163 -20.65 -54.24 -29.16
N GLY A 164 -21.78 -54.37 -29.86
CA GLY A 164 -23.03 -54.82 -29.28
C GLY A 164 -23.62 -53.76 -28.35
N GLU A 165 -23.65 -54.06 -27.06
CA GLU A 165 -24.19 -53.13 -26.07
C GLU A 165 -23.13 -52.26 -25.41
N GLU A 166 -21.91 -52.27 -25.91
CA GLU A 166 -20.85 -51.48 -25.29
C GLU A 166 -20.07 -50.55 -26.22
N LEU A 167 -19.64 -49.44 -25.66
CA LEU A 167 -18.81 -48.49 -26.38
C LEU A 167 -17.42 -48.65 -25.79
N ARG A 168 -16.43 -48.86 -26.63
CA ARG A 168 -15.07 -49.06 -26.16
C ARG A 168 -14.12 -48.01 -26.72
N THR A 169 -13.20 -47.53 -25.89
CA THR A 169 -12.07 -46.73 -26.36
C THR A 169 -10.76 -47.50 -26.20
N VAL A 170 -9.84 -47.27 -27.13
CA VAL A 170 -8.51 -47.83 -27.06
C VAL A 170 -7.51 -46.78 -27.48
N ALA A 171 -6.44 -46.66 -26.70
CA ALA A 171 -5.30 -45.80 -27.00
C ALA A 171 -4.02 -46.57 -26.79
N THR A 172 -3.10 -46.39 -27.73
CA THR A 172 -1.84 -47.10 -27.64
C THR A 172 -0.76 -46.55 -28.52
N ASP A 173 0.42 -46.49 -27.94
CA ASP A 173 1.64 -46.21 -28.67
C ASP A 173 2.27 -47.62 -28.91
N GLY A 174 3.46 -47.69 -29.46
CA GLY A 174 4.05 -49.00 -29.65
C GLY A 174 4.26 -49.71 -28.33
N HIS A 175 4.77 -48.96 -27.35
CA HIS A 175 5.10 -49.44 -26.01
C HIS A 175 4.03 -49.89 -25.00
N ARG A 176 2.92 -49.18 -24.88
CA ARG A 176 1.91 -49.51 -23.88
C ARG A 176 0.48 -49.45 -24.40
N LEU A 177 -0.51 -49.70 -23.54
CA LEU A 177 -1.90 -49.67 -24.02
C LEU A 177 -2.90 -49.39 -22.91
N ALA A 178 -3.98 -48.74 -23.30
CA ALA A 178 -5.13 -48.53 -22.42
C ALA A 178 -6.37 -48.95 -23.20
N VAL A 179 -7.30 -49.60 -22.54
CA VAL A 179 -8.60 -49.91 -23.12
C VAL A 179 -9.66 -49.70 -22.05
N CYS A 180 -10.80 -49.13 -22.46
CA CYS A 180 -11.94 -48.91 -21.57
C CYS A 180 -13.25 -49.20 -22.32
N SER A 181 -14.18 -49.87 -21.63
CA SER A 181 -15.50 -50.28 -22.16
C SER A 181 -16.58 -49.85 -21.18
N MET A 182 -17.68 -49.33 -21.72
CA MET A 182 -18.80 -48.87 -20.93
C MET A 182 -20.04 -49.22 -21.71
N PRO A 183 -21.00 -49.89 -21.05
CA PRO A 183 -22.24 -50.31 -21.72
C PRO A 183 -23.17 -49.15 -22.08
N ILE A 184 -23.89 -49.31 -23.17
CA ILE A 184 -24.84 -48.33 -23.66
C ILE A 184 -26.17 -49.06 -23.90
N GLY A 185 -27.27 -48.34 -23.85
CA GLY A 185 -28.58 -48.96 -23.99
C GLY A 185 -29.02 -49.72 -25.23
N ASP A 186 -28.72 -49.21 -26.42
CA ASP A 186 -29.16 -49.89 -27.62
C ASP A 186 -28.05 -50.66 -28.32
N SER A 187 -28.35 -51.90 -28.70
CA SER A 187 -27.35 -52.72 -29.39
C SER A 187 -27.04 -52.14 -30.77
N LEU A 188 -25.77 -51.89 -31.07
CA LEU A 188 -25.46 -51.34 -32.37
C LEU A 188 -24.65 -52.31 -33.17
N PRO A 189 -24.51 -52.03 -34.47
CA PRO A 189 -23.68 -52.86 -35.32
C PRO A 189 -22.22 -52.63 -34.99
N ASN A 190 -21.40 -53.65 -35.18
CA ASN A 190 -19.95 -53.52 -34.91
C ASN A 190 -19.36 -52.49 -35.86
N HIS A 191 -18.59 -51.57 -35.27
CA HIS A 191 -18.01 -50.44 -35.99
C HIS A 191 -16.85 -49.87 -35.16
N SER A 192 -15.71 -49.63 -35.81
CA SER A 192 -14.59 -48.95 -35.16
C SER A 192 -14.00 -47.83 -36.05
N VAL A 193 -13.70 -46.69 -35.43
CA VAL A 193 -13.14 -45.50 -36.08
C VAL A 193 -12.08 -44.84 -35.19
N ILE A 194 -11.23 -44.03 -35.80
CA ILE A 194 -10.14 -43.37 -35.10
C ILE A 194 -10.37 -41.84 -35.10
N VAL A 195 -10.62 -41.28 -33.92
CA VAL A 195 -10.77 -39.85 -33.73
C VAL A 195 -9.36 -39.29 -33.49
N PRO A 196 -8.97 -38.19 -34.18
CA PRO A 196 -7.63 -37.63 -33.94
C PRO A 196 -7.47 -36.88 -32.60
N ARG A 197 -6.21 -36.69 -32.19
CA ARG A 197 -5.84 -36.01 -30.94
C ARG A 197 -6.67 -34.76 -30.68
N LYS A 198 -6.65 -33.79 -31.59
CA LYS A 198 -7.38 -32.54 -31.38
C LYS A 198 -8.91 -32.75 -31.25
N GLY A 199 -9.45 -33.76 -31.94
CA GLY A 199 -10.82 -34.17 -31.77
C GLY A 199 -11.15 -34.65 -30.37
N VAL A 200 -10.29 -35.52 -29.84
CA VAL A 200 -10.45 -36.04 -28.47
C VAL A 200 -10.36 -34.90 -27.44
N ILE A 201 -9.43 -33.97 -27.65
CA ILE A 201 -9.28 -32.83 -26.74
C ILE A 201 -10.54 -31.97 -26.78
N GLU A 202 -11.08 -31.73 -27.96
CA GLU A 202 -12.29 -30.92 -28.07
C GLU A 202 -13.49 -31.64 -27.49
N LEU A 203 -13.59 -32.93 -27.77
CA LEU A 203 -14.69 -33.75 -27.23
C LEU A 203 -14.75 -33.73 -25.68
N MET A 204 -13.57 -33.69 -25.07
CA MET A 204 -13.43 -33.56 -23.62
CA MET A 204 -13.43 -33.56 -23.62
C MET A 204 -13.83 -32.17 -23.11
N ARG A 205 -13.60 -31.18 -23.96
CA ARG A 205 -13.82 -29.78 -23.65
C ARG A 205 -15.32 -29.51 -23.57
N MET A 206 -16.07 -30.17 -24.45
CA MET A 206 -17.52 -30.07 -24.49
C MET A 206 -18.19 -30.54 -23.22
N LEU A 207 -17.69 -31.66 -22.69
CA LEU A 207 -18.38 -32.38 -21.64
C LEU A 207 -18.19 -31.64 -20.33
N ASP A 208 -19.26 -30.98 -19.88
CA ASP A 208 -19.32 -30.27 -18.59
C ASP A 208 -19.78 -31.18 -17.42
N GLY A 209 -20.03 -32.46 -17.67
CA GLY A 209 -20.63 -33.32 -16.67
C GLY A 209 -22.05 -32.90 -16.34
N GLY A 210 -22.77 -32.41 -17.34
CA GLY A 210 -24.16 -32.01 -17.19
C GLY A 210 -25.09 -33.20 -17.29
N ASP A 211 -26.37 -32.95 -17.01
CA ASP A 211 -27.46 -33.91 -17.19
C ASP A 211 -27.92 -34.01 -18.65
N THR A 212 -27.54 -33.02 -19.47
CA THR A 212 -27.87 -33.00 -20.90
C THR A 212 -27.22 -34.21 -21.57
N PRO A 213 -28.02 -35.04 -22.25
CA PRO A 213 -27.48 -36.22 -22.93
C PRO A 213 -26.64 -35.83 -24.13
N LEU A 214 -25.69 -36.70 -24.48
CA LEU A 214 -24.82 -36.44 -25.62
C LEU A 214 -25.25 -37.29 -26.80
N ARG A 215 -25.47 -36.65 -27.94
CA ARG A 215 -25.86 -37.40 -29.14
C ARG A 215 -24.63 -37.48 -30.04
N VAL A 216 -24.29 -38.70 -30.45
CA VAL A 216 -23.12 -38.91 -31.28
C VAL A 216 -23.49 -39.52 -32.62
N GLN A 217 -22.93 -38.97 -33.69
CA GLN A 217 -23.21 -39.48 -35.05
C GLN A 217 -21.88 -39.82 -35.72
N ILE A 218 -21.81 -41.01 -36.32
CA ILE A 218 -20.59 -41.47 -36.98
C ILE A 218 -20.87 -41.72 -38.46
N GLY A 219 -20.08 -41.07 -39.31
CA GLY A 219 -20.10 -41.34 -40.74
C GLY A 219 -18.84 -42.08 -41.12
N SER A 220 -18.68 -42.33 -42.41
CA SER A 220 -17.57 -43.12 -42.90
C SER A 220 -16.24 -42.40 -42.78
N ASN A 221 -16.26 -41.07 -42.79
CA ASN A 221 -15.04 -40.28 -42.71
C ASN A 221 -15.07 -39.16 -41.68
N ASN A 222 -16.17 -39.05 -40.93
CA ASN A 222 -16.35 -38.01 -39.94
C ASN A 222 -17.17 -38.48 -38.73
N ILE A 223 -17.14 -37.68 -37.68
CA ILE A 223 -17.90 -37.92 -36.46
C ILE A 223 -18.42 -36.60 -35.96
N ARG A 224 -19.65 -36.60 -35.43
CA ARG A 224 -20.29 -35.43 -34.89
C ARG A 224 -20.85 -35.69 -33.48
N ALA A 225 -20.77 -34.69 -32.61
CA ALA A 225 -21.27 -34.81 -31.25
C ALA A 225 -22.21 -33.67 -30.91
N HIS A 226 -23.37 -34.00 -30.36
CA HIS A 226 -24.34 -32.98 -29.99
C HIS A 226 -24.57 -32.93 -28.49
N VAL A 227 -24.32 -31.78 -27.90
CA VAL A 227 -24.62 -31.57 -26.49
C VAL A 227 -25.33 -30.22 -26.43
N GLY A 228 -26.57 -30.21 -25.98
CA GLY A 228 -27.29 -28.95 -25.89
C GLY A 228 -27.35 -28.25 -27.23
N ASP A 229 -26.97 -26.99 -27.22
CA ASP A 229 -26.94 -26.16 -28.41
C ASP A 229 -25.55 -26.16 -29.05
N PHE A 230 -24.66 -26.99 -28.55
CA PHE A 230 -23.30 -27.03 -29.08
C PHE A 230 -23.05 -28.27 -29.94
N VAL A 231 -22.50 -28.04 -31.11
CA VAL A 231 -22.20 -29.13 -32.05
C VAL A 231 -20.73 -29.20 -32.38
N PHE A 232 -20.17 -30.40 -32.28
CA PHE A 232 -18.77 -30.62 -32.61
C PHE A 232 -18.64 -31.67 -33.69
N THR A 233 -17.82 -31.39 -34.71
CA THR A 233 -17.60 -32.33 -35.80
C THR A 233 -16.11 -32.40 -36.15
N SER A 234 -15.63 -33.58 -36.48
CA SER A 234 -14.22 -33.79 -36.84
C SER A 234 -14.05 -34.85 -37.92
N LYS A 235 -13.01 -34.69 -38.73
CA LYS A 235 -12.57 -35.73 -39.64
C LYS A 235 -12.13 -36.92 -38.79
N LEU A 236 -12.23 -38.12 -39.37
CA LEU A 236 -11.70 -39.34 -38.78
C LEU A 236 -10.36 -39.68 -39.43
N VAL A 237 -9.56 -40.48 -38.72
CA VAL A 237 -8.24 -40.90 -39.20
C VAL A 237 -8.37 -42.19 -39.98
N ASP A 238 -7.74 -42.21 -41.15
CA ASP A 238 -7.67 -43.41 -42.01
C ASP A 238 -6.57 -44.29 -41.51
N GLY A 239 -6.83 -45.56 -41.22
CA GLY A 239 -5.75 -46.48 -40.79
C GLY A 239 -6.27 -47.74 -40.15
N ARG A 240 -5.40 -48.76 -40.12
CA ARG A 240 -5.69 -50.04 -39.48
C ARG A 240 -5.13 -50.00 -38.04
N PHE A 241 -6.00 -49.62 -37.08
CA PHE A 241 -5.64 -49.53 -35.67
C PHE A 241 -5.41 -50.96 -35.17
N PRO A 242 -4.36 -51.20 -34.36
CA PRO A 242 -4.05 -52.59 -33.95
C PRO A 242 -5.08 -53.20 -33.00
N ASP A 243 -5.19 -54.53 -32.99
CA ASP A 243 -6.18 -55.22 -32.17
C ASP A 243 -5.73 -55.21 -30.72
N TYR A 244 -6.53 -54.59 -29.86
CA TYR A 244 -6.22 -54.55 -28.43
C TYR A 244 -6.20 -55.95 -27.78
N ARG A 245 -7.08 -56.84 -28.21
CA ARG A 245 -7.13 -58.20 -27.65
C ARG A 245 -5.86 -59.04 -27.86
N ARG A 246 -5.06 -58.73 -28.88
CA ARG A 246 -3.75 -59.38 -29.11
C ARG A 246 -2.68 -58.96 -28.07
N VAL A 247 -2.78 -57.73 -27.58
CA VAL A 247 -1.79 -57.18 -26.65
C VAL A 247 -2.05 -57.61 -25.20
N LEU A 248 -3.32 -57.77 -24.81
CA LEU A 248 -3.66 -58.20 -23.42
C LEU A 248 -2.97 -59.53 -23.13
N PRO A 249 -2.45 -59.70 -21.90
CA PRO A 249 -1.81 -60.96 -21.49
C PRO A 249 -2.79 -62.11 -21.72
N LYS A 250 -2.30 -63.22 -22.29
CA LYS A 250 -3.20 -64.32 -22.65
C LYS A 250 -3.79 -65.03 -21.42
N ASN A 251 -2.92 -65.66 -20.63
CA ASN A 251 -3.32 -66.32 -19.39
C ASN A 251 -2.33 -65.99 -18.28
N PRO A 252 -2.65 -64.99 -17.46
CA PRO A 252 -1.80 -64.54 -16.35
C PRO A 252 -2.05 -65.30 -15.06
N ASP A 253 -1.15 -66.23 -14.73
CA ASP A 253 -1.27 -67.02 -13.51
C ASP A 253 -1.14 -66.23 -12.20
N LYS A 254 -0.22 -65.29 -12.15
CA LYS A 254 0.01 -64.52 -10.93
C LYS A 254 -0.77 -63.21 -10.84
N THR A 255 -1.44 -63.02 -9.72
CA THR A 255 -2.22 -61.81 -9.48
C THR A 255 -1.77 -61.16 -8.16
N LEU A 256 -1.38 -59.89 -8.27
CA LEU A 256 -0.90 -59.07 -7.16
C LEU A 256 -1.91 -57.98 -6.87
N GLU A 257 -2.24 -57.75 -5.60
CA GLU A 257 -3.11 -56.62 -5.24
C GLU A 257 -2.46 -55.69 -4.23
N ALA A 258 -2.62 -54.39 -4.45
CA ALA A 258 -2.02 -53.33 -3.62
C ALA A 258 -2.91 -52.11 -3.58
N GLY A 259 -2.67 -51.25 -2.58
CA GLY A 259 -3.33 -49.96 -2.51
C GLY A 259 -2.74 -49.06 -3.56
N CYS A 260 -3.60 -48.49 -4.43
CA CYS A 260 -3.16 -47.64 -5.55
C CYS A 260 -2.27 -46.49 -5.09
N ASP A 261 -2.70 -45.75 -4.07
CA ASP A 261 -1.95 -44.57 -3.64
C ASP A 261 -0.57 -44.90 -3.08
N SER A 262 -0.50 -45.89 -2.20
CA SER A 262 0.78 -46.34 -1.64
C SER A 262 1.75 -46.86 -2.71
N LEU A 263 1.23 -47.58 -3.68
CA LEU A 263 2.04 -48.10 -4.78
C LEU A 263 2.57 -46.99 -5.66
N LYS A 264 1.71 -46.00 -5.89
CA LYS A 264 2.02 -44.83 -6.69
C LYS A 264 3.14 -44.05 -6.02
N GLN A 265 2.96 -43.67 -4.77
CA GLN A 265 3.96 -42.86 -4.04
C GLN A 265 5.32 -43.58 -4.00
N ALA A 266 5.30 -44.90 -3.88
CA ALA A 266 6.51 -45.68 -3.83
C ALA A 266 7.23 -45.71 -5.19
N PHE A 267 6.46 -45.89 -6.26
CA PHE A 267 7.02 -45.87 -7.61
C PHE A 267 7.55 -44.48 -7.94
N ALA A 268 6.83 -43.45 -7.51
CA ALA A 268 7.25 -42.07 -7.74
C ALA A 268 8.58 -41.77 -7.03
N ARG A 269 8.74 -42.26 -5.82
CA ARG A 269 9.96 -41.98 -5.06
C ARG A 269 11.16 -42.68 -5.70
N ALA A 270 10.98 -43.94 -6.08
CA ALA A 270 12.03 -44.66 -6.78
C ALA A 270 12.40 -44.01 -8.10
N ALA A 271 11.38 -43.51 -8.82
CA ALA A 271 11.57 -42.97 -10.16
C ALA A 271 12.56 -41.83 -10.20
N ILE A 272 12.73 -41.15 -9.08
CA ILE A 272 13.67 -40.01 -8.93
C ILE A 272 15.11 -40.42 -9.26
N LEU A 273 15.47 -41.66 -8.91
CA LEU A 273 16.83 -42.18 -9.10
C LEU A 273 16.88 -43.22 -10.22
N SER A 274 15.85 -43.24 -11.08
CA SER A 274 15.86 -44.00 -12.30
C SER A 274 16.62 -43.25 -13.38
N ASN A 275 17.13 -44.00 -14.35
CA ASN A 275 17.80 -43.47 -15.55
C ASN A 275 16.84 -42.50 -16.19
N GLU A 276 17.27 -41.27 -16.39
CA GLU A 276 16.38 -40.17 -16.88
C GLU A 276 15.86 -40.37 -18.29
N LYS A 277 16.57 -41.16 -19.08
CA LYS A 277 16.22 -41.46 -20.47
C LYS A 277 15.28 -42.68 -20.57
N PHE A 278 15.66 -43.79 -19.95
CA PHE A 278 14.94 -45.08 -20.06
C PHE A 278 14.01 -45.43 -18.90
N ARG A 279 14.14 -44.70 -17.79
CA ARG A 279 13.26 -44.90 -16.63
C ARG A 279 13.11 -46.34 -16.15
N GLY A 280 14.22 -47.07 -16.12
CA GLY A 280 14.18 -48.44 -15.68
C GLY A 280 13.90 -48.57 -14.20
N VAL A 281 13.04 -49.51 -13.84
CA VAL A 281 12.68 -49.77 -12.46
C VAL A 281 12.41 -51.25 -12.30
N ARG A 282 12.99 -51.87 -11.28
CA ARG A 282 12.82 -53.31 -11.04
C ARG A 282 11.82 -53.55 -9.92
N LEU A 283 11.02 -54.59 -10.08
CA LEU A 283 10.03 -54.96 -9.08
C LEU A 283 10.20 -56.41 -8.63
N TYR A 284 10.67 -56.59 -7.41
CA TYR A 284 10.81 -57.93 -6.81
C TYR A 284 9.55 -58.26 -6.07
N VAL A 285 8.89 -59.34 -6.46
CA VAL A 285 7.58 -59.69 -5.91
C VAL A 285 7.75 -61.00 -5.17
N SER A 286 7.25 -61.02 -3.94
CA SER A 286 7.44 -62.16 -3.03
C SER A 286 6.23 -62.22 -2.14
N GLU A 287 6.23 -63.15 -1.18
CA GLU A 287 5.06 -63.37 -0.34
C GLU A 287 4.63 -62.09 0.39
N ASN A 288 3.45 -61.62 0.05
CA ASN A 288 2.85 -60.40 0.63
C ASN A 288 3.82 -59.20 0.73
N GLN A 289 4.61 -59.02 -0.32
CA GLN A 289 5.59 -57.94 -0.35
C GLN A 289 6.07 -57.66 -1.77
N ILE A 290 6.22 -56.36 -2.06
CA ILE A 290 6.98 -55.96 -3.21
C ILE A 290 8.15 -55.12 -2.76
N LYS A 291 9.28 -55.35 -3.44
CA LYS A 291 10.45 -54.54 -3.33
C LYS A 291 10.65 -53.83 -4.65
N ILE A 292 10.72 -52.49 -4.61
CA ILE A 292 10.97 -51.68 -5.81
C ILE A 292 12.35 -51.09 -5.71
N THR A 293 13.08 -51.17 -6.82
CA THR A 293 14.47 -50.78 -6.94
C THR A 293 14.69 -49.85 -8.13
N ALA A 294 15.60 -48.90 -7.99
CA ALA A 294 16.01 -48.04 -9.10
C ALA A 294 17.47 -47.60 -8.95
N ASN A 295 18.22 -47.56 -10.06
CA ASN A 295 19.51 -46.86 -10.10
C ASN A 295 19.73 -46.14 -11.42
N ASN A 296 20.71 -45.23 -11.44
CA ASN A 296 21.00 -44.38 -12.64
C ASN A 296 22.49 -44.57 -13.00
N PRO A 297 22.97 -43.96 -14.10
CA PRO A 297 24.41 -44.09 -14.46
C PRO A 297 25.42 -43.61 -13.42
N GLU A 298 25.02 -42.70 -12.54
CA GLU A 298 25.86 -42.20 -11.43
C GLU A 298 25.87 -43.16 -10.21
N GLN A 299 25.14 -44.28 -10.31
CA GLN A 299 25.03 -45.29 -9.27
C GLN A 299 24.38 -44.77 -7.98
N GLU A 300 23.43 -43.85 -8.15
CA GLU A 300 22.53 -43.48 -7.06
C GLU A 300 21.50 -44.59 -7.01
N GLU A 301 21.03 -44.94 -5.82
CA GLU A 301 20.08 -46.03 -5.69
C GLU A 301 18.87 -45.70 -4.81
N ALA A 302 17.72 -46.22 -5.21
CA ALA A 302 16.48 -46.04 -4.49
C ALA A 302 15.91 -47.40 -4.18
N GLU A 303 15.24 -47.53 -3.05
CA GLU A 303 14.68 -48.80 -2.66
C GLU A 303 13.43 -48.65 -1.79
N GLU A 304 12.31 -49.18 -2.28
CA GLU A 304 11.05 -49.12 -1.54
C GLU A 304 10.53 -50.54 -1.29
N ILE A 305 9.92 -50.77 -0.12
CA ILE A 305 9.25 -52.03 0.20
C ILE A 305 7.82 -51.75 0.68
N LEU A 306 6.86 -52.52 0.17
CA LEU A 306 5.46 -52.40 0.59
C LEU A 306 4.85 -53.73 0.98
N ASP A 307 3.97 -53.70 1.99
CA ASP A 307 3.04 -54.78 2.24
C ASP A 307 1.97 -54.78 1.15
N VAL A 308 1.94 -55.86 0.39
CA VAL A 308 0.88 -56.11 -0.59
C VAL A 308 0.25 -57.46 -0.26
N THR A 309 -0.68 -57.90 -1.10
CA THR A 309 -1.14 -59.31 -1.10
C THR A 309 -0.77 -59.98 -2.41
N TYR A 310 0.01 -61.06 -2.30
CA TYR A 310 0.53 -61.82 -3.42
C TYR A 310 0.89 -63.19 -2.92
N ALA A 311 0.30 -64.22 -3.54
CA ALA A 311 0.52 -65.60 -3.11
C ALA A 311 1.36 -66.44 -4.07
N GLY A 312 1.64 -65.94 -5.29
CA GLY A 312 2.26 -66.71 -6.33
C GLY A 312 3.75 -66.92 -6.18
N THR A 313 4.35 -67.47 -7.23
CA THR A 313 5.78 -67.73 -7.29
C THR A 313 6.51 -66.41 -7.37
N GLU A 314 7.77 -66.41 -6.92
CA GLU A 314 8.51 -65.16 -6.77
C GLU A 314 9.27 -64.87 -8.06
N MET A 315 9.34 -63.57 -8.39
CA MET A 315 9.90 -63.13 -9.65
C MET A 315 10.37 -61.67 -9.61
N GLU A 316 11.29 -61.36 -10.51
CA GLU A 316 11.77 -60.02 -10.76
C GLU A 316 11.17 -59.61 -12.11
N ILE A 317 10.72 -58.36 -12.21
CA ILE A 317 10.20 -57.85 -13.47
C ILE A 317 10.55 -56.36 -13.53
N GLY A 318 10.84 -55.86 -14.74
CA GLY A 318 11.19 -54.47 -14.89
C GLY A 318 10.35 -53.72 -15.89
N PHE A 319 9.99 -52.48 -15.58
CA PHE A 319 9.21 -51.66 -16.50
C PHE A 319 9.66 -50.21 -16.47
N ASN A 320 9.28 -49.46 -17.49
CA ASN A 320 9.54 -48.04 -17.50
C ASN A 320 8.60 -47.56 -16.41
N VAL A 321 9.10 -46.73 -15.49
CA VAL A 321 8.27 -46.27 -14.38
C VAL A 321 7.20 -45.25 -14.76
N SER A 322 7.52 -44.41 -15.73
CA SER A 322 6.57 -43.40 -16.23
C SER A 322 5.25 -44.06 -16.64
N TYR A 323 5.38 -45.17 -17.38
CA TYR A 323 4.21 -45.88 -17.90
C TYR A 323 3.34 -46.41 -16.79
N VAL A 324 3.97 -46.92 -15.73
CA VAL A 324 3.25 -47.46 -14.59
C VAL A 324 2.60 -46.33 -13.81
N LEU A 325 3.35 -45.27 -13.56
CA LEU A 325 2.85 -44.09 -12.86
C LEU A 325 1.68 -43.51 -13.62
N ASP A 326 1.81 -43.33 -14.92
CA ASP A 326 0.72 -42.80 -15.75
C ASP A 326 -0.55 -43.63 -15.57
N VAL A 327 -0.40 -44.95 -15.55
CA VAL A 327 -1.51 -45.85 -15.30
C VAL A 327 -2.08 -45.69 -13.90
N LEU A 328 -1.22 -45.68 -12.88
CA LEU A 328 -1.71 -45.54 -11.50
C LEU A 328 -2.42 -44.20 -11.30
N ASN A 329 -1.85 -43.12 -11.85
CA ASN A 329 -2.48 -41.79 -11.85
C ASN A 329 -3.82 -41.77 -12.59
N ALA A 330 -3.95 -42.53 -13.66
CA ALA A 330 -5.23 -42.66 -14.36
C ALA A 330 -6.30 -43.42 -13.54
N LEU A 331 -5.89 -44.43 -12.76
CA LEU A 331 -6.86 -45.25 -12.00
C LEU A 331 -7.59 -44.53 -10.86
N LYS A 332 -6.89 -43.69 -10.10
CA LYS A 332 -7.52 -42.84 -9.06
C LYS A 332 -8.50 -43.63 -8.18
N CYS A 333 -8.08 -44.80 -7.70
CA CYS A 333 -8.96 -45.71 -6.98
C CYS A 333 -8.31 -46.25 -5.69
N GLU A 334 -9.04 -47.09 -4.94
CA GLU A 334 -8.53 -47.61 -3.65
C GLU A 334 -7.44 -48.65 -3.84
N ASN A 335 -7.71 -49.69 -4.62
CA ASN A 335 -6.80 -50.84 -4.78
C ASN A 335 -6.55 -51.17 -6.26
N VAL A 336 -5.35 -51.67 -6.57
CA VAL A 336 -4.99 -52.04 -7.93
C VAL A 336 -4.75 -53.54 -7.97
N ARG A 337 -5.12 -54.16 -9.08
CA ARG A 337 -4.74 -55.53 -9.36
C ARG A 337 -3.77 -55.50 -10.51
N ILE A 338 -2.62 -56.13 -10.31
CA ILE A 338 -1.65 -56.32 -11.37
C ILE A 338 -1.63 -57.83 -11.70
N LEU A 339 -1.73 -58.15 -12.99
CA LEU A 339 -1.72 -59.52 -13.45
C LEU A 339 -0.39 -59.84 -14.12
N LEU A 340 0.42 -60.66 -13.47
CA LEU A 340 1.75 -61.01 -13.96
C LEU A 340 1.89 -62.45 -14.45
N THR A 341 2.59 -62.63 -15.56
CA THR A 341 2.83 -63.97 -16.08
C THR A 341 4.26 -64.46 -15.80
N ASP A 342 5.26 -63.64 -16.16
CA ASP A 342 6.68 -63.93 -15.96
C ASP A 342 7.55 -62.68 -16.18
N SER A 343 8.87 -62.86 -16.21
CA SER A 343 9.83 -61.75 -16.37
C SER A 343 9.94 -61.12 -17.77
N VAL A 344 9.65 -61.90 -18.81
CA VAL A 344 9.76 -61.46 -20.21
C VAL A 344 8.39 -61.16 -20.84
N SER A 345 7.32 -61.28 -20.06
CA SER A 345 5.97 -61.05 -20.53
C SER A 345 5.38 -59.74 -20.04
N SER A 346 4.38 -59.23 -20.76
CA SER A 346 3.71 -57.99 -20.39
C SER A 346 2.83 -58.16 -19.18
N VAL A 347 2.48 -57.06 -18.53
CA VAL A 347 1.64 -57.15 -17.34
C VAL A 347 0.43 -56.24 -17.39
N GLN A 348 -0.73 -56.81 -17.09
CA GLN A 348 -2.00 -56.09 -17.07
C GLN A 348 -2.14 -55.36 -15.75
N ILE A 349 -2.79 -54.21 -15.79
CA ILE A 349 -3.10 -53.42 -14.59
C ILE A 349 -4.55 -52.96 -14.67
N GLU A 350 -5.24 -53.02 -13.54
CA GLU A 350 -6.63 -52.64 -13.47
C GLU A 350 -7.02 -52.29 -12.05
N ASP A 351 -8.10 -51.52 -11.92
CA ASP A 351 -8.74 -51.30 -10.64
C ASP A 351 -9.23 -52.64 -10.14
N ALA A 352 -8.95 -52.95 -8.88
CA ALA A 352 -9.38 -54.22 -8.28
C ALA A 352 -10.90 -54.32 -8.17
N ALA A 353 -11.56 -53.16 -8.03
CA ALA A 353 -13.02 -53.05 -7.85
C ALA A 353 -13.88 -52.96 -9.13
N SER A 354 -13.27 -52.78 -10.31
CA SER A 354 -13.99 -52.66 -11.59
C SER A 354 -13.19 -53.23 -12.76
N GLN A 355 -13.82 -54.06 -13.59
CA GLN A 355 -13.16 -54.67 -14.74
C GLN A 355 -13.23 -53.81 -16.03
N SER A 356 -13.86 -52.64 -15.94
CA SER A 356 -14.18 -51.85 -17.12
C SER A 356 -12.98 -51.22 -17.84
N ALA A 357 -11.87 -51.04 -17.15
CA ALA A 357 -10.65 -50.44 -17.77
C ALA A 357 -9.43 -51.32 -17.50
N ALA A 358 -8.69 -51.61 -18.57
CA ALA A 358 -7.49 -52.41 -18.50
C ALA A 358 -6.32 -51.69 -19.13
N TYR A 359 -5.14 -51.94 -18.57
CA TYR A 359 -3.92 -51.29 -18.96
C TYR A 359 -2.82 -52.31 -19.10
N VAL A 360 -2.09 -52.26 -20.23
CA VAL A 360 -1.07 -53.22 -20.50
C VAL A 360 0.23 -52.47 -20.63
N VAL A 361 1.26 -52.96 -19.95
CA VAL A 361 2.57 -52.38 -20.00
C VAL A 361 3.59 -53.50 -20.22
N MET A 362 4.57 -53.26 -21.08
CA MET A 362 5.57 -54.26 -21.41
C MET A 362 6.72 -54.30 -20.42
N PRO A 363 7.53 -55.38 -20.47
CA PRO A 363 8.68 -55.51 -19.56
C PRO A 363 10.00 -54.89 -20.06
N MET A 364 10.98 -54.85 -19.17
CA MET A 364 12.31 -54.32 -19.45
C MET A 364 13.41 -55.21 -18.88
N ARG A 365 14.38 -55.57 -19.71
CA ARG A 365 15.57 -56.35 -19.25
C ARG A 365 16.60 -55.32 -18.79
N LEU A 366 16.69 -55.10 -17.48
CA LEU A 366 17.73 -54.23 -16.91
C LEU A 366 18.94 -55.09 -16.51
N MET B 1 28.69 -36.79 9.17
CA MET B 1 27.39 -36.08 9.25
C MET B 1 26.20 -37.04 9.35
N LYS B 2 25.40 -36.85 10.39
CA LYS B 2 24.22 -37.66 10.66
C LYS B 2 23.20 -36.77 11.33
N PHE B 3 21.98 -36.72 10.78
CA PHE B 3 20.86 -36.07 11.44
C PHE B 3 19.55 -36.80 11.13
N THR B 4 18.60 -36.59 12.02
CA THR B 4 17.24 -37.10 11.87
C THR B 4 16.33 -35.94 12.22
N VAL B 5 15.46 -35.61 11.29
CA VAL B 5 14.64 -34.41 11.34
C VAL B 5 13.27 -34.72 10.69
N GLU B 6 12.21 -34.18 11.28
CA GLU B 6 10.84 -34.40 10.84
C GLU B 6 10.62 -33.75 9.46
N ARG B 7 9.86 -34.41 8.59
CA ARG B 7 9.74 -34.00 7.18
C ARG B 7 9.26 -32.57 6.97
N GLU B 8 8.21 -32.14 7.67
CA GLU B 8 7.63 -30.78 7.44
C GLU B 8 8.52 -29.66 7.96
N HIS B 9 9.39 -29.98 8.91
CA HIS B 9 10.38 -29.03 9.40
C HIS B 9 11.56 -28.85 8.45
N LEU B 10 11.90 -29.89 7.69
CA LEU B 10 12.95 -29.86 6.67
C LEU B 10 12.45 -29.33 5.33
N LEU B 11 11.15 -29.47 5.07
CA LEU B 11 10.56 -29.12 3.77
CA LEU B 11 10.57 -29.12 3.76
C LEU B 11 10.51 -27.61 3.50
N LYS B 12 10.18 -26.82 4.52
CA LYS B 12 10.11 -25.36 4.35
C LYS B 12 11.48 -24.79 4.00
N PRO B 13 12.54 -25.04 4.82
CA PRO B 13 13.89 -24.57 4.48
C PRO B 13 14.38 -24.93 3.09
N LEU B 14 14.22 -26.20 2.72
CA LEU B 14 14.60 -26.68 1.39
C LEU B 14 13.92 -25.87 0.30
N GLN B 15 12.66 -25.51 0.51
CA GLN B 15 11.93 -24.67 -0.42
C GLN B 15 12.63 -23.32 -0.54
N GLN B 16 12.94 -22.73 0.61
CA GLN B 16 13.54 -21.40 0.70
C GLN B 16 14.90 -21.30 -0.01
N VAL B 17 15.69 -22.36 0.02
CA VAL B 17 17.00 -22.33 -0.61
C VAL B 17 16.98 -22.91 -2.03
N SER B 18 15.81 -23.32 -2.47
CA SER B 18 15.68 -23.91 -3.80
C SER B 18 16.03 -22.89 -4.87
N GLY B 19 16.73 -23.36 -5.89
CA GLY B 19 17.14 -22.52 -7.00
C GLY B 19 15.95 -22.16 -7.85
N PRO B 20 16.02 -21.02 -8.54
CA PRO B 20 14.87 -20.64 -9.38
C PRO B 20 14.66 -21.69 -10.45
N LEU B 21 15.75 -22.12 -11.09
CA LEU B 21 15.66 -23.18 -12.08
C LEU B 21 16.74 -24.22 -11.79
N GLY B 22 16.33 -25.46 -11.54
CA GLY B 22 17.26 -26.53 -11.30
C GLY B 22 18.07 -26.83 -12.54
N GLY B 23 17.38 -26.78 -13.68
CA GLY B 23 17.95 -27.04 -14.98
C GLY B 23 18.88 -26.01 -15.59
N ARG B 24 19.71 -26.48 -16.52
CA ARG B 24 20.68 -25.68 -17.27
C ARG B 24 21.79 -24.92 -16.54
N PRO B 25 22.39 -25.53 -15.51
CA PRO B 25 23.50 -24.85 -14.84
C PRO B 25 24.76 -25.55 -15.28
N THR B 26 25.69 -24.83 -15.91
CA THR B 26 26.91 -25.47 -16.39
C THR B 26 27.79 -26.05 -15.30
N LEU B 27 27.95 -25.34 -14.18
CA LEU B 27 28.77 -25.85 -13.10
C LEU B 27 27.97 -26.88 -12.33
N PRO B 28 28.57 -28.05 -12.11
CA PRO B 28 27.92 -29.18 -11.43
C PRO B 28 27.54 -28.94 -9.98
N ILE B 29 28.43 -28.33 -9.20
CA ILE B 29 28.15 -28.10 -7.79
C ILE B 29 26.98 -27.14 -7.60
N LEU B 30 26.92 -26.10 -8.43
CA LEU B 30 25.81 -25.14 -8.33
C LEU B 30 24.44 -25.79 -8.29
N GLY B 31 24.31 -26.96 -8.91
CA GLY B 31 23.10 -27.78 -8.80
C GLY B 31 22.94 -28.51 -7.46
N ASN B 32 23.98 -28.48 -6.63
CA ASN B 32 23.96 -29.17 -5.34
C ASN B 32 23.58 -28.22 -4.21
N LEU B 33 23.18 -28.84 -3.11
CA LEU B 33 22.77 -28.16 -1.89
C LEU B 33 23.84 -28.49 -0.85
N LEU B 34 24.34 -27.50 -0.12
CA LEU B 34 25.31 -27.73 0.99
C LEU B 34 24.56 -27.96 2.31
N LEU B 35 24.73 -29.15 2.88
CA LEU B 35 24.20 -29.47 4.21
C LEU B 35 25.35 -29.41 5.20
N GLN B 36 25.13 -28.75 6.34
CA GLN B 36 26.17 -28.61 7.37
C GLN B 36 25.57 -28.78 8.78
N VAL B 37 26.19 -29.62 9.60
CA VAL B 37 25.77 -29.81 11.00
C VAL B 37 26.79 -29.18 11.96
N ALA B 38 26.29 -28.34 12.86
CA ALA B 38 27.05 -27.73 13.95
C ALA B 38 26.29 -28.05 15.23
N ASP B 39 26.63 -27.45 16.37
CA ASP B 39 25.97 -27.85 17.61
C ASP B 39 24.48 -27.48 17.64
N GLY B 40 23.65 -28.47 17.39
CA GLY B 40 22.21 -28.29 17.42
C GLY B 40 21.60 -27.70 16.16
N THR B 41 22.42 -27.39 15.13
CA THR B 41 21.92 -26.68 13.93
C THR B 41 22.26 -27.38 12.60
N LEU B 42 21.23 -27.50 11.77
CA LEU B 42 21.42 -27.89 10.38
C LEU B 42 21.25 -26.65 9.51
N SER B 43 22.22 -26.43 8.63
CA SER B 43 22.26 -25.31 7.71
C SER B 43 22.17 -25.88 6.31
N LEU B 44 21.19 -25.39 5.56
CA LEU B 44 20.99 -25.78 4.19
C LEU B 44 21.31 -24.55 3.36
N THR B 45 22.15 -24.71 2.34
CA THR B 45 22.59 -23.58 1.52
C THR B 45 22.45 -23.89 0.05
N GLY B 46 21.86 -22.96 -0.69
CA GLY B 46 21.74 -23.05 -2.15
C GLY B 46 22.38 -21.82 -2.76
N THR B 47 22.92 -21.97 -3.97
CA THR B 47 23.66 -20.91 -4.60
C THR B 47 23.88 -21.08 -6.10
N ASP B 48 23.82 -19.96 -6.82
CA ASP B 48 24.54 -19.76 -8.10
C ASP B 48 25.76 -18.87 -7.77
N LEU B 49 26.49 -18.44 -8.78
CA LEU B 49 27.65 -17.60 -8.51
C LEU B 49 27.23 -16.23 -7.98
N GLU B 50 26.19 -15.65 -8.58
CA GLU B 50 25.71 -14.34 -8.18
C GLU B 50 25.11 -14.21 -6.77
N MET B 51 24.32 -15.19 -6.34
CA MET B 51 23.65 -15.13 -5.03
C MET B 51 23.61 -16.44 -4.24
N GLU B 52 23.31 -16.32 -2.95
CA GLU B 52 23.27 -17.48 -2.07
C GLU B 52 22.26 -17.35 -0.93
N MET B 53 21.50 -18.42 -0.70
CA MET B 53 20.49 -18.44 0.34
C MET B 53 20.86 -19.49 1.36
N ILE B 54 20.73 -19.15 2.63
CA ILE B 54 21.07 -20.06 3.73
C ILE B 54 19.92 -20.16 4.73
N ALA B 55 19.53 -21.39 5.04
CA ALA B 55 18.45 -21.64 5.98
C ALA B 55 18.98 -22.49 7.11
N ARG B 56 18.55 -22.16 8.33
CA ARG B 56 19.02 -22.79 9.54
C ARG B 56 17.86 -23.46 10.27
N VAL B 57 18.07 -24.68 10.75
CA VAL B 57 17.02 -25.38 11.50
C VAL B 57 17.64 -26.05 12.71
N THR B 58 16.99 -25.90 13.87
CA THR B 58 17.46 -26.47 15.13
C THR B 58 17.08 -27.91 15.22
N LEU B 59 18.02 -28.76 15.63
CA LEU B 59 17.80 -30.21 15.73
C LEU B 59 17.42 -30.60 17.16
N SER B 60 16.21 -31.14 17.33
CA SER B 60 15.78 -31.72 18.63
C SER B 60 16.21 -33.18 18.83
N GLN B 61 16.79 -33.83 17.82
CA GLN B 61 17.10 -35.26 17.87
C GLN B 61 18.61 -35.47 17.83
N PRO B 62 19.08 -36.69 18.13
CA PRO B 62 20.51 -36.98 17.96
C PRO B 62 21.08 -36.60 16.58
N HIS B 63 22.32 -36.14 16.60
CA HIS B 63 23.01 -35.73 15.40
C HIS B 63 24.51 -35.89 15.58
N GLU B 64 25.22 -35.86 14.46
CA GLU B 64 26.68 -35.80 14.45
CA GLU B 64 26.69 -35.80 14.46
C GLU B 64 27.10 -34.79 13.39
N ALA B 65 28.16 -34.03 13.70
CA ALA B 65 28.63 -32.96 12.83
C ALA B 65 29.28 -33.47 11.54
N GLY B 66 29.32 -32.57 10.55
CA GLY B 66 29.90 -32.85 9.24
C GLY B 66 29.23 -32.00 8.17
N ALA B 67 29.78 -32.07 6.95
CA ALA B 67 29.18 -31.41 5.81
C ALA B 67 29.38 -32.18 4.52
N THR B 68 28.45 -31.96 3.59
CA THR B 68 28.52 -32.52 2.25
C THR B 68 27.57 -31.76 1.34
N THR B 69 27.69 -32.03 0.04
CA THR B 69 26.76 -31.48 -0.91
C THR B 69 26.10 -32.64 -1.65
N VAL B 70 24.81 -32.51 -1.95
CA VAL B 70 24.03 -33.50 -2.72
C VAL B 70 23.12 -32.73 -3.66
N PRO B 71 22.69 -33.36 -4.79
CA PRO B 71 21.80 -32.69 -5.73
C PRO B 71 20.52 -32.20 -5.07
N ALA B 72 20.28 -30.90 -5.19
CA ALA B 72 19.23 -30.21 -4.42
C ALA B 72 17.84 -30.67 -4.83
N ARG B 73 17.60 -30.74 -6.14
CA ARG B 73 16.27 -31.05 -6.65
C ARG B 73 15.85 -32.49 -6.30
N LYS B 74 16.77 -33.44 -6.47
CA LYS B 74 16.52 -34.83 -6.07
C LYS B 74 16.25 -34.95 -4.58
N PHE B 75 17.07 -34.28 -3.78
CA PHE B 75 16.94 -34.31 -2.34
C PHE B 75 15.61 -33.71 -1.91
N PHE B 76 15.18 -32.63 -2.58
CA PHE B 76 13.90 -31.99 -2.26
C PHE B 76 12.74 -32.93 -2.59
N ASP B 77 12.77 -33.47 -3.81
CA ASP B 77 11.70 -34.38 -4.27
C ASP B 77 11.55 -35.64 -3.42
N ILE B 78 12.67 -36.18 -2.94
CA ILE B 78 12.62 -37.34 -2.08
C ILE B 78 11.93 -37.01 -0.75
N CYS B 79 12.22 -35.84 -0.18
CA CYS B 79 11.58 -35.44 1.08
C CYS B 79 10.11 -35.13 0.85
N ARG B 80 9.80 -34.45 -0.25
CA ARG B 80 8.42 -34.10 -0.56
C ARG B 80 7.62 -35.36 -0.78
N GLY B 81 8.19 -36.26 -1.58
CA GLY B 81 7.58 -37.55 -1.89
C GLY B 81 7.32 -38.47 -0.73
N LEU B 82 8.04 -38.30 0.37
CA LEU B 82 7.78 -39.06 1.60
C LEU B 82 6.47 -38.62 2.26
N PRO B 83 5.80 -39.55 2.98
CA PRO B 83 4.47 -39.26 3.54
C PRO B 83 4.48 -38.18 4.60
N GLU B 84 3.36 -37.48 4.72
CA GLU B 84 3.09 -36.56 5.84
C GLU B 84 3.44 -37.25 7.18
N GLY B 85 4.21 -36.56 8.01
CA GLY B 85 4.59 -37.01 9.36
C GLY B 85 5.94 -37.71 9.49
N ALA B 86 6.60 -38.00 8.37
CA ALA B 86 7.78 -38.84 8.35
C ALA B 86 9.02 -38.26 9.02
N GLU B 87 9.85 -39.15 9.55
CA GLU B 87 11.16 -38.85 10.10
C GLU B 87 12.19 -39.19 9.04
N ILE B 88 13.03 -38.23 8.67
CA ILE B 88 14.01 -38.44 7.65
C ILE B 88 15.39 -38.57 8.29
N ALA B 89 15.98 -39.76 8.17
CA ALA B 89 17.30 -40.06 8.71
C ALA B 89 18.37 -39.92 7.63
N VAL B 90 19.16 -38.85 7.70
CA VAL B 90 20.24 -38.61 6.75
C VAL B 90 21.55 -39.02 7.39
N GLN B 91 22.45 -39.56 6.57
CA GLN B 91 23.76 -40.02 7.02
C GLN B 91 24.75 -40.00 5.87
N LEU B 92 25.94 -39.48 6.12
CA LEU B 92 27.02 -39.48 5.11
C LEU B 92 27.76 -40.82 5.18
N GLU B 93 27.96 -41.47 4.03
CA GLU B 93 28.72 -42.72 3.92
C GLU B 93 29.72 -42.63 2.76
N GLY B 94 30.91 -42.10 3.03
CA GLY B 94 31.96 -41.98 2.01
C GLY B 94 31.52 -41.14 0.83
N ASP B 95 31.60 -41.72 -0.37
CA ASP B 95 31.09 -41.13 -1.62
C ASP B 95 29.61 -40.68 -1.56
N ARG B 96 28.79 -41.33 -0.73
CA ARG B 96 27.35 -41.19 -0.80
C ARG B 96 26.72 -40.57 0.43
N MET B 97 25.55 -39.96 0.23
CA MET B 97 24.67 -39.61 1.32
C MET B 97 23.46 -40.56 1.30
N LEU B 98 23.06 -41.03 2.47
CA LEU B 98 21.94 -41.92 2.59
C LEU B 98 20.75 -41.27 3.27
N VAL B 99 19.58 -41.45 2.67
CA VAL B 99 18.35 -40.91 3.23
C VAL B 99 17.47 -42.10 3.52
N ARG B 100 16.99 -42.19 4.75
CA ARG B 100 16.16 -43.31 5.15
C ARG B 100 14.92 -42.86 5.90
N SER B 101 13.78 -43.41 5.52
CA SER B 101 12.52 -43.12 6.19
C SER B 101 11.54 -44.22 5.85
N GLY B 102 10.78 -44.66 6.85
CA GLY B 102 9.89 -45.80 6.72
C GLY B 102 10.66 -46.97 6.11
N ARG B 103 10.14 -47.52 5.03
CA ARG B 103 10.81 -48.60 4.35
C ARG B 103 11.36 -48.09 3.02
N SER B 104 11.83 -46.85 3.02
CA SER B 104 12.39 -46.23 1.83
C SER B 104 13.85 -45.89 2.03
N ARG B 105 14.70 -46.32 1.10
CA ARG B 105 16.12 -46.07 1.18
C ARG B 105 16.65 -45.36 -0.06
N PHE B 106 17.44 -44.31 0.15
CA PHE B 106 18.00 -43.53 -0.94
C PHE B 106 19.50 -43.33 -0.81
N SER B 107 20.21 -43.40 -1.92
CA SER B 107 21.64 -43.21 -1.94
C SER B 107 21.95 -42.15 -2.98
N LEU B 108 22.46 -41.00 -2.55
CA LEU B 108 22.74 -39.89 -3.47
C LEU B 108 24.23 -39.69 -3.71
N SER B 109 24.58 -39.15 -4.88
CA SER B 109 25.96 -38.71 -5.17
C SER B 109 26.28 -37.47 -4.33
N THR B 110 27.57 -37.27 -4.10
CA THR B 110 28.03 -36.06 -3.42
C THR B 110 29.14 -35.39 -4.21
N LEU B 111 29.30 -34.11 -3.91
CA LEU B 111 30.51 -33.38 -4.21
C LEU B 111 30.99 -32.80 -2.88
N PRO B 112 32.31 -32.66 -2.69
CA PRO B 112 32.78 -32.31 -1.34
C PRO B 112 32.43 -30.87 -0.95
N ALA B 113 32.12 -30.67 0.34
CA ALA B 113 31.67 -29.37 0.87
C ALA B 113 32.64 -28.24 0.54
N ALA B 114 33.94 -28.51 0.65
CA ALA B 114 34.99 -27.51 0.39
C ALA B 114 35.15 -27.02 -1.08
N ASP B 115 34.44 -27.62 -2.04
CA ASP B 115 34.34 -27.05 -3.40
C ASP B 115 33.10 -26.15 -3.58
N PHE B 116 32.27 -26.05 -2.53
CA PHE B 116 31.03 -25.27 -2.58
C PHE B 116 31.38 -23.80 -2.40
N PRO B 117 31.01 -22.94 -3.35
CA PRO B 117 31.36 -21.53 -3.22
C PRO B 117 30.73 -20.83 -2.01
N ASN B 118 31.46 -19.85 -1.48
CA ASN B 118 31.03 -19.06 -0.35
C ASN B 118 30.91 -17.63 -0.82
N LEU B 119 29.69 -17.19 -1.06
CA LEU B 119 29.41 -15.85 -1.55
C LEU B 119 29.04 -14.91 -0.41
N ASP B 120 29.23 -15.38 0.81
CA ASP B 120 28.88 -14.61 1.97
C ASP B 120 30.11 -14.53 2.88
N ASP B 121 31.13 -13.86 2.39
CA ASP B 121 32.37 -13.66 3.13
C ASP B 121 32.82 -12.22 2.95
N TRP B 122 32.07 -11.28 3.49
CA TRP B 122 32.42 -9.87 3.33
C TRP B 122 32.04 -9.04 4.54
N GLN B 123 32.44 -7.78 4.53
CA GLN B 123 32.16 -6.90 5.64
C GLN B 123 31.11 -5.85 5.28
N SER B 124 30.06 -5.80 6.09
CA SER B 124 28.98 -4.84 5.89
C SER B 124 29.47 -3.46 6.28
N GLU B 125 28.93 -2.44 5.64
CA GLU B 125 29.30 -1.06 5.92
C GLU B 125 28.12 -0.31 6.50
N VAL B 126 26.94 -0.64 6.00
CA VAL B 126 25.69 0.01 6.40
C VAL B 126 24.67 -1.06 6.77
N GLU B 127 23.97 -0.86 7.88
CA GLU B 127 22.93 -1.75 8.37
C GLU B 127 21.67 -0.98 8.70
N PHE B 128 20.54 -1.50 8.25
CA PHE B 128 19.25 -1.00 8.69
C PHE B 128 18.22 -2.12 8.72
N THR B 129 17.20 -1.87 9.54
CA THR B 129 16.14 -2.83 9.81
C THR B 129 14.79 -2.14 9.55
N LEU B 130 13.97 -2.77 8.72
CA LEU B 130 12.66 -2.19 8.31
C LEU B 130 11.60 -3.27 8.23
N PRO B 131 10.30 -2.85 8.18
CA PRO B 131 9.26 -3.86 8.00
C PRO B 131 9.29 -4.46 6.59
N GLN B 132 8.90 -5.73 6.51
CA GLN B 132 8.84 -6.46 5.23
C GLN B 132 7.91 -5.76 4.24
N ALA B 133 6.75 -5.31 4.75
CA ALA B 133 5.77 -4.54 3.98
C ALA B 133 6.43 -3.41 3.17
N THR B 134 7.31 -2.66 3.80
CA THR B 134 7.95 -1.52 3.15
C THR B 134 8.91 -1.95 2.05
N MET B 135 9.77 -2.93 2.31
CA MET B 135 10.63 -3.46 1.23
C MET B 135 9.80 -4.03 0.07
N LYS B 136 8.70 -4.69 0.41
CA LYS B 136 7.78 -5.25 -0.59
C LYS B 136 7.10 -4.15 -1.43
N ARG B 137 6.74 -3.07 -0.75
CA ARG B 137 6.14 -1.92 -1.39
C ARG B 137 7.12 -1.34 -2.39
N LEU B 138 8.37 -1.15 -1.96
CA LEU B 138 9.42 -0.59 -2.82
C LEU B 138 9.75 -1.43 -4.04
N ILE B 139 9.87 -2.74 -3.85
CA ILE B 139 10.21 -3.62 -4.96
C ILE B 139 9.04 -3.71 -5.97
N GLU B 140 7.84 -4.01 -5.49
CA GLU B 140 6.66 -4.08 -6.38
C GLU B 140 6.38 -2.80 -7.15
N ALA B 141 6.56 -1.66 -6.48
CA ALA B 141 6.37 -0.35 -7.14
C ALA B 141 7.24 -0.14 -8.37
N THR B 142 8.45 -0.71 -8.43
CA THR B 142 9.36 -0.46 -9.57
C THR B 142 9.79 -1.64 -10.42
N GLN B 143 9.69 -2.86 -9.90
N GLN B 143 9.69 -2.86 -9.90
CA GLN B 143 10.31 -4.04 -10.53
CA GLN B 143 10.31 -4.04 -10.53
C GLN B 143 10.04 -4.18 -12.04
C GLN B 143 10.04 -4.18 -12.04
N PHE B 144 8.81 -3.90 -12.47
CA PHE B 144 8.42 -4.02 -13.90
C PHE B 144 9.24 -3.13 -14.88
N SER B 145 9.77 -2.01 -14.38
CA SER B 145 10.56 -1.10 -15.21
C SER B 145 12.04 -1.50 -15.38
N MET B 146 12.45 -2.61 -14.77
CA MET B 146 13.80 -3.12 -14.96
C MET B 146 13.98 -3.57 -16.39
N ALA B 147 15.14 -3.26 -16.97
CA ALA B 147 15.47 -3.74 -18.31
C ALA B 147 15.63 -5.25 -18.33
N HIS B 148 15.46 -5.85 -19.51
CA HIS B 148 15.65 -7.29 -19.72
C HIS B 148 16.69 -7.48 -20.83
N GLN B 149 17.83 -8.07 -20.47
CA GLN B 149 18.92 -8.37 -21.41
C GLN B 149 19.48 -7.13 -22.15
N ASP B 150 19.45 -5.97 -21.50
CA ASP B 150 19.99 -4.75 -22.08
C ASP B 150 21.53 -4.78 -22.05
N VAL B 151 22.16 -4.16 -23.06
CA VAL B 151 23.63 -4.07 -23.15
C VAL B 151 24.24 -3.20 -22.03
N ARG B 152 23.50 -2.17 -21.58
CA ARG B 152 23.88 -1.41 -20.38
C ARG B 152 23.50 -2.24 -19.16
N TYR B 153 24.28 -3.29 -18.92
CA TYR B 153 24.00 -4.25 -17.86
C TYR B 153 23.46 -3.74 -16.51
N TYR B 154 23.86 -2.54 -16.10
CA TYR B 154 23.37 -2.03 -14.82
C TYR B 154 21.86 -1.77 -14.81
N LEU B 155 21.30 -1.55 -16.00
CA LEU B 155 19.88 -1.31 -16.15
C LEU B 155 19.06 -2.56 -15.84
N ASN B 156 19.66 -3.73 -16.06
CA ASN B 156 18.97 -5.00 -15.78
C ASN B 156 18.71 -5.23 -14.29
N GLY B 157 19.29 -4.39 -13.43
CA GLY B 157 19.02 -4.41 -12.02
C GLY B 157 18.10 -3.30 -11.57
N MET B 158 18.04 -3.15 -10.27
CA MET B 158 17.28 -2.15 -9.57
C MET B 158 18.25 -1.42 -8.63
N LEU B 159 18.07 -0.10 -8.53
CA LEU B 159 18.89 0.76 -7.67
C LEU B 159 18.23 0.88 -6.30
N PHE B 160 18.98 0.59 -5.23
CA PHE B 160 18.56 0.87 -3.86
C PHE B 160 19.41 2.04 -3.39
N GLU B 161 18.76 3.18 -3.15
CA GLU B 161 19.43 4.42 -2.80
C GLU B 161 18.92 4.83 -1.43
N THR B 162 19.82 4.97 -0.46
CA THR B 162 19.47 5.55 0.84
C THR B 162 19.76 7.05 0.76
N GLU B 163 18.82 7.87 1.22
CA GLU B 163 19.02 9.31 1.25
C GLU B 163 18.36 9.89 2.51
N GLY B 164 19.16 9.99 3.58
CA GLY B 164 18.73 10.52 4.86
C GLY B 164 17.77 9.57 5.56
N GLU B 165 16.51 10.00 5.70
CA GLU B 165 15.46 9.20 6.33
C GLU B 165 14.78 8.22 5.35
N GLU B 166 15.03 8.37 4.03
CA GLU B 166 14.33 7.58 3.04
C GLU B 166 15.18 6.47 2.40
N LEU B 167 14.53 5.36 2.09
CA LEU B 167 15.07 4.37 1.18
C LEU B 167 14.30 4.52 -0.13
N ARG B 168 15.03 4.56 -1.24
CA ARG B 168 14.48 4.76 -2.56
C ARG B 168 14.87 3.61 -3.48
N THR B 169 13.92 3.15 -4.30
CA THR B 169 14.22 2.26 -5.41
C THR B 169 14.00 2.95 -6.73
N VAL B 170 14.83 2.60 -7.71
CA VAL B 170 14.71 3.12 -9.06
C VAL B 170 14.97 2.01 -10.04
N ALA B 171 14.11 1.89 -11.05
CA ALA B 171 14.24 0.93 -12.15
C ALA B 171 13.98 1.64 -13.45
N THR B 172 14.76 1.33 -14.49
CA THR B 172 14.58 1.98 -15.78
C THR B 172 15.22 1.18 -16.92
N ASP B 173 14.47 0.95 -17.99
CA ASP B 173 15.00 0.25 -19.15
C ASP B 173 15.53 1.21 -20.21
N GLY B 174 15.45 2.50 -19.89
CA GLY B 174 15.90 3.57 -20.77
C GLY B 174 14.79 4.17 -21.60
N HIS B 175 13.66 3.48 -21.69
CA HIS B 175 12.51 4.00 -22.43
C HIS B 175 11.44 4.46 -21.44
N ARG B 176 11.52 3.93 -20.23
CA ARG B 176 10.58 4.26 -19.18
C ARG B 176 11.33 4.24 -17.86
N LEU B 177 10.65 4.71 -16.82
CA LEU B 177 11.25 4.79 -15.50
C LEU B 177 10.22 4.67 -14.38
N ALA B 178 10.66 4.06 -13.29
CA ALA B 178 9.89 3.98 -12.07
C ALA B 178 10.78 4.40 -10.93
N VAL B 179 10.24 5.17 -10.00
CA VAL B 179 10.94 5.50 -8.78
C VAL B 179 9.96 5.45 -7.63
N CYS B 180 10.42 4.92 -6.50
CA CYS B 180 9.63 4.84 -5.27
C CYS B 180 10.50 5.12 -4.05
N SER B 181 9.96 5.89 -3.10
CA SER B 181 10.62 6.31 -1.86
C SER B 181 9.70 6.00 -0.68
N MET B 182 10.27 5.55 0.43
CA MET B 182 9.53 5.30 1.65
C MET B 182 10.43 5.69 2.83
N PRO B 183 9.87 6.38 3.84
CA PRO B 183 10.71 6.71 5.00
C PRO B 183 11.01 5.45 5.83
N ILE B 184 12.27 5.30 6.24
CA ILE B 184 12.71 4.15 7.05
C ILE B 184 13.05 4.48 8.51
N GLY B 185 13.08 5.77 8.87
CA GLY B 185 13.06 6.16 10.30
C GLY B 185 14.36 6.43 11.05
N ASP B 186 15.48 5.83 10.62
CA ASP B 186 16.79 6.17 11.18
C ASP B 186 17.65 6.71 10.05
N SER B 187 18.30 7.85 10.29
CA SER B 187 19.03 8.55 9.23
C SER B 187 20.29 7.78 8.84
N LEU B 188 20.46 7.55 7.54
CA LEU B 188 21.58 6.78 7.03
C LEU B 188 22.47 7.69 6.24
N PRO B 189 23.74 7.27 6.03
CA PRO B 189 24.59 8.02 5.10
C PRO B 189 24.10 7.80 3.69
N ASN B 190 24.31 8.78 2.82
CA ASN B 190 23.95 8.63 1.41
C ASN B 190 24.74 7.50 0.77
N HIS B 191 24.02 6.61 0.09
CA HIS B 191 24.60 5.40 -0.49
C HIS B 191 23.63 4.86 -1.55
N SER B 192 24.16 4.52 -2.73
CA SER B 192 23.37 3.85 -3.75
C SER B 192 24.11 2.64 -4.36
N VAL B 193 23.37 1.55 -4.53
CA VAL B 193 23.90 0.30 -5.07
C VAL B 193 22.90 -0.33 -6.02
N ILE B 194 23.38 -1.18 -6.92
CA ILE B 194 22.54 -1.85 -7.89
C ILE B 194 22.40 -3.34 -7.61
N VAL B 195 21.18 -3.78 -7.37
CA VAL B 195 20.92 -5.18 -7.07
C VAL B 195 20.51 -5.85 -8.37
N PRO B 196 21.08 -7.03 -8.66
CA PRO B 196 20.69 -7.64 -9.96
C PRO B 196 19.29 -8.29 -9.95
N ARG B 197 18.77 -8.51 -11.16
CA ARG B 197 17.45 -9.09 -11.39
C ARG B 197 17.12 -10.28 -10.46
N LYS B 198 17.92 -11.32 -10.52
CA LYS B 198 17.72 -12.51 -9.70
C LYS B 198 17.75 -12.23 -8.19
N GLY B 199 18.57 -11.27 -7.78
CA GLY B 199 18.58 -10.80 -6.40
C GLY B 199 17.25 -10.18 -5.97
N VAL B 200 16.71 -9.30 -6.82
CA VAL B 200 15.41 -8.68 -6.56
C VAL B 200 14.28 -9.74 -6.48
N ILE B 201 14.33 -10.72 -7.38
CA ILE B 201 13.34 -11.78 -7.39
C ILE B 201 13.42 -12.61 -6.11
N GLU B 202 14.64 -12.94 -5.68
CA GLU B 202 14.82 -13.71 -4.45
C GLU B 202 14.40 -12.88 -3.24
N LEU B 203 14.78 -11.60 -3.21
CA LEU B 203 14.41 -10.73 -2.09
C LEU B 203 12.88 -10.61 -1.90
N MET B 204 12.15 -10.64 -3.01
CA MET B 204 10.69 -10.66 -3.01
C MET B 204 10.12 -11.99 -2.50
N ARG B 205 10.77 -13.08 -2.86
CA ARG B 205 10.38 -14.45 -2.45
C ARG B 205 10.54 -14.68 -0.93
N MET B 206 11.49 -13.99 -0.31
CA MET B 206 11.65 -14.03 1.14
C MET B 206 10.46 -13.41 1.89
N LEU B 207 9.99 -12.29 1.38
CA LEU B 207 9.07 -11.45 2.14
C LEU B 207 7.68 -12.05 2.10
N ASP B 208 7.29 -12.66 3.21
CA ASP B 208 5.96 -13.26 3.41
C ASP B 208 4.91 -12.29 3.98
N GLY B 209 5.29 -11.02 4.17
CA GLY B 209 4.42 -10.05 4.83
C GLY B 209 4.20 -10.41 6.30
N GLY B 210 5.24 -10.94 6.92
CA GLY B 210 5.19 -11.31 8.32
C GLY B 210 5.46 -10.14 9.23
N ASP B 211 5.30 -10.39 10.53
CA ASP B 211 5.62 -9.44 11.59
C ASP B 211 7.13 -9.38 11.89
N THR B 212 7.88 -10.41 11.46
CA THR B 212 9.33 -10.47 11.66
C THR B 212 9.98 -9.31 10.89
N PRO B 213 10.75 -8.46 11.58
CA PRO B 213 11.46 -7.42 10.83
C PRO B 213 12.56 -7.99 9.90
N LEU B 214 12.89 -7.19 8.89
CA LEU B 214 13.91 -7.54 7.89
C LEU B 214 15.14 -6.74 8.22
N ARG B 215 16.27 -7.42 8.38
CA ARG B 215 17.53 -6.76 8.68
C ARG B 215 18.33 -6.73 7.38
N VAL B 216 18.74 -5.53 6.96
CA VAL B 216 19.48 -5.39 5.71
C VAL B 216 20.89 -4.87 5.92
N GLN B 217 21.86 -5.54 5.31
CA GLN B 217 23.26 -5.16 5.41
C GLN B 217 23.82 -4.91 4.02
N ILE B 218 24.52 -3.79 3.87
CA ILE B 218 25.10 -3.43 2.59
C ILE B 218 26.61 -3.27 2.66
N GLY B 219 27.30 -3.98 1.78
CA GLY B 219 28.75 -3.89 1.70
C GLY B 219 29.11 -3.12 0.45
N SER B 220 30.40 -3.05 0.15
CA SER B 220 30.84 -2.34 -1.03
C SER B 220 30.57 -3.09 -2.31
N ASN B 221 30.44 -4.40 -2.23
CA ASN B 221 30.16 -5.21 -3.41
C ASN B 221 29.07 -6.24 -3.19
N ASN B 222 28.59 -6.36 -1.95
CA ASN B 222 27.56 -7.34 -1.61
C ASN B 222 26.43 -6.78 -0.75
N ILE B 223 25.31 -7.49 -0.73
CA ILE B 223 24.16 -7.09 0.09
C ILE B 223 23.56 -8.33 0.74
N ARG B 224 23.22 -8.22 2.02
CA ARG B 224 22.64 -9.34 2.74
C ARG B 224 21.32 -8.96 3.41
N ALA B 225 20.38 -9.89 3.41
CA ALA B 225 19.09 -9.67 4.06
C ALA B 225 18.72 -10.80 5.03
N HIS B 226 18.33 -10.43 6.25
CA HIS B 226 17.92 -11.38 7.27
C HIS B 226 16.42 -11.32 7.44
N VAL B 227 15.77 -12.48 7.48
CA VAL B 227 14.42 -12.59 8.01
CA VAL B 227 14.42 -12.59 8.01
C VAL B 227 14.37 -13.86 8.85
N GLY B 228 14.15 -13.73 10.15
CA GLY B 228 14.08 -14.90 11.05
C GLY B 228 15.29 -15.82 10.89
N ASP B 229 15.03 -17.08 10.55
CA ASP B 229 16.10 -18.09 10.39
C ASP B 229 16.57 -18.25 8.91
N PHE B 230 16.47 -17.16 8.13
CA PHE B 230 16.80 -17.21 6.70
C PHE B 230 17.65 -16.03 6.31
N VAL B 231 18.75 -16.31 5.61
CA VAL B 231 19.67 -15.27 5.17
C VAL B 231 19.89 -15.31 3.68
N PHE B 232 19.73 -14.16 3.02
CA PHE B 232 19.93 -14.07 1.59
C PHE B 232 21.07 -13.12 1.31
N THR B 233 22.00 -13.54 0.45
CA THR B 233 23.14 -12.71 0.11
C THR B 233 23.29 -12.62 -1.39
N SER B 234 23.62 -11.45 -1.90
CA SER B 234 23.82 -11.30 -3.33
C SER B 234 24.91 -10.29 -3.67
N LYS B 235 25.48 -10.46 -4.86
CA LYS B 235 26.49 -9.57 -5.39
C LYS B 235 25.82 -8.29 -5.84
N LEU B 236 26.59 -7.21 -5.92
CA LEU B 236 26.04 -5.93 -6.36
C LEU B 236 26.55 -5.60 -7.75
N VAL B 237 25.66 -5.18 -8.63
CA VAL B 237 26.04 -4.83 -9.99
C VAL B 237 26.89 -3.57 -9.96
N ASP B 238 27.97 -3.56 -10.72
CA ASP B 238 28.82 -2.37 -10.76
C ASP B 238 28.56 -1.61 -12.04
N GLY B 239 27.95 -0.44 -11.89
CA GLY B 239 27.63 0.42 -13.00
C GLY B 239 27.33 1.81 -12.48
N ARG B 240 27.29 2.78 -13.37
CA ARG B 240 26.94 4.14 -12.98
C ARG B 240 25.47 4.31 -13.30
N PHE B 241 24.59 4.13 -12.32
CA PHE B 241 23.18 4.26 -12.59
C PHE B 241 22.81 5.69 -12.96
N PRO B 242 21.87 5.85 -13.89
CA PRO B 242 21.41 7.15 -14.35
C PRO B 242 20.64 7.88 -13.26
N ASP B 243 20.78 9.19 -13.21
CA ASP B 243 20.07 9.99 -12.20
C ASP B 243 18.59 10.08 -12.57
N TYR B 244 17.75 9.56 -11.69
CA TYR B 244 16.31 9.60 -11.91
C TYR B 244 15.74 11.03 -11.98
N ARG B 245 16.29 11.96 -11.19
CA ARG B 245 15.80 13.36 -11.20
C ARG B 245 15.99 14.10 -12.54
N ARG B 246 16.95 13.66 -13.37
CA ARG B 246 17.15 14.20 -14.73
C ARG B 246 16.06 13.77 -15.71
N VAL B 247 15.49 12.58 -15.52
CA VAL B 247 14.49 12.02 -16.43
C VAL B 247 13.09 12.56 -16.14
N LEU B 248 12.76 12.85 -14.87
CA LEU B 248 11.45 13.45 -14.54
C LEU B 248 11.21 14.72 -15.38
N PRO B 249 9.98 14.91 -15.89
CA PRO B 249 9.61 16.09 -16.69
C PRO B 249 10.05 17.37 -15.99
N LYS B 250 10.69 18.28 -16.73
CA LYS B 250 11.20 19.50 -16.12
C LYS B 250 10.08 20.43 -15.61
N ASN B 251 9.29 20.97 -16.53
CA ASN B 251 8.18 21.84 -16.17
C ASN B 251 6.93 21.45 -16.95
N PRO B 252 6.04 20.68 -16.30
CA PRO B 252 4.80 20.17 -16.90
C PRO B 252 3.62 21.12 -16.79
N ASP B 253 3.31 21.82 -17.87
CA ASP B 253 2.19 22.76 -17.90
C ASP B 253 0.81 22.11 -17.74
N LYS B 254 0.57 20.99 -18.39
CA LYS B 254 -0.76 20.43 -18.29
C LYS B 254 -0.87 19.29 -17.29
N THR B 255 -2.03 19.18 -16.66
CA THR B 255 -2.27 18.12 -15.70
C THR B 255 -3.58 17.42 -16.03
N LEU B 256 -3.54 16.09 -16.09
CA LEU B 256 -4.73 15.31 -16.39
C LEU B 256 -4.96 14.29 -15.29
N GLU B 257 -6.20 14.24 -14.77
CA GLU B 257 -6.55 13.31 -13.70
C GLU B 257 -7.76 12.45 -14.05
N ALA B 258 -7.72 11.17 -13.69
CA ALA B 258 -8.84 10.27 -13.96
C ALA B 258 -8.81 9.05 -13.05
N GLY B 259 -9.84 8.21 -13.15
CA GLY B 259 -9.92 7.01 -12.36
C GLY B 259 -8.99 5.97 -12.95
N CYS B 260 -8.10 5.43 -12.12
CA CYS B 260 -7.09 4.44 -12.55
C CYS B 260 -7.71 3.23 -13.22
N ASP B 261 -8.72 2.64 -12.61
CA ASP B 261 -9.31 1.41 -13.14
C ASP B 261 -10.01 1.62 -14.50
N SER B 262 -10.82 2.66 -14.61
CA SER B 262 -11.47 3.01 -15.87
C SER B 262 -10.48 3.30 -17.00
N LEU B 263 -9.41 4.00 -16.68
CA LEU B 263 -8.37 4.34 -17.65
C LEU B 263 -7.64 3.09 -18.11
N LYS B 264 -7.39 2.18 -17.16
CA LYS B 264 -6.71 0.93 -17.39
C LYS B 264 -7.52 0.08 -18.34
N GLN B 265 -8.79 -0.17 -18.00
CA GLN B 265 -9.66 -1.02 -18.82
C GLN B 265 -9.81 -0.48 -20.23
N ALA B 266 -9.83 0.84 -20.35
CA ALA B 266 -9.96 1.49 -21.66
C ALA B 266 -8.69 1.31 -22.49
N PHE B 267 -7.52 1.59 -21.92
CA PHE B 267 -6.24 1.28 -22.57
C PHE B 267 -6.11 -0.18 -22.96
N ALA B 268 -6.51 -1.07 -22.08
CA ALA B 268 -6.44 -2.50 -22.34
C ALA B 268 -7.30 -2.91 -23.54
N ARG B 269 -8.50 -2.34 -23.63
CA ARG B 269 -9.41 -2.67 -24.73
C ARG B 269 -8.87 -2.17 -26.05
N ALA B 270 -8.38 -0.94 -26.07
CA ALA B 270 -7.76 -0.39 -27.27
C ALA B 270 -6.55 -1.18 -27.70
N ALA B 271 -5.75 -1.62 -26.73
CA ALA B 271 -4.49 -2.29 -26.99
C ALA B 271 -4.64 -3.53 -27.86
N ILE B 272 -5.84 -4.13 -27.83
CA ILE B 272 -6.18 -5.32 -28.63
C ILE B 272 -6.01 -5.08 -30.14
N LEU B 273 -6.29 -3.86 -30.59
CA LEU B 273 -6.17 -3.49 -32.01
C LEU B 273 -4.99 -2.57 -32.29
N SER B 274 -4.03 -2.53 -31.36
CA SER B 274 -2.77 -1.87 -31.57
C SER B 274 -1.84 -2.77 -32.37
N ASN B 275 -0.88 -2.16 -33.04
CA ASN B 275 0.16 -2.85 -33.77
C ASN B 275 0.84 -3.81 -32.81
N GLU B 276 0.89 -5.09 -33.16
CA GLU B 276 1.40 -6.15 -32.26
C GLU B 276 2.89 -6.03 -31.92
N LYS B 277 3.65 -5.35 -32.79
CA LYS B 277 5.09 -5.17 -32.65
C LYS B 277 5.41 -3.89 -31.85
N PHE B 278 4.81 -2.76 -32.25
CA PHE B 278 5.12 -1.45 -31.64
C PHE B 278 4.13 -0.95 -30.58
N ARG B 279 2.95 -1.55 -30.51
CA ARG B 279 1.91 -1.24 -29.51
C ARG B 279 1.62 0.24 -29.25
N GLY B 280 1.72 1.05 -30.30
CA GLY B 280 1.45 2.45 -30.19
C GLY B 280 -0.04 2.72 -30.00
N VAL B 281 -0.36 3.73 -29.20
CA VAL B 281 -1.73 4.11 -28.92
C VAL B 281 -1.78 5.64 -28.86
N ARG B 282 -2.78 6.24 -29.51
CA ARG B 282 -2.89 7.68 -29.52
C ARG B 282 -3.86 8.20 -28.47
N LEU B 283 -3.42 9.23 -27.75
CA LEU B 283 -4.22 9.83 -26.71
C LEU B 283 -4.62 11.24 -27.11
N TYR B 284 -5.91 11.48 -27.19
CA TYR B 284 -6.41 12.79 -27.57
C TYR B 284 -6.90 13.46 -26.31
N VAL B 285 -6.35 14.62 -26.02
CA VAL B 285 -6.73 15.30 -24.80
C VAL B 285 -7.55 16.56 -25.03
N SER B 286 -8.66 16.62 -24.30
CA SER B 286 -9.60 17.72 -24.35
C SER B 286 -9.85 18.17 -22.92
N GLU B 287 -10.43 19.34 -22.76
CA GLU B 287 -10.61 19.89 -21.42
C GLU B 287 -11.43 18.97 -20.52
N ASN B 288 -12.50 18.38 -21.05
CA ASN B 288 -13.30 17.47 -20.24
C ASN B 288 -13.33 16.00 -20.70
N GLN B 289 -12.48 15.63 -21.64
CA GLN B 289 -12.46 14.24 -22.11
C GLN B 289 -11.15 13.81 -22.72
N ILE B 290 -10.92 12.50 -22.69
CA ILE B 290 -9.73 11.90 -23.29
C ILE B 290 -10.20 10.83 -24.25
N LYS B 291 -9.63 10.82 -25.44
CA LYS B 291 -10.00 9.85 -26.45
C LYS B 291 -8.83 8.94 -26.77
N ILE B 292 -9.03 7.64 -26.58
CA ILE B 292 -8.00 6.66 -26.84
C ILE B 292 -8.27 5.98 -28.17
N THR B 293 -7.25 5.95 -29.03
CA THR B 293 -7.39 5.41 -30.36
C THR B 293 -6.29 4.39 -30.62
N ALA B 294 -6.63 3.34 -31.36
CA ALA B 294 -5.65 2.36 -31.81
C ALA B 294 -6.02 1.80 -33.18
N ASN B 295 -5.02 1.62 -34.03
CA ASN B 295 -5.17 0.82 -35.25
C ASN B 295 -3.92 -0.01 -35.55
N ASN B 296 -4.10 -0.98 -36.44
CA ASN B 296 -3.03 -1.94 -36.81
C ASN B 296 -2.82 -1.88 -38.33
N PRO B 297 -1.85 -2.64 -38.89
CA PRO B 297 -1.64 -2.63 -40.36
C PRO B 297 -2.85 -3.07 -41.22
N GLU B 298 -3.75 -3.87 -40.65
CA GLU B 298 -4.98 -4.29 -41.34
C GLU B 298 -6.10 -3.23 -41.29
N GLN B 299 -5.81 -2.09 -40.66
CA GLN B 299 -6.74 -0.96 -40.50
C GLN B 299 -7.99 -1.32 -39.69
N GLU B 300 -7.80 -2.18 -38.70
CA GLU B 300 -8.81 -2.43 -37.68
C GLU B 300 -8.65 -1.26 -36.71
N GLU B 301 -9.74 -0.78 -36.13
CA GLU B 301 -9.70 0.45 -35.31
C GLU B 301 -10.39 0.27 -33.97
N ALA B 302 -9.75 0.80 -32.93
CA ALA B 302 -10.35 0.85 -31.59
C ALA B 302 -10.49 2.31 -31.14
N GLU B 303 -11.51 2.56 -30.35
CA GLU B 303 -11.83 3.92 -29.92
C GLU B 303 -12.51 3.89 -28.55
N GLU B 304 -11.87 4.51 -27.56
CA GLU B 304 -12.46 4.65 -26.22
C GLU B 304 -12.51 6.14 -25.86
N ILE B 305 -13.56 6.52 -25.14
CA ILE B 305 -13.76 7.89 -24.68
C ILE B 305 -14.14 7.86 -23.20
N LEU B 306 -13.42 8.63 -22.39
CA LEU B 306 -13.69 8.68 -20.96
C LEU B 306 -13.92 10.09 -20.45
N ASP B 307 -14.54 10.17 -19.27
CA ASP B 307 -14.80 11.45 -18.63
C ASP B 307 -13.68 11.71 -17.66
N VAL B 308 -12.90 12.76 -17.93
CA VAL B 308 -11.79 13.14 -17.07
C VAL B 308 -11.81 14.65 -16.91
N THR B 309 -11.09 15.17 -15.93
CA THR B 309 -10.98 16.61 -15.76
C THR B 309 -9.56 17.00 -16.14
N TYR B 310 -9.42 17.89 -17.12
CA TYR B 310 -8.09 18.27 -17.59
C TYR B 310 -7.91 19.75 -17.92
N ALA B 311 -7.09 20.41 -17.14
CA ALA B 311 -6.77 21.81 -17.33
C ALA B 311 -5.52 21.83 -18.25
N GLY B 312 -5.80 22.19 -19.47
CA GLY B 312 -4.76 22.68 -20.39
C GLY B 312 -5.22 22.77 -21.83
N THR B 313 -4.26 23.08 -22.70
CA THR B 313 -4.54 23.17 -24.13
C THR B 313 -4.71 21.75 -24.66
N GLU B 314 -5.36 21.60 -25.80
CA GLU B 314 -5.66 20.31 -26.37
C GLU B 314 -4.51 19.79 -27.23
N MET B 315 -4.29 18.49 -27.16
CA MET B 315 -3.19 17.88 -27.87
C MET B 315 -3.34 16.38 -28.07
N GLU B 316 -2.51 15.87 -28.96
CA GLU B 316 -2.41 14.46 -29.29
C GLU B 316 -1.06 14.02 -28.77
N ILE B 317 -1.01 12.82 -28.19
CA ILE B 317 0.25 12.26 -27.72
C ILE B 317 0.30 10.77 -28.03
N GLY B 318 1.46 10.27 -28.40
CA GLY B 318 1.63 8.87 -28.73
C GLY B 318 2.37 8.10 -27.66
N PHE B 319 1.79 6.98 -27.24
CA PHE B 319 2.36 6.15 -26.18
C PHE B 319 2.36 4.68 -26.53
N ASN B 320 3.21 3.93 -25.85
CA ASN B 320 3.25 2.50 -26.00
C ASN B 320 2.22 2.09 -24.97
N VAL B 321 1.16 1.41 -25.40
CA VAL B 321 0.10 1.04 -24.46
C VAL B 321 0.56 0.12 -23.35
N SER B 322 1.51 -0.76 -23.65
CA SER B 322 1.99 -1.68 -22.62
C SER B 322 2.66 -0.93 -21.49
N TYR B 323 3.46 0.08 -21.80
CA TYR B 323 4.14 0.82 -20.75
C TYR B 323 3.13 1.51 -19.84
N VAL B 324 2.10 2.08 -20.42
CA VAL B 324 1.08 2.75 -19.64
C VAL B 324 0.36 1.74 -18.76
N LEU B 325 0.05 0.59 -19.34
CA LEU B 325 -0.63 -0.47 -18.62
C LEU B 325 0.20 -1.01 -17.47
N ASP B 326 1.51 -1.16 -17.70
CA ASP B 326 2.40 -1.67 -16.67
C ASP B 326 2.33 -0.69 -15.52
N VAL B 327 2.30 0.59 -15.87
CA VAL B 327 2.22 1.63 -14.86
C VAL B 327 0.87 1.65 -14.13
N LEU B 328 -0.22 1.61 -14.88
CA LEU B 328 -1.54 1.63 -14.26
C LEU B 328 -1.77 0.39 -13.39
N ASN B 329 -1.35 -0.78 -13.88
CA ASN B 329 -1.37 -2.03 -13.10
C ASN B 329 -0.51 -1.96 -11.84
N ALA B 330 0.62 -1.26 -11.90
CA ALA B 330 1.45 -1.05 -10.71
C ALA B 330 0.79 -0.13 -9.67
N LEU B 331 0.05 0.89 -10.11
CA LEU B 331 -0.57 1.87 -9.19
C LEU B 331 -1.67 1.30 -8.28
N LYS B 332 -2.56 0.49 -8.87
CA LYS B 332 -3.66 -0.16 -8.16
C LYS B 332 -4.41 0.75 -7.17
N CYS B 333 -4.70 1.97 -7.58
CA CYS B 333 -5.37 2.94 -6.72
C CYS B 333 -6.68 3.47 -7.29
N GLU B 334 -7.23 4.49 -6.62
CA GLU B 334 -8.50 5.08 -7.08
C GLU B 334 -8.33 5.99 -8.30
N ASN B 335 -7.45 6.98 -8.20
CA ASN B 335 -7.30 8.02 -9.23
C ASN B 335 -5.83 8.21 -9.64
N VAL B 336 -5.61 8.53 -10.90
CA VAL B 336 -4.27 8.71 -11.42
C VAL B 336 -4.11 10.11 -11.96
N ARG B 337 -2.93 10.69 -11.77
CA ARG B 337 -2.67 12.01 -12.28
C ARG B 337 -1.55 11.90 -13.30
N ILE B 338 -1.79 12.44 -14.49
CA ILE B 338 -0.80 12.41 -15.55
C ILE B 338 -0.33 13.83 -15.84
N LEU B 339 0.98 14.01 -15.89
CA LEU B 339 1.52 15.33 -16.18
C LEU B 339 2.18 15.32 -17.54
N LEU B 340 1.75 16.20 -18.43
CA LEU B 340 2.30 16.25 -19.78
C LEU B 340 2.67 17.66 -20.19
N THR B 341 3.73 17.78 -21.00
CA THR B 341 4.12 19.08 -21.50
C THR B 341 3.73 19.25 -22.97
N ASP B 342 4.10 18.27 -23.79
CA ASP B 342 3.79 18.32 -25.23
C ASP B 342 3.84 16.95 -25.92
N SER B 343 3.62 16.95 -27.23
CA SER B 343 3.57 15.70 -28.03
C SER B 343 4.91 14.94 -28.18
N VAL B 344 6.03 15.64 -28.08
CA VAL B 344 7.36 15.05 -28.24
C VAL B 344 8.10 14.87 -26.90
N SER B 345 7.45 15.15 -25.77
CA SER B 345 8.13 15.02 -24.48
C SER B 345 7.60 13.90 -23.57
N SER B 346 8.39 13.56 -22.55
CA SER B 346 8.02 12.51 -21.59
C SER B 346 6.85 12.92 -20.71
N VAL B 347 6.17 11.92 -20.17
CA VAL B 347 4.99 12.14 -19.35
C VAL B 347 5.09 11.44 -18.00
N GLN B 348 4.87 12.19 -16.93
CA GLN B 348 4.90 11.63 -15.57
C GLN B 348 3.52 11.05 -15.26
N ILE B 349 3.52 9.96 -14.48
CA ILE B 349 2.30 9.32 -14.01
C ILE B 349 2.46 9.00 -12.52
N GLU B 350 1.39 9.22 -11.76
CA GLU B 350 1.45 9.01 -10.33
C GLU B 350 0.04 8.85 -9.79
N ASP B 351 -0.06 8.20 -8.63
CA ASP B 351 -1.28 8.15 -7.88
C ASP B 351 -1.61 9.59 -7.47
N ALA B 352 -2.87 9.98 -7.67
CA ALA B 352 -3.31 11.32 -7.32
C ALA B 352 -3.25 11.58 -5.81
N ALA B 353 -3.43 10.52 -5.02
CA ALA B 353 -3.47 10.55 -3.54
C ALA B 353 -2.13 10.40 -2.79
N SER B 354 -1.04 10.06 -3.50
CA SER B 354 0.27 9.77 -2.87
C SER B 354 1.43 10.14 -3.80
N GLN B 355 2.39 10.92 -3.29
CA GLN B 355 3.55 11.34 -4.07
C GLN B 355 4.73 10.36 -3.96
N SER B 356 4.56 9.25 -3.24
CA SER B 356 5.69 8.36 -2.92
C SER B 356 6.25 7.58 -4.13
N ALA B 357 5.44 7.42 -5.19
CA ALA B 357 5.87 6.70 -6.38
C ALA B 357 5.58 7.51 -7.63
N ALA B 358 6.57 7.60 -8.50
CA ALA B 358 6.47 8.35 -9.74
C ALA B 358 6.95 7.50 -10.90
N TYR B 359 6.32 7.71 -12.04
CA TYR B 359 6.56 6.94 -13.24
C TYR B 359 6.69 7.85 -14.42
N VAL B 360 7.73 7.65 -15.22
CA VAL B 360 7.99 8.48 -16.38
C VAL B 360 7.99 7.61 -17.60
N VAL B 361 7.25 8.05 -18.62
CA VAL B 361 7.12 7.30 -19.85
C VAL B 361 7.45 8.18 -21.06
N MET B 362 8.17 7.62 -22.01
CA MET B 362 8.54 8.34 -23.22
C MET B 362 7.40 8.30 -24.23
N PRO B 363 7.36 9.30 -25.13
CA PRO B 363 6.33 9.41 -26.16
C PRO B 363 6.66 8.64 -27.44
N MET B 364 5.72 8.65 -28.38
CA MET B 364 5.91 7.97 -29.66
C MET B 364 5.69 8.88 -30.86
N ARG B 365 5.79 8.29 -32.05
CA ARG B 365 5.65 9.00 -33.35
C ARG B 365 6.65 10.14 -33.45
N MET C 1 -25.06 36.19 -13.17
CA MET C 1 -25.18 35.83 -11.72
C MET C 1 -24.97 37.02 -10.82
N LYS C 2 -25.94 37.25 -9.94
CA LYS C 2 -25.92 38.33 -8.95
C LYS C 2 -26.67 37.83 -7.72
N PHE C 3 -26.04 37.92 -6.55
CA PHE C 3 -26.73 37.71 -5.29
C PHE C 3 -26.18 38.62 -4.19
N THR C 4 -27.00 38.86 -3.19
CA THR C 4 -26.63 39.58 -1.99
C THR C 4 -27.15 38.76 -0.83
N VAL C 5 -26.23 38.40 0.06
CA VAL C 5 -26.50 37.46 1.14
C VAL C 5 -25.68 37.92 2.38
N GLU C 6 -26.29 37.78 3.55
CA GLU C 6 -25.68 38.17 4.83
C GLU C 6 -24.46 37.29 5.13
N ARG C 7 -23.42 37.89 5.72
CA ARG C 7 -22.13 37.20 5.88
C ARG C 7 -22.18 35.89 6.67
N GLU C 8 -22.88 35.84 7.79
CA GLU C 8 -22.94 34.65 8.65
C GLU C 8 -23.75 33.51 8.05
N HIS C 9 -24.67 33.85 7.14
CA HIS C 9 -25.41 32.85 6.38
C HIS C 9 -24.61 32.21 5.26
N LEU C 10 -23.67 32.97 4.69
CA LEU C 10 -22.74 32.47 3.65
C LEU C 10 -21.52 31.77 4.25
N LEU C 11 -21.15 32.11 5.47
CA LEU C 11 -19.90 31.62 6.08
C LEU C 11 -19.97 30.15 6.47
N LYS C 12 -21.10 29.69 7.02
CA LYS C 12 -21.24 28.28 7.40
C LYS C 12 -21.13 27.36 6.18
N PRO C 13 -21.97 27.57 5.14
CA PRO C 13 -21.86 26.77 3.91
C PRO C 13 -20.47 26.68 3.31
N LEU C 14 -19.81 27.83 3.15
CA LEU C 14 -18.45 27.88 2.62
C LEU C 14 -17.50 27.00 3.42
N GLN C 15 -17.67 26.99 4.74
CA GLN C 15 -16.90 26.12 5.61
C GLN C 15 -17.15 24.67 5.25
N GLN C 16 -18.43 24.32 5.14
CA GLN C 16 -18.87 22.95 4.86
C GLN C 16 -18.34 22.39 3.53
N VAL C 17 -18.09 23.26 2.55
CA VAL C 17 -17.61 22.82 1.22
C VAL C 17 -16.12 22.94 0.97
N SER C 18 -15.36 23.57 1.86
CA SER C 18 -13.89 23.52 1.80
C SER C 18 -13.35 22.12 2.10
N GLY C 19 -12.25 21.74 1.45
CA GLY C 19 -11.61 20.43 1.69
C GLY C 19 -10.25 20.30 1.07
N THR C 26 -2.25 19.14 -8.54
CA THR C 26 -3.63 19.54 -8.33
C THR C 26 -4.12 20.45 -9.44
N LEU C 27 -5.20 20.07 -10.10
CA LEU C 27 -5.77 20.85 -11.17
C LEU C 27 -6.28 22.20 -10.67
N PRO C 28 -6.21 23.22 -11.52
CA PRO C 28 -6.63 24.58 -11.17
C PRO C 28 -8.11 24.70 -10.81
N ILE C 29 -8.98 24.03 -11.56
CA ILE C 29 -10.41 24.15 -11.25
C ILE C 29 -10.84 23.43 -9.96
N LEU C 30 -10.07 22.44 -9.54
CA LEU C 30 -10.34 21.72 -8.30
C LEU C 30 -10.23 22.67 -7.12
N GLY C 31 -9.31 23.62 -7.22
CA GLY C 31 -9.14 24.66 -6.21
C GLY C 31 -10.25 25.71 -6.19
N ASN C 32 -11.16 25.67 -7.18
CA ASN C 32 -12.25 26.63 -7.27
C ASN C 32 -13.51 26.08 -6.65
N LEU C 33 -14.42 27.01 -6.36
CA LEU C 33 -15.71 26.75 -5.77
C LEU C 33 -16.73 27.05 -6.85
N LEU C 34 -17.72 26.20 -7.06
CA LEU C 34 -18.72 26.49 -8.07
C LEU C 34 -19.93 27.16 -7.44
N LEU C 35 -20.28 28.34 -7.95
CA LEU C 35 -21.43 29.06 -7.42
C LEU C 35 -22.52 29.12 -8.48
N GLN C 36 -23.72 28.70 -8.10
CA GLN C 36 -24.84 28.69 -9.02
C GLN C 36 -26.10 29.23 -8.34
N VAL C 37 -26.76 30.18 -9.00
CA VAL C 37 -27.97 30.76 -8.44
C VAL C 37 -29.19 30.38 -9.27
N ALA C 38 -30.19 29.80 -8.63
CA ALA C 38 -31.39 29.40 -9.34
C ALA C 38 -32.59 29.26 -8.42
N ASP C 39 -33.69 29.91 -8.78
CA ASP C 39 -34.94 29.84 -8.03
C ASP C 39 -34.84 30.20 -6.55
N GLY C 40 -34.09 31.24 -6.23
CA GLY C 40 -33.94 31.67 -4.85
C GLY C 40 -32.99 30.83 -4.02
N THR C 41 -32.21 29.98 -4.67
CA THR C 41 -31.26 29.13 -3.95
C THR C 41 -29.85 29.30 -4.49
N LEU C 42 -28.90 29.48 -3.58
CA LEU C 42 -27.51 29.59 -3.96
C LEU C 42 -26.84 28.28 -3.58
N SER C 43 -26.16 27.67 -4.54
CA SER C 43 -25.52 26.39 -4.30
C SER C 43 -24.03 26.57 -4.36
N LEU C 44 -23.35 26.18 -3.29
CA LEU C 44 -21.91 26.28 -3.24
C LEU C 44 -21.41 24.85 -3.32
N THR C 45 -20.50 24.59 -4.24
CA THR C 45 -20.00 23.22 -4.43
C THR C 45 -18.48 23.20 -4.40
N GLY C 46 -17.93 22.27 -3.64
CA GLY C 46 -16.50 22.03 -3.57
C GLY C 46 -16.23 20.58 -3.93
N THR C 47 -15.11 20.30 -4.58
CA THR C 47 -14.81 18.95 -5.03
C THR C 47 -13.41 18.61 -5.49
N ASP C 48 -12.92 17.50 -4.97
CA ASP C 48 -11.70 16.88 -5.47
C ASP C 48 -12.17 15.81 -6.50
N LEU C 49 -11.26 15.10 -7.16
CA LEU C 49 -11.75 14.10 -8.11
C LEU C 49 -12.60 13.01 -7.44
N GLU C 50 -12.17 12.55 -6.27
CA GLU C 50 -12.91 11.52 -5.51
C GLU C 50 -14.29 11.86 -4.90
N MET C 51 -14.44 13.03 -4.30
CA MET C 51 -15.69 13.41 -3.64
C MET C 51 -16.20 14.82 -3.95
N GLU C 52 -17.38 15.15 -3.46
CA GLU C 52 -17.98 16.44 -3.74
C GLU C 52 -18.99 16.79 -2.65
N MET C 53 -18.94 18.04 -2.21
CA MET C 53 -19.84 18.55 -1.20
C MET C 53 -20.61 19.70 -1.78
N ILE C 54 -21.91 19.75 -1.50
CA ILE C 54 -22.82 20.76 -2.05
C ILE C 54 -23.64 21.36 -0.92
N ALA C 55 -23.61 22.68 -0.82
CA ALA C 55 -24.37 23.38 0.20
C ALA C 55 -25.33 24.34 -0.46
N ARG C 56 -26.56 24.36 0.02
CA ARG C 56 -27.60 25.20 -0.53
C ARG C 56 -28.04 26.25 0.46
N VAL C 57 -28.36 27.44 -0.03
CA VAL C 57 -28.82 28.51 0.83
C VAL C 57 -29.95 29.29 0.17
N THR C 58 -31.06 29.44 0.89
CA THR C 58 -32.20 30.18 0.39
C THR C 58 -31.86 31.66 0.35
N LEU C 59 -32.31 32.37 -0.67
CA LEU C 59 -32.02 33.78 -0.79
C LEU C 59 -33.22 34.66 -0.48
N SER C 60 -33.11 35.47 0.57
CA SER C 60 -34.18 36.43 0.94
C SER C 60 -34.14 37.74 0.15
N GLN C 61 -33.07 38.00 -0.60
CA GLN C 61 -32.81 39.30 -1.23
C GLN C 61 -32.84 39.17 -2.73
N PRO C 62 -32.91 40.31 -3.46
CA PRO C 62 -32.84 40.23 -4.93
C PRO C 62 -31.63 39.44 -5.45
N HIS C 63 -31.84 38.78 -6.59
CA HIS C 63 -30.79 37.99 -7.19
C HIS C 63 -31.11 37.70 -8.65
N GLU C 64 -30.08 37.32 -9.39
CA GLU C 64 -30.22 36.94 -10.80
C GLU C 64 -29.46 35.64 -11.01
N ALA C 65 -30.03 34.76 -11.83
CA ALA C 65 -29.44 33.45 -12.10
C ALA C 65 -28.13 33.48 -12.86
N GLY C 66 -27.39 32.37 -12.74
CA GLY C 66 -26.10 32.21 -13.39
C GLY C 66 -25.17 31.31 -12.59
N ALA C 67 -24.03 30.97 -13.18
CA ALA C 67 -23.01 30.22 -12.49
C ALA C 67 -21.59 30.60 -12.91
N THR C 68 -20.66 30.39 -11.98
CA THR C 68 -19.26 30.60 -12.22
C THR C 68 -18.44 29.87 -11.17
N THR C 69 -17.15 29.80 -11.38
CA THR C 69 -16.25 29.26 -10.37
C THR C 69 -15.22 30.33 -10.04
N VAL C 70 -14.85 30.40 -8.75
CA VAL C 70 -13.83 31.33 -8.25
C VAL C 70 -13.01 30.58 -7.22
N PRO C 71 -11.75 31.02 -6.98
CA PRO C 71 -10.90 30.35 -5.98
C PRO C 71 -11.55 30.32 -4.62
N ALA C 72 -11.70 29.11 -4.08
CA ALA C 72 -12.50 28.86 -2.88
C ALA C 72 -11.86 29.50 -1.67
N ARG C 73 -10.55 29.30 -1.50
CA ARG C 73 -9.87 29.76 -0.29
C ARG C 73 -9.85 31.29 -0.20
N LYS C 74 -9.56 31.96 -1.31
CA LYS C 74 -9.60 33.42 -1.36
C LYS C 74 -11.00 33.95 -1.08
N PHE C 75 -12.00 33.33 -1.70
CA PHE C 75 -13.39 33.72 -1.50
C PHE C 75 -13.83 33.53 -0.06
N PHE C 76 -13.38 32.44 0.57
CA PHE C 76 -13.71 32.18 1.99
C PHE C 76 -13.07 33.22 2.87
N ASP C 77 -11.77 33.45 2.68
CA ASP C 77 -11.03 34.45 3.49
C ASP C 77 -11.57 35.87 3.39
N ILE C 78 -12.01 36.25 2.20
CA ILE C 78 -12.60 37.56 2.00
C ILE C 78 -13.90 37.71 2.80
N CYS C 79 -14.73 36.66 2.81
CA CYS C 79 -15.99 36.72 3.56
C CYS C 79 -15.71 36.68 5.04
N ARG C 80 -14.77 35.86 5.46
CA ARG C 80 -14.43 35.75 6.89
C ARG C 80 -13.87 37.05 7.36
N GLY C 81 -12.94 37.60 6.59
CA GLY C 81 -12.29 38.88 6.87
C GLY C 81 -13.21 40.08 6.95
N LEU C 82 -14.38 40.01 6.33
CA LEU C 82 -15.37 41.07 6.43
C LEU C 82 -16.02 41.09 7.83
N PRO C 83 -16.44 42.29 8.30
CA PRO C 83 -16.93 42.42 9.68
C PRO C 83 -18.23 41.66 9.94
N GLU C 84 -18.41 41.26 11.19
CA GLU C 84 -19.67 40.72 11.68
C GLU C 84 -20.84 41.61 11.23
N GLY C 85 -21.89 41.00 10.66
CA GLY C 85 -23.11 41.67 10.23
C GLY C 85 -23.18 42.13 8.77
N ALA C 86 -22.09 41.96 8.03
CA ALA C 86 -21.97 42.50 6.67
C ALA C 86 -22.90 41.83 5.65
N GLU C 87 -23.29 42.62 4.65
CA GLU C 87 -24.01 42.15 3.47
C GLU C 87 -23.00 42.01 2.36
N ILE C 88 -22.92 40.81 1.76
CA ILE C 88 -21.95 40.56 0.72
C ILE C 88 -22.67 40.54 -0.64
N ALA C 89 -22.33 41.50 -1.49
CA ALA C 89 -22.93 41.65 -2.81
C ALA C 89 -22.01 41.05 -3.88
N VAL C 90 -22.37 39.89 -4.40
CA VAL C 90 -21.59 39.22 -5.43
C VAL C 90 -22.23 39.46 -6.78
N GLN C 91 -21.39 39.58 -7.81
CA GLN C 91 -21.85 39.84 -9.18
C GLN C 91 -20.82 39.35 -10.17
N LEU C 92 -21.27 38.66 -11.21
CA LEU C 92 -20.39 38.19 -12.29
C LEU C 92 -20.22 39.32 -13.31
N GLU C 93 -18.97 39.63 -13.68
CA GLU C 93 -18.66 40.63 -14.73
C GLU C 93 -17.62 40.06 -15.70
N GLY C 94 -18.10 39.34 -16.73
CA GLY C 94 -17.22 38.77 -17.75
C GLY C 94 -16.22 37.79 -17.16
N ASP C 95 -14.93 38.06 -17.41
CA ASP C 95 -13.80 37.32 -16.82
C ASP C 95 -13.84 37.22 -15.28
N ARG C 96 -14.44 38.20 -14.61
CA ARG C 96 -14.28 38.37 -13.17
C ARG C 96 -15.57 38.20 -12.39
N MET C 97 -15.42 37.83 -11.11
CA MET C 97 -16.48 37.95 -10.14
C MET C 97 -16.15 39.10 -9.18
N LEU C 98 -17.17 39.87 -8.84
CA LEU C 98 -17.05 41.07 -8.02
C LEU C 98 -17.73 40.85 -6.70
N VAL C 99 -17.04 41.21 -5.63
CA VAL C 99 -17.51 41.01 -4.28
C VAL C 99 -17.42 42.38 -3.65
N ARG C 100 -18.55 42.88 -3.17
CA ARG C 100 -18.67 44.21 -2.59
C ARG C 100 -19.34 44.14 -1.23
N SER C 101 -18.79 44.86 -0.26
CA SER C 101 -19.40 44.99 1.05
C SER C 101 -18.76 46.17 1.75
N GLY C 102 -19.60 46.97 2.41
CA GLY C 102 -19.14 48.23 3.03
C GLY C 102 -18.33 49.03 2.02
N ARG C 103 -17.12 49.43 2.40
CA ARG C 103 -16.19 50.11 1.50
C ARG C 103 -15.09 49.18 0.96
N SER C 104 -15.39 47.89 0.91
CA SER C 104 -14.46 46.88 0.43
C SER C 104 -14.93 46.36 -0.92
N ARG C 105 -13.99 46.17 -1.84
CA ARG C 105 -14.25 45.72 -3.20
C ARG C 105 -13.14 44.73 -3.61
N PHE C 106 -13.58 43.62 -4.23
CA PHE C 106 -12.70 42.54 -4.67
C PHE C 106 -13.09 42.03 -6.04
N SER C 107 -12.11 41.81 -6.89
CA SER C 107 -12.33 41.25 -8.22
C SER C 107 -11.54 39.95 -8.33
N LEU C 108 -12.24 38.83 -8.40
CA LEU C 108 -11.63 37.50 -8.45
C LEU C 108 -11.55 36.94 -9.87
N SER C 109 -10.58 36.08 -10.11
CA SER C 109 -10.48 35.28 -11.35
C SER C 109 -11.58 34.23 -11.38
N THR C 110 -11.96 33.82 -12.59
CA THR C 110 -12.91 32.75 -12.75
C THR C 110 -12.40 31.68 -13.70
N LEU C 111 -12.99 30.50 -13.55
CA LEU C 111 -12.97 29.49 -14.58
C LEU C 111 -14.43 29.13 -14.86
N PRO C 112 -14.76 28.75 -16.11
CA PRO C 112 -16.18 28.62 -16.44
C PRO C 112 -16.83 27.42 -15.75
N ALA C 113 -18.11 27.59 -15.37
CA ALA C 113 -18.86 26.59 -14.63
C ALA C 113 -18.88 25.22 -15.30
N ALA C 114 -19.03 25.23 -16.63
CA ALA C 114 -19.08 24.01 -17.43
C ALA C 114 -17.84 23.13 -17.39
N ASP C 115 -16.74 23.65 -16.85
CA ASP C 115 -15.51 22.87 -16.76
C ASP C 115 -15.35 22.27 -15.38
N PHE C 116 -16.34 22.52 -14.54
CA PHE C 116 -16.35 22.04 -13.16
C PHE C 116 -16.88 20.60 -13.15
N PRO C 117 -16.12 19.64 -12.59
CA PRO C 117 -16.55 18.24 -12.56
C PRO C 117 -17.83 17.96 -11.77
N ASN C 118 -18.53 16.87 -12.12
CA ASN C 118 -19.77 16.51 -11.43
C ASN C 118 -19.80 15.04 -11.02
N LEU C 119 -19.79 14.80 -9.71
CA LEU C 119 -19.79 13.43 -9.20
C LEU C 119 -21.16 12.95 -8.73
N ASP C 120 -22.18 13.77 -8.91
CA ASP C 120 -23.53 13.42 -8.45
C ASP C 120 -24.46 12.87 -9.55
N ASP C 121 -23.87 12.53 -10.69
CA ASP C 121 -24.63 11.97 -11.81
C ASP C 121 -24.78 10.45 -11.77
N TRP C 122 -25.59 9.93 -10.86
CA TRP C 122 -25.77 8.48 -10.74
C TRP C 122 -27.07 8.07 -10.03
N GLN C 123 -27.48 6.81 -10.21
CA GLN C 123 -28.69 6.29 -9.62
C GLN C 123 -28.42 5.56 -8.33
N SER C 124 -29.16 5.91 -7.28
CA SER C 124 -29.14 5.14 -6.03
C SER C 124 -29.84 3.81 -6.24
N GLU C 125 -29.35 2.77 -5.55
CA GLU C 125 -29.98 1.45 -5.49
C GLU C 125 -30.56 1.14 -4.11
N VAL C 126 -29.95 1.66 -3.05
CA VAL C 126 -30.37 1.41 -1.67
C VAL C 126 -30.41 2.74 -0.91
N GLU C 127 -31.47 2.96 -0.15
CA GLU C 127 -31.67 4.18 0.63
C GLU C 127 -32.08 3.84 2.04
N PHE C 128 -31.44 4.48 3.01
CA PHE C 128 -31.86 4.43 4.40
C PHE C 128 -31.54 5.72 5.14
N THR C 129 -32.28 5.92 6.21
CA THR C 129 -32.23 7.11 7.02
C THR C 129 -32.00 6.71 8.49
N LEU C 130 -30.99 7.30 9.12
CA LEU C 130 -30.66 7.00 10.53
C LEU C 130 -30.26 8.25 11.30
N PRO C 131 -30.21 8.18 12.64
CA PRO C 131 -29.72 9.34 13.39
C PRO C 131 -28.21 9.57 13.21
N GLN C 132 -27.81 10.82 13.24
CA GLN C 132 -26.41 11.20 13.10
C GLN C 132 -25.53 10.56 14.17
N ALA C 133 -26.04 10.57 15.41
CA ALA C 133 -25.38 9.92 16.56
C ALA C 133 -24.90 8.50 16.21
N THR C 134 -25.77 7.72 15.56
CA THR C 134 -25.45 6.34 15.24
C THR C 134 -24.36 6.22 14.18
N MET C 135 -24.47 6.99 13.10
CA MET C 135 -23.39 7.01 12.10
C MET C 135 -22.05 7.47 12.71
N LYS C 136 -22.12 8.45 13.62
CA LYS C 136 -20.93 8.94 14.32
C LYS C 136 -20.33 7.87 15.25
N ARG C 137 -21.18 7.17 15.99
CA ARG C 137 -20.75 6.02 16.79
C ARG C 137 -20.04 4.99 15.93
N LEU C 138 -20.64 4.62 14.80
CA LEU C 138 -20.04 3.63 13.89
C LEU C 138 -18.70 4.04 13.31
N ILE C 139 -18.57 5.27 12.86
CA ILE C 139 -17.34 5.74 12.27
C ILE C 139 -16.22 5.85 13.33
N GLU C 140 -16.50 6.53 14.44
CA GLU C 140 -15.49 6.67 15.51
C GLU C 140 -15.02 5.35 16.09
N ALA C 141 -15.96 4.41 16.25
CA ALA C 141 -15.63 3.06 16.73
C ALA C 141 -14.57 2.33 15.90
N THR C 142 -14.49 2.55 14.58
CA THR C 142 -13.56 1.81 13.72
C THR C 142 -12.50 2.60 12.96
N GLN C 143 -12.70 3.90 12.76
CA GLN C 143 -11.89 4.70 11.81
C GLN C 143 -10.38 4.51 11.96
N PHE C 144 -9.90 4.45 13.19
CA PHE C 144 -8.45 4.30 13.48
C PHE C 144 -7.80 3.02 12.90
N SER C 145 -8.60 1.96 12.69
CA SER C 145 -8.11 0.71 12.12
C SER C 145 -7.98 0.67 10.60
N MET C 146 -8.33 1.76 9.94
CA MET C 146 -8.16 1.87 8.49
C MET C 146 -6.69 1.85 8.15
N ALA C 147 -6.32 1.14 7.09
CA ALA C 147 -4.94 1.14 6.61
C ALA C 147 -4.56 2.51 6.05
N HIS C 148 -3.27 2.80 6.04
CA HIS C 148 -2.76 4.04 5.48
C HIS C 148 -1.80 3.66 4.37
N GLN C 149 -2.12 4.08 3.14
CA GLN C 149 -1.30 3.82 1.96
C GLN C 149 -0.96 2.34 1.72
N ASP C 150 -1.91 1.47 1.99
CA ASP C 150 -1.70 0.04 1.79
C ASP C 150 -1.73 -0.30 0.32
N VAL C 151 -1.04 -1.37 -0.06
CA VAL C 151 -1.02 -1.80 -1.45
C VAL C 151 -2.42 -2.22 -1.89
N ARG C 152 -3.16 -2.89 -1.01
CA ARG C 152 -4.53 -3.25 -1.35
C ARG C 152 -5.31 -1.96 -1.11
N TYR C 153 -5.96 -1.47 -2.16
CA TYR C 153 -6.72 -0.23 -2.10
C TYR C 153 -7.89 -0.27 -1.12
N TYR C 154 -8.58 -1.42 -1.10
CA TYR C 154 -9.76 -1.61 -0.27
C TYR C 154 -9.48 -1.48 1.23
N LEU C 155 -8.30 -1.89 1.66
CA LEU C 155 -7.95 -1.82 3.08
C LEU C 155 -7.97 -0.40 3.63
N ASN C 156 -7.53 0.55 2.82
CA ASN C 156 -7.52 1.95 3.24
C ASN C 156 -8.94 2.42 3.60
N GLY C 157 -9.91 2.00 2.80
CA GLY C 157 -11.31 2.32 3.03
C GLY C 157 -11.96 1.51 4.15
N MET C 158 -13.09 2.03 4.60
CA MET C 158 -13.93 1.47 5.63
C MET C 158 -15.11 0.82 4.90
N LEU C 159 -15.53 -0.34 5.41
CA LEU C 159 -16.64 -1.12 4.86
C LEU C 159 -17.93 -0.73 5.58
N PHE C 160 -18.96 -0.37 4.80
CA PHE C 160 -20.30 -0.17 5.34
C PHE C 160 -21.12 -1.35 4.85
N GLU C 161 -21.57 -2.19 5.78
CA GLU C 161 -22.25 -3.43 5.47
C GLU C 161 -23.63 -3.34 6.13
N THR C 162 -24.67 -3.56 5.34
CA THR C 162 -26.02 -3.55 5.88
C THR C 162 -26.55 -4.97 5.89
N GLU C 163 -26.61 -5.57 7.07
CA GLU C 163 -27.14 -6.92 7.17
C GLU C 163 -28.38 -6.92 8.05
N GLY C 164 -29.47 -7.43 7.52
CA GLY C 164 -30.71 -7.47 8.28
C GLY C 164 -31.15 -6.08 8.69
N GLU C 165 -31.43 -5.91 9.97
CA GLU C 165 -31.88 -4.63 10.51
C GLU C 165 -30.73 -3.78 11.03
N GLU C 166 -29.50 -4.27 10.88
CA GLU C 166 -28.34 -3.54 11.38
C GLU C 166 -27.34 -3.05 10.33
N LEU C 167 -26.74 -1.92 10.63
CA LEU C 167 -25.67 -1.35 9.84
C LEU C 167 -24.36 -1.63 10.55
N ARG C 168 -23.37 -2.12 9.81
CA ARG C 168 -22.07 -2.50 10.35
C ARG C 168 -20.95 -1.76 9.65
N THR C 169 -19.97 -1.31 10.42
CA THR C 169 -18.71 -0.82 9.86
C THR C 169 -17.57 -1.77 10.20
N VAL C 170 -16.64 -1.89 9.28
CA VAL C 170 -15.45 -2.70 9.47
C VAL C 170 -14.26 -1.97 8.89
N ALA C 171 -13.18 -1.91 9.67
CA ALA C 171 -11.92 -1.30 9.26
C ALA C 171 -10.79 -2.25 9.65
N THR C 172 -9.81 -2.41 8.76
CA THR C 172 -8.66 -3.28 9.01
C THR C 172 -7.48 -3.03 8.07
N ASP C 173 -6.30 -2.90 8.64
CA ASP C 173 -5.07 -2.73 7.87
C ASP C 173 -4.39 -4.09 7.66
N GLY C 174 -5.01 -5.14 8.18
CA GLY C 174 -4.53 -6.50 8.09
C GLY C 174 -3.75 -6.95 9.32
N HIS C 175 -3.32 -5.99 10.13
CA HIS C 175 -2.59 -6.32 11.35
C HIS C 175 -3.53 -6.24 12.53
N ARG C 176 -4.55 -5.40 12.38
CA ARG C 176 -5.54 -5.20 13.42
C ARG C 176 -6.89 -5.00 12.76
N LEU C 177 -7.95 -5.20 13.54
CA LEU C 177 -9.30 -5.07 13.03
C LEU C 177 -10.24 -4.42 14.03
N ALA C 178 -11.20 -3.67 13.48
CA ALA C 178 -12.28 -3.10 14.27
C ALA C 178 -13.56 -3.42 13.54
N VAL C 179 -14.59 -3.76 14.31
CA VAL C 179 -15.92 -3.94 13.75
C VAL C 179 -16.92 -3.36 14.73
N CYS C 180 -17.94 -2.68 14.17
CA CYS C 180 -19.02 -2.11 14.97
C CYS C 180 -20.34 -2.29 14.24
N SER C 181 -21.39 -2.63 15.01
CA SER C 181 -22.75 -2.85 14.51
C SER C 181 -23.73 -2.07 15.36
N MET C 182 -24.75 -1.51 14.73
CA MET C 182 -25.80 -0.78 15.43
C MET C 182 -27.12 -1.06 14.71
N PRO C 183 -28.21 -1.34 15.47
CA PRO C 183 -29.48 -1.57 14.78
C PRO C 183 -30.03 -0.25 14.21
N ILE C 184 -30.52 -0.30 12.97
CA ILE C 184 -31.10 0.87 12.30
C ILE C 184 -32.63 0.80 12.11
N GLY C 185 -33.25 -0.33 12.42
CA GLY C 185 -34.71 -0.39 12.61
C GLY C 185 -35.61 -0.84 11.46
N ASP C 186 -35.15 -0.62 10.23
CA ASP C 186 -35.90 -1.02 9.05
C ASP C 186 -35.07 -2.07 8.34
N SER C 187 -35.66 -3.24 8.09
CA SER C 187 -34.93 -4.30 7.43
C SER C 187 -34.51 -3.87 6.03
N LEU C 188 -33.29 -4.22 5.64
CA LEU C 188 -32.76 -3.87 4.34
C LEU C 188 -32.10 -5.08 3.71
N PRO C 189 -31.90 -5.05 2.39
CA PRO C 189 -31.25 -6.17 1.73
C PRO C 189 -29.77 -6.18 2.09
N ASN C 190 -29.16 -7.36 2.08
CA ASN C 190 -27.73 -7.47 2.37
C ASN C 190 -26.97 -6.72 1.30
N HIS C 191 -26.00 -5.92 1.73
CA HIS C 191 -25.21 -5.09 0.85
C HIS C 191 -23.96 -4.59 1.59
N SER C 192 -22.79 -4.69 0.96
CA SER C 192 -21.58 -4.11 1.50
C SER C 192 -20.79 -3.31 0.43
N VAL C 193 -20.28 -2.14 0.85
CA VAL C 193 -19.48 -1.24 0.01
C VAL C 193 -18.32 -0.60 0.80
N ILE C 194 -17.32 -0.10 0.08
CA ILE C 194 -16.13 0.46 0.70
C ILE C 194 -16.02 1.97 0.42
N VAL C 195 -16.17 2.76 1.47
CA VAL C 195 -16.02 4.22 1.40
C VAL C 195 -14.53 4.54 1.61
N PRO C 196 -13.93 5.37 0.76
CA PRO C 196 -12.50 5.72 0.96
C PRO C 196 -12.22 6.65 2.15
N ARG C 197 -10.94 6.70 2.55
CA ARG C 197 -10.46 7.48 3.67
C ARG C 197 -11.02 8.90 3.72
N LYS C 198 -10.80 9.67 2.66
CA LYS C 198 -11.26 11.06 2.65
C LYS C 198 -12.79 11.19 2.72
N GLY C 199 -13.49 10.20 2.17
CA GLY C 199 -14.94 10.10 2.33
C GLY C 199 -15.38 9.94 3.77
N VAL C 200 -14.74 9.03 4.47
CA VAL C 200 -15.03 8.81 5.91
C VAL C 200 -14.73 10.08 6.74
N ILE C 201 -13.63 10.75 6.44
CA ILE C 201 -13.27 11.98 7.13
C ILE C 201 -14.32 13.07 6.88
N GLU C 202 -14.75 13.21 5.63
CA GLU C 202 -15.78 14.20 5.31
C GLU C 202 -17.12 13.83 5.93
N LEU C 203 -17.48 12.55 5.89
CA LEU C 203 -18.74 12.08 6.49
C LEU C 203 -18.82 12.38 8.00
N MET C 204 -17.68 12.32 8.67
CA MET C 204 -17.55 12.68 10.07
C MET C 204 -17.68 14.19 10.31
N ARG C 205 -17.13 14.97 9.40
CA ARG C 205 -17.17 16.44 9.43
C ARG C 205 -18.60 17.01 9.25
N MET C 206 -19.45 16.29 8.51
CA MET C 206 -20.85 16.64 8.38
C MET C 206 -21.63 16.53 9.68
N LEU C 207 -21.36 15.46 10.42
CA LEU C 207 -22.22 15.09 11.54
C LEU C 207 -21.94 15.99 12.72
N ASP C 208 -22.86 16.91 12.97
CA ASP C 208 -22.81 17.85 14.11
C ASP C 208 -23.48 17.28 15.39
N GLY C 209 -23.97 16.03 15.35
CA GLY C 209 -24.76 15.49 16.45
C GLY C 209 -26.08 16.22 16.62
N GLY C 210 -26.66 16.64 15.50
CA GLY C 210 -27.94 17.33 15.52
C GLY C 210 -29.11 16.35 15.57
N ASP C 211 -30.30 16.92 15.69
CA ASP C 211 -31.56 16.16 15.66
C ASP C 211 -32.00 15.86 14.20
N THR C 212 -31.42 16.57 13.23
CA THR C 212 -31.73 16.37 11.81
C THR C 212 -31.30 14.95 11.42
N PRO C 213 -32.24 14.15 10.88
CA PRO C 213 -31.83 12.81 10.43
C PRO C 213 -30.88 12.86 9.22
N LEU C 214 -30.12 11.78 9.06
CA LEU C 214 -29.15 11.63 7.97
C LEU C 214 -29.78 10.67 6.98
N ARG C 215 -29.84 11.06 5.72
CA ARG C 215 -30.36 10.20 4.66
C ARG C 215 -29.18 9.66 3.86
N VAL C 216 -29.11 8.34 3.71
CA VAL C 216 -27.99 7.72 3.00
C VAL C 216 -28.45 7.00 1.74
N GLN C 217 -27.76 7.27 0.63
CA GLN C 217 -28.07 6.64 -0.64
C GLN C 217 -26.82 5.94 -1.18
N ILE C 218 -26.97 4.67 -1.51
CA ILE C 218 -25.85 3.88 -2.03
C ILE C 218 -26.13 3.42 -3.45
N GLY C 219 -25.22 3.73 -4.34
CA GLY C 219 -25.26 3.24 -5.70
C GLY C 219 -24.17 2.24 -5.90
N SER C 220 -24.03 1.75 -7.13
CA SER C 220 -23.09 0.69 -7.42
C SER C 220 -21.64 1.14 -7.35
N ASN C 221 -21.41 2.43 -7.59
CA ASN C 221 -20.05 2.98 -7.58
C ASN C 221 -19.89 4.25 -6.75
N ASN C 222 -20.94 4.66 -6.02
CA ASN C 222 -20.99 5.92 -5.31
C ASN C 222 -21.88 5.82 -4.09
N ILE C 223 -21.73 6.78 -3.19
CA ILE C 223 -22.51 6.85 -1.97
C ILE C 223 -22.81 8.31 -1.66
N ARG C 224 -24.02 8.60 -1.21
CA ARG C 224 -24.40 9.97 -0.89
C ARG C 224 -25.03 10.11 0.49
N ALA C 225 -24.69 11.19 1.19
CA ALA C 225 -25.23 11.45 2.51
C ALA C 225 -25.92 12.80 2.55
N HIS C 226 -27.13 12.83 3.11
CA HIS C 226 -27.89 14.07 3.20
C HIS C 226 -28.19 14.52 4.61
N VAL C 227 -27.76 15.72 4.97
CA VAL C 227 -28.14 16.27 6.28
C VAL C 227 -28.64 17.68 6.02
N GLY C 228 -29.94 17.90 6.28
CA GLY C 228 -30.57 19.20 6.02
C GLY C 228 -30.26 19.74 4.61
N ASP C 229 -29.67 20.92 4.58
CA ASP C 229 -29.28 21.62 3.34
C ASP C 229 -27.84 21.34 2.90
N PHE C 230 -27.31 20.16 3.23
CA PHE C 230 -25.96 19.75 2.86
C PHE C 230 -25.94 18.35 2.28
N VAL C 231 -25.28 18.21 1.14
CA VAL C 231 -25.18 16.92 0.46
C VAL C 231 -23.73 16.53 0.24
N PHE C 232 -23.37 15.33 0.66
CA PHE C 232 -22.02 14.83 0.46
C PHE C 232 -22.04 13.59 -0.42
N THR C 233 -21.19 13.54 -1.44
CA THR C 233 -21.12 12.38 -2.31
C THR C 233 -19.68 11.97 -2.57
N SER C 234 -19.45 10.67 -2.61
CA SER C 234 -18.11 10.14 -2.85
C SER C 234 -18.13 8.91 -3.74
N LYS C 235 -17.00 8.66 -4.39
CA LYS C 235 -16.79 7.47 -5.20
C LYS C 235 -16.47 6.34 -4.24
N LEU C 236 -16.97 5.15 -4.53
CA LEU C 236 -16.70 3.96 -3.70
C LEU C 236 -15.46 3.25 -4.21
N VAL C 237 -14.84 2.49 -3.32
CA VAL C 237 -13.64 1.75 -3.66
C VAL C 237 -13.98 0.35 -4.14
N ASP C 238 -13.44 -0.02 -5.29
CA ASP C 238 -13.66 -1.34 -5.84
C ASP C 238 -12.74 -2.33 -5.15
N GLY C 239 -13.28 -3.47 -4.77
CA GLY C 239 -12.45 -4.50 -4.14
C GLY C 239 -13.21 -5.48 -3.29
N ARG C 240 -12.58 -6.63 -3.03
CA ARG C 240 -13.15 -7.69 -2.17
C ARG C 240 -12.61 -7.51 -0.75
N PHE C 241 -13.38 -6.80 0.08
CA PHE C 241 -12.99 -6.53 1.47
C PHE C 241 -13.04 -7.84 2.26
N PRO C 242 -12.03 -8.10 3.11
CA PRO C 242 -11.98 -9.41 3.79
C PRO C 242 -13.09 -9.63 4.83
N ASP C 243 -13.44 -10.90 5.08
CA ASP C 243 -14.53 -11.22 5.99
C ASP C 243 -14.07 -11.04 7.43
N TYR C 244 -14.74 -10.13 8.13
CA TYR C 244 -14.41 -9.88 9.53
C TYR C 244 -14.63 -11.09 10.45
N ARG C 245 -15.58 -11.95 10.12
CA ARG C 245 -15.89 -13.10 10.97
C ARG C 245 -14.81 -14.17 10.97
N ARG C 246 -13.91 -14.13 9.98
CA ARG C 246 -12.85 -15.11 9.91
C ARG C 246 -11.65 -14.68 10.74
N VAL C 247 -11.57 -13.38 11.03
CA VAL C 247 -10.46 -12.85 11.82
C VAL C 247 -10.75 -12.94 13.32
N LEU C 248 -12.00 -12.80 13.74
CA LEU C 248 -12.34 -12.89 15.15
C LEU C 248 -12.00 -14.25 15.73
N PRO C 249 -11.37 -14.26 16.91
CA PRO C 249 -10.98 -15.51 17.58
C PRO C 249 -12.18 -16.41 17.76
N LYS C 250 -12.16 -17.57 17.10
CA LYS C 250 -13.28 -18.51 17.18
C LYS C 250 -13.53 -19.08 18.57
N ASN C 251 -12.47 -19.43 19.28
CA ASN C 251 -12.62 -20.02 20.61
C ASN C 251 -11.61 -19.51 21.61
N PRO C 252 -12.00 -18.51 22.40
CA PRO C 252 -11.13 -17.93 23.42
C PRO C 252 -11.32 -18.61 24.76
N ASP C 253 -10.43 -19.54 25.11
CA ASP C 253 -10.52 -20.23 26.39
C ASP C 253 -10.26 -19.37 27.62
N LYS C 254 -9.60 -18.23 27.45
CA LYS C 254 -9.32 -17.37 28.60
C LYS C 254 -9.94 -15.99 28.47
N THR C 255 -10.63 -15.56 29.52
CA THR C 255 -11.27 -14.26 29.53
C THR C 255 -10.68 -13.40 30.64
N LEU C 256 -10.26 -12.20 30.29
CA LEU C 256 -9.63 -11.27 31.22
C LEU C 256 -10.35 -9.94 31.29
N GLU C 257 -10.57 -9.43 32.51
CA GLU C 257 -11.25 -8.15 32.67
C GLU C 257 -10.44 -7.13 33.49
N ALA C 258 -10.52 -5.87 33.08
CA ALA C 258 -9.79 -4.76 33.71
C ALA C 258 -10.49 -3.42 33.49
N GLY C 259 -10.12 -2.42 34.26
CA GLY C 259 -10.67 -1.09 34.11
C GLY C 259 -10.06 -0.55 32.84
N CYS C 260 -10.88 0.02 31.96
CA CYS C 260 -10.35 0.52 30.70
C CYS C 260 -9.34 1.65 30.86
N ASP C 261 -9.65 2.62 31.72
CA ASP C 261 -8.72 3.73 31.90
C ASP C 261 -7.40 3.34 32.54
N SER C 262 -7.46 2.51 33.57
CA SER C 262 -6.26 2.08 34.27
C SER C 262 -5.33 1.29 33.36
N LEU C 263 -5.89 0.38 32.58
CA LEU C 263 -5.08 -0.40 31.67
C LEU C 263 -4.45 0.48 30.61
N LYS C 264 -5.22 1.43 30.10
CA LYS C 264 -4.73 2.32 29.07
C LYS C 264 -3.55 3.15 29.52
N GLN C 265 -3.64 3.68 30.74
CA GLN C 265 -2.58 4.50 31.29
C GLN C 265 -1.30 3.69 31.46
N ALA C 266 -1.46 2.46 31.92
CA ALA C 266 -0.33 1.58 32.13
C ALA C 266 0.40 1.28 30.83
N PHE C 267 -0.35 1.04 29.77
CA PHE C 267 0.23 0.76 28.47
C PHE C 267 1.00 1.95 27.92
N ALA C 268 0.47 3.15 28.13
CA ALA C 268 1.12 4.35 27.64
C ALA C 268 2.48 4.55 28.29
N ARG C 269 2.55 4.33 29.59
CA ARG C 269 3.82 4.47 30.31
C ARG C 269 4.82 3.43 29.82
N ALA C 270 4.33 2.22 29.59
CA ALA C 270 5.13 1.11 29.09
C ALA C 270 5.66 1.40 27.68
N ALA C 271 4.83 2.06 26.89
CA ALA C 271 5.14 2.42 25.49
C ALA C 271 6.35 3.34 25.34
N ILE C 272 6.59 4.18 26.34
CA ILE C 272 7.70 5.12 26.31
C ILE C 272 9.05 4.41 26.20
N LEU C 273 9.20 3.29 26.89
CA LEU C 273 10.46 2.55 26.83
C LEU C 273 10.48 1.48 25.73
N SER C 274 9.38 1.37 24.98
CA SER C 274 9.29 0.42 23.88
C SER C 274 10.08 0.85 22.64
N ASN C 275 10.51 -0.13 21.85
CA ASN C 275 11.26 0.14 20.61
C ASN C 275 10.43 1.12 19.80
N GLU C 276 11.02 2.25 19.43
CA GLU C 276 10.30 3.35 18.77
C GLU C 276 9.72 3.02 17.40
N LYS C 277 10.32 2.02 16.73
CA LYS C 277 9.89 1.56 15.41
C LYS C 277 8.82 0.47 15.49
N PHE C 278 9.08 -0.59 16.28
CA PHE C 278 8.22 -1.78 16.34
C PHE C 278 7.27 -1.87 17.54
N ARG C 279 7.48 -1.02 18.53
CA ARG C 279 6.60 -0.91 19.69
C ARG C 279 6.14 -2.20 20.37
N GLY C 280 7.02 -3.17 20.48
CA GLY C 280 6.66 -4.42 21.14
C GLY C 280 6.47 -4.25 22.64
N VAL C 281 5.42 -4.89 23.16
CA VAL C 281 5.12 -4.83 24.59
C VAL C 281 4.65 -6.21 25.03
N ARG C 282 5.18 -6.71 26.14
CA ARG C 282 4.80 -8.05 26.64
C ARG C 282 3.75 -7.93 27.75
N LEU C 283 2.82 -8.87 27.74
CA LEU C 283 1.76 -8.91 28.75
C LEU C 283 1.72 -10.26 29.47
N TYR C 284 2.19 -10.30 30.72
CA TYR C 284 2.16 -11.52 31.52
C TYR C 284 0.87 -11.54 32.27
N VAL C 285 0.07 -12.58 32.08
CA VAL C 285 -1.22 -12.71 32.75
C VAL C 285 -1.12 -13.88 33.73
N SER C 286 -1.56 -13.64 34.96
CA SER C 286 -1.49 -14.62 36.03
C SER C 286 -2.67 -14.40 36.95
N GLU C 287 -2.74 -15.15 38.05
CA GLU C 287 -3.88 -15.08 38.94
C GLU C 287 -4.13 -13.64 39.45
N ASN C 288 -5.27 -13.10 39.05
CA ASN C 288 -5.72 -11.76 39.42
C ASN C 288 -4.62 -10.68 39.30
N GLN C 289 -3.84 -10.77 38.22
CA GLN C 289 -2.76 -9.81 37.97
C GLN C 289 -2.32 -9.83 36.51
N ILE C 290 -2.06 -8.64 35.97
CA ILE C 290 -1.31 -8.54 34.74
C ILE C 290 -0.04 -7.76 35.02
N LYS C 291 1.03 -8.22 34.40
CA LYS C 291 2.30 -7.54 34.38
C LYS C 291 2.56 -7.11 32.94
N ILE C 292 2.80 -5.80 32.74
CA ILE C 292 3.17 -5.27 31.43
C ILE C 292 4.62 -4.86 31.45
N THR C 293 5.34 -5.25 30.40
CA THR C 293 6.77 -5.06 30.28
C THR C 293 7.13 -4.43 28.94
N ALA C 294 8.16 -3.60 28.93
CA ALA C 294 8.71 -3.02 27.69
C ALA C 294 10.21 -2.77 27.83
N ASN C 295 10.95 -3.05 26.75
CA ASN C 295 12.34 -2.60 26.63
C ASN C 295 12.68 -2.18 25.20
N ASN C 296 13.79 -1.48 25.06
CA ASN C 296 14.24 -0.93 23.76
C ASN C 296 15.68 -1.45 23.50
N PRO C 297 16.28 -1.13 22.32
CA PRO C 297 17.66 -1.57 22.05
C PRO C 297 18.75 -1.10 23.04
N GLU C 298 18.50 0.01 23.72
CA GLU C 298 19.42 0.53 24.76
C GLU C 298 19.25 -0.17 26.12
N GLN C 299 18.33 -1.14 26.19
CA GLN C 299 18.04 -1.93 27.39
C GLN C 299 17.47 -1.09 28.54
N GLU C 300 16.71 -0.07 28.18
CA GLU C 300 15.90 0.67 29.15
C GLU C 300 14.68 -0.21 29.35
N GLU C 301 14.14 -0.25 30.57
CA GLU C 301 13.06 -1.20 30.90
C GLU C 301 11.90 -0.53 31.60
N ALA C 302 10.68 -0.89 31.18
CA ALA C 302 9.45 -0.44 31.84
C ALA C 302 8.68 -1.63 32.37
N GLU C 303 7.98 -1.43 33.49
CA GLU C 303 7.26 -2.49 34.17
C GLU C 303 6.04 -1.93 34.90
N GLU C 304 4.86 -2.39 34.52
CA GLU C 304 3.61 -2.01 35.19
C GLU C 304 2.89 -3.27 35.66
N ILE C 305 2.29 -3.21 36.86
CA ILE C 305 1.49 -4.33 37.39
C ILE C 305 0.12 -3.80 37.82
N LEU C 306 -0.94 -4.49 37.43
CA LEU C 306 -2.29 -4.10 37.81
C LEU C 306 -3.13 -5.27 38.34
N ASP C 307 -3.91 -4.98 39.38
CA ASP C 307 -4.88 -5.96 39.93
C ASP C 307 -6.00 -6.08 38.89
N VAL C 308 -6.15 -7.26 38.33
CA VAL C 308 -7.28 -7.58 37.42
C VAL C 308 -8.02 -8.77 38.01
N THR C 309 -9.04 -9.26 37.31
CA THR C 309 -9.78 -10.43 37.74
C THR C 309 -9.58 -11.47 36.63
N TYR C 310 -8.87 -12.54 36.96
CA TYR C 310 -8.57 -13.59 36.00
C TYR C 310 -8.37 -14.91 36.74
N ALA C 311 -8.85 -16.01 36.15
CA ALA C 311 -8.73 -17.30 36.83
C ALA C 311 -7.99 -18.39 36.04
N GLY C 312 -7.73 -18.17 34.75
CA GLY C 312 -7.21 -19.20 33.87
C GLY C 312 -5.73 -19.50 34.02
N THR C 313 -5.22 -20.31 33.09
CA THR C 313 -3.82 -20.69 33.09
C THR C 313 -2.98 -19.47 32.68
N GLU C 314 -1.72 -19.48 33.06
CA GLU C 314 -0.87 -18.32 32.89
C GLU C 314 -0.18 -18.33 31.54
N MET C 315 0.05 -17.14 31.00
CA MET C 315 0.68 -17.01 29.71
C MET C 315 1.25 -15.62 29.46
N GLU C 316 2.18 -15.58 28.52
CA GLU C 316 2.84 -14.38 28.06
C GLU C 316 2.32 -14.16 26.64
N ILE C 317 2.05 -12.90 26.31
CA ILE C 317 1.61 -12.54 24.98
C ILE C 317 2.19 -11.16 24.68
N GLY C 318 2.65 -10.97 23.45
CA GLY C 318 3.23 -9.71 23.07
C GLY C 318 2.52 -9.12 21.87
N PHE C 319 2.42 -7.80 21.83
CA PHE C 319 1.80 -7.10 20.71
C PHE C 319 2.27 -5.66 20.64
N ASN C 320 2.01 -5.02 19.50
CA ASN C 320 2.36 -3.63 19.34
C ASN C 320 1.51 -2.85 20.34
N VAL C 321 2.11 -1.89 21.03
CA VAL C 321 1.37 -1.15 22.04
C VAL C 321 0.45 -0.08 21.44
N SER C 322 0.86 0.49 20.32
CA SER C 322 0.06 1.51 19.63
C SER C 322 -1.32 0.95 19.30
N TYR C 323 -1.35 -0.28 18.77
CA TYR C 323 -2.60 -0.92 18.37
C TYR C 323 -3.54 -1.13 19.54
N VAL C 324 -2.99 -1.50 20.69
CA VAL C 324 -3.78 -1.73 21.89
C VAL C 324 -4.27 -0.39 22.43
N LEU C 325 -3.37 0.58 22.50
CA LEU C 325 -3.71 1.92 22.96
C LEU C 325 -4.82 2.48 22.10
N ASP C 326 -4.66 2.40 20.79
CA ASP C 326 -5.69 2.90 19.88
C ASP C 326 -7.05 2.27 20.17
N VAL C 327 -7.06 0.97 20.46
CA VAL C 327 -8.27 0.27 20.85
C VAL C 327 -8.83 0.77 22.17
N LEU C 328 -7.97 0.87 23.20
CA LEU C 328 -8.43 1.33 24.50
C LEU C 328 -8.96 2.77 24.43
N ASN C 329 -8.26 3.64 23.70
CA ASN C 329 -8.71 5.01 23.42
C ASN C 329 -10.05 5.06 22.67
N ALA C 330 -10.28 4.12 21.76
CA ALA C 330 -11.56 4.03 21.08
C ALA C 330 -12.71 3.58 22.00
N LEU C 331 -12.44 2.70 22.96
CA LEU C 331 -13.50 2.17 23.85
C LEU C 331 -14.13 3.19 24.81
N LYS C 332 -13.32 4.04 25.42
CA LYS C 332 -13.83 5.12 26.30
C LYS C 332 -14.92 4.66 27.26
N CYS C 333 -14.67 3.55 27.95
CA CYS C 333 -15.69 2.92 28.81
C CYS C 333 -15.12 2.56 30.20
N GLU C 334 -15.96 1.98 31.08
CA GLU C 334 -15.50 1.64 32.45
C GLU C 334 -14.55 0.46 32.48
N ASN C 335 -14.97 -0.66 31.91
CA ASN C 335 -14.20 -1.92 32.00
C ASN C 335 -14.02 -2.57 30.61
N VAL C 336 -12.91 -3.27 30.43
CA VAL C 336 -12.61 -3.95 29.17
C VAL C 336 -12.58 -5.44 29.43
N ARG C 337 -13.05 -6.20 28.45
CA ARG C 337 -12.87 -7.64 28.46
C ARG C 337 -11.92 -7.96 27.34
N ILE C 338 -10.90 -8.76 27.65
CA ILE C 338 -9.93 -9.19 26.67
C ILE C 338 -9.98 -10.71 26.57
N LEU C 339 -10.19 -11.22 25.37
CA LEU C 339 -10.29 -12.66 25.15
C LEU C 339 -9.00 -13.21 24.58
N LEU C 340 -8.31 -14.04 25.35
CA LEU C 340 -7.03 -14.61 24.91
C LEU C 340 -7.05 -16.11 24.77
N THR C 341 -6.54 -16.62 23.66
CA THR C 341 -6.47 -18.08 23.49
C THR C 341 -5.08 -18.62 23.80
N ASP C 342 -4.03 -18.01 23.24
CA ASP C 342 -2.64 -18.42 23.46
C ASP C 342 -1.62 -17.34 23.08
N SER C 343 -0.34 -17.70 23.08
CA SER C 343 0.76 -16.76 22.75
C SER C 343 0.94 -16.41 21.26
N VAL C 344 0.56 -17.32 20.37
CA VAL C 344 0.73 -17.15 18.91
C VAL C 344 -0.59 -16.80 18.20
N SER C 345 -1.66 -16.67 18.96
CA SER C 345 -2.96 -16.36 18.37
C SER C 345 -3.36 -14.91 18.62
N SER C 346 -4.42 -14.47 17.95
CA SER C 346 -4.91 -13.11 18.09
C SER C 346 -5.71 -12.94 19.39
N VAL C 347 -6.00 -11.70 19.73
CA VAL C 347 -6.75 -11.43 20.95
C VAL C 347 -7.87 -10.42 20.75
N GLN C 348 -9.08 -10.81 21.13
CA GLN C 348 -10.24 -9.93 21.00
C GLN C 348 -10.28 -8.97 22.17
N ILE C 349 -10.77 -7.75 21.91
CA ILE C 349 -10.95 -6.74 22.94
C ILE C 349 -12.33 -6.10 22.74
N GLU C 350 -13.02 -5.85 23.85
CA GLU C 350 -14.35 -5.29 23.80
C GLU C 350 -14.68 -4.66 25.14
N ASP C 351 -15.64 -3.75 25.10
CA ASP C 351 -16.26 -3.22 26.30
C ASP C 351 -16.93 -4.38 27.02
N ALA C 352 -16.70 -4.47 28.33
CA ALA C 352 -17.29 -5.53 29.14
C ALA C 352 -18.82 -5.41 29.21
N ALA C 353 -19.33 -4.17 29.11
CA ALA C 353 -20.76 -3.84 29.19
C ALA C 353 -21.58 -3.90 27.87
N SER C 354 -20.92 -4.01 26.71
CA SER C 354 -21.59 -3.94 25.40
C SER C 354 -20.88 -4.78 24.34
N GLN C 355 -21.64 -5.61 23.62
CA GLN C 355 -21.11 -6.46 22.55
C GLN C 355 -21.06 -5.79 21.18
N SER C 356 -21.51 -4.55 21.09
CA SER C 356 -21.74 -3.90 19.77
C SER C 356 -20.45 -3.55 19.02
N ALA C 357 -19.31 -3.44 19.72
CA ALA C 357 -18.02 -3.21 19.06
C ALA C 357 -16.99 -4.22 19.50
N ALA C 358 -16.28 -4.77 18.53
CA ALA C 358 -15.23 -5.75 18.79
C ALA C 358 -13.96 -5.37 18.07
N TYR C 359 -12.84 -5.70 18.70
CA TYR C 359 -11.52 -5.34 18.22
C TYR C 359 -10.61 -6.53 18.31
N VAL C 360 -9.90 -6.79 17.21
CA VAL C 360 -9.00 -7.94 17.15
C VAL C 360 -7.63 -7.44 16.88
N VAL C 361 -6.68 -7.92 17.67
CA VAL C 361 -5.29 -7.49 17.55
C VAL C 361 -4.39 -8.71 17.54
N MET C 362 -3.47 -8.75 16.58
CA MET C 362 -2.56 -9.87 16.40
C MET C 362 -1.40 -9.85 17.38
N PRO C 363 -0.71 -10.99 17.50
CA PRO C 363 0.42 -11.09 18.44
C PRO C 363 1.79 -10.73 17.84
N MET C 364 2.77 -10.61 18.71
CA MET C 364 4.15 -10.34 18.35
C MET C 364 5.02 -11.47 18.89
N ARG C 365 6.30 -11.42 18.52
CA ARG C 365 7.35 -12.42 18.86
C ARG C 365 7.05 -13.80 18.27
N MET D 1 22.94 8.72 44.38
CA MET D 1 21.80 9.68 44.24
C MET D 1 20.46 8.99 44.44
N LYS D 2 19.67 9.53 45.36
CA LYS D 2 18.35 9.01 45.70
C LYS D 2 17.50 10.21 46.12
N PHE D 3 16.34 10.38 45.50
CA PHE D 3 15.34 11.33 45.96
C PHE D 3 13.93 10.80 45.73
N THR D 4 13.01 11.34 46.53
CA THR D 4 11.59 11.05 46.39
C THR D 4 10.88 12.38 46.48
N VAL D 5 10.11 12.68 45.46
CA VAL D 5 9.50 13.97 45.28
C VAL D 5 8.12 13.79 44.62
N GLU D 6 7.14 14.61 45.02
CA GLU D 6 5.77 14.55 44.51
C GLU D 6 5.76 14.93 43.01
N ARG D 7 4.90 14.27 42.24
CA ARG D 7 4.86 14.45 40.79
C ARG D 7 4.67 15.89 40.29
N GLU D 8 3.72 16.64 40.87
CA GLU D 8 3.44 18.01 40.39
C GLU D 8 4.53 19.01 40.76
N HIS D 9 5.31 18.70 41.79
CA HIS D 9 6.47 19.51 42.15
C HIS D 9 7.67 19.29 41.22
N LEU D 10 7.80 18.09 40.68
CA LEU D 10 8.85 17.73 39.71
C LEU D 10 8.47 18.11 38.28
N LEU D 11 7.18 18.17 37.98
CA LEU D 11 6.71 18.38 36.61
C LEU D 11 6.95 19.80 36.08
N LYS D 12 6.74 20.81 36.92
CA LYS D 12 6.97 22.20 36.48
C LYS D 12 8.45 22.43 36.10
N PRO D 13 9.40 22.15 37.03
CA PRO D 13 10.83 22.29 36.71
C PRO D 13 11.28 21.59 35.43
N LEU D 14 10.89 20.33 35.27
CA LEU D 14 11.22 19.56 34.08
C LEU D 14 10.74 20.24 32.81
N GLN D 15 9.57 20.83 32.89
CA GLN D 15 8.97 21.52 31.75
C GLN D 15 9.82 22.70 31.32
N GLN D 16 10.35 23.44 32.28
CA GLN D 16 11.14 24.61 31.95
C GLN D 16 12.53 24.28 31.47
N VAL D 17 13.11 23.20 31.97
CA VAL D 17 14.46 22.83 31.47
C VAL D 17 14.49 22.07 30.13
N SER D 18 13.32 21.76 29.57
CA SER D 18 13.20 21.05 28.31
C SER D 18 13.89 21.75 27.15
N GLY D 19 14.41 20.96 26.20
CA GLY D 19 15.12 21.51 25.05
C GLY D 19 14.17 21.96 23.96
N PRO D 20 14.61 22.92 23.12
CA PRO D 20 13.62 23.72 22.37
C PRO D 20 12.77 22.93 21.37
N LEU D 27 24.01 15.30 19.37
CA LEU D 27 24.98 14.92 20.41
C LEU D 27 24.27 14.25 21.57
N PRO D 28 24.62 12.99 21.84
CA PRO D 28 24.05 12.15 22.89
C PRO D 28 23.83 12.84 24.23
N ILE D 29 24.90 13.38 24.81
CA ILE D 29 24.81 14.03 26.12
C ILE D 29 23.89 15.25 26.16
N LEU D 30 23.81 15.98 25.05
CA LEU D 30 22.97 17.17 24.95
C LEU D 30 21.50 16.84 25.17
N GLY D 31 21.05 15.69 24.68
CA GLY D 31 19.69 15.22 24.85
C GLY D 31 19.36 14.98 26.31
N ASN D 32 20.33 14.50 27.09
CA ASN D 32 20.12 14.23 28.51
C ASN D 32 19.94 15.46 29.41
N LEU D 33 19.40 15.19 30.59
CA LEU D 33 19.11 16.13 31.64
C LEU D 33 20.07 15.80 32.78
N LEU D 34 20.78 16.80 33.35
CA LEU D 34 21.65 16.61 34.53
C LEU D 34 20.85 16.77 35.82
N LEU D 35 20.75 15.69 36.60
CA LEU D 35 20.13 15.72 37.93
C LEU D 35 21.24 15.73 38.96
N GLN D 36 21.15 16.62 39.94
CA GLN D 36 22.16 16.70 40.98
C GLN D 36 21.53 16.81 42.34
N VAL D 37 22.05 16.07 43.30
CA VAL D 37 21.50 16.11 44.64
C VAL D 37 22.44 16.74 45.66
N ALA D 38 21.89 17.71 46.37
CA ALA D 38 22.54 18.46 47.44
C ALA D 38 21.62 18.35 48.66
N ASP D 39 22.12 18.64 49.86
CA ASP D 39 21.22 18.47 50.99
C ASP D 39 20.07 19.47 50.89
N GLY D 40 18.87 18.90 50.87
CA GLY D 40 17.63 19.65 50.74
C GLY D 40 17.37 20.22 49.35
N THR D 41 18.10 19.78 48.33
CA THR D 41 17.91 20.37 47.00
C THR D 41 18.28 19.55 45.76
N LEU D 42 17.32 19.47 44.83
CA LEU D 42 17.49 18.81 43.55
C LEU D 42 17.60 19.90 42.46
N SER D 43 18.64 19.78 41.64
CA SER D 43 18.91 20.67 40.53
C SER D 43 18.76 19.89 39.25
N LEU D 44 17.91 20.39 38.36
CA LEU D 44 17.69 19.80 37.06
C LEU D 44 18.24 20.78 36.06
N THR D 45 19.08 20.32 35.14
CA THR D 45 19.72 21.18 34.15
C THR D 45 19.57 20.62 32.76
N GLY D 46 19.15 21.49 31.83
CA GLY D 46 19.08 21.16 30.41
C GLY D 46 19.96 22.12 29.64
N THR D 47 20.55 21.64 28.54
CA THR D 47 21.46 22.47 27.77
C THR D 47 21.78 22.06 26.35
N ASP D 48 22.34 23.03 25.65
CA ASP D 48 22.85 22.94 24.29
C ASP D 48 24.12 23.82 24.24
N LEU D 49 24.94 23.69 23.22
CA LEU D 49 26.15 24.51 23.19
C LEU D 49 25.95 26.03 23.30
N GLU D 50 24.72 26.51 23.17
CA GLU D 50 24.47 27.95 23.22
C GLU D 50 23.96 28.40 24.60
N MET D 51 22.99 27.67 25.15
CA MET D 51 22.30 28.09 26.37
C MET D 51 22.09 26.92 27.34
N GLU D 52 21.71 27.27 28.56
CA GLU D 52 21.52 26.30 29.61
C GLU D 52 20.49 26.82 30.60
N MET D 53 19.59 25.94 31.02
CA MET D 53 18.56 26.28 31.97
C MET D 53 18.72 25.37 33.18
N ILE D 54 18.62 25.96 34.37
CA ILE D 54 18.76 25.20 35.61
C ILE D 54 17.56 25.42 36.51
N ALA D 55 16.98 24.34 36.99
CA ALA D 55 15.82 24.41 37.86
C ALA D 55 16.14 23.77 39.20
N ARG D 56 15.76 24.44 40.27
CA ARG D 56 16.02 23.92 41.61
C ARG D 56 14.72 23.63 42.36
N VAL D 57 14.71 22.51 43.07
CA VAL D 57 13.54 22.11 43.85
C VAL D 57 14.00 21.62 45.22
N THR D 58 13.31 22.10 46.27
CA THR D 58 13.63 21.73 47.65
C THR D 58 13.00 20.40 47.98
N LEU D 59 13.76 19.50 48.59
CA LEU D 59 13.29 18.15 48.92
C LEU D 59 12.79 18.09 50.36
N SER D 60 11.50 17.82 50.55
CA SER D 60 10.90 17.61 51.89
C SER D 60 11.03 16.16 52.40
N GLN D 61 11.49 15.23 51.56
CA GLN D 61 11.54 13.82 51.91
C GLN D 61 12.98 13.33 51.94
N PRO D 62 13.23 12.15 52.55
CA PRO D 62 14.60 11.61 52.56
C PRO D 62 15.26 11.55 51.19
N HIS D 63 16.58 11.72 51.19
CA HIS D 63 17.34 11.69 49.96
C HIS D 63 18.81 11.46 50.26
N GLU D 64 19.56 11.21 49.20
CA GLU D 64 21.01 10.99 49.29
C GLU D 64 21.66 11.68 48.10
N ALA D 65 22.84 12.27 48.32
CA ALA D 65 23.52 13.06 47.31
C ALA D 65 24.10 12.24 46.17
N GLY D 66 24.36 12.92 45.05
CA GLY D 66 24.91 12.30 43.83
C GLY D 66 24.45 13.04 42.58
N ALA D 67 24.99 12.66 41.43
CA ALA D 67 24.57 13.20 40.16
C ALA D 67 24.65 12.19 39.03
N THR D 68 23.82 12.40 38.02
CA THR D 68 23.81 11.61 36.80
C THR D 68 23.06 12.35 35.71
N THR D 69 23.14 11.83 34.50
CA THR D 69 22.35 12.36 33.41
C THR D 69 21.50 11.23 32.86
N VAL D 70 20.26 11.55 32.47
CA VAL D 70 19.32 10.62 31.85
C VAL D 70 18.58 11.35 30.74
N PRO D 71 18.06 10.60 29.73
CA PRO D 71 17.33 11.25 28.63
C PRO D 71 16.16 12.07 29.14
N ALA D 72 16.18 13.35 28.78
CA ALA D 72 15.27 14.35 29.36
C ALA D 72 13.82 14.08 28.98
N ARG D 73 13.60 13.83 27.68
CA ARG D 73 12.26 13.67 27.15
C ARG D 73 11.57 12.41 27.71
N LYS D 74 12.30 11.29 27.76
CA LYS D 74 11.77 10.06 28.37
C LYS D 74 11.44 10.25 29.83
N PHE D 75 12.35 10.89 30.55
CA PHE D 75 12.17 11.15 31.98
C PHE D 75 10.95 12.05 32.21
N PHE D 76 10.75 13.05 31.35
CA PHE D 76 9.61 13.96 31.46
C PHE D 76 8.31 13.19 31.21
N ASP D 77 8.27 12.44 30.12
CA ASP D 77 7.08 11.66 29.75
C ASP D 77 6.66 10.64 30.79
N ILE D 78 7.64 9.99 31.43
CA ILE D 78 7.36 9.03 32.48
C ILE D 78 6.70 9.73 33.67
N CYS D 79 7.19 10.91 34.06
CA CYS D 79 6.60 11.64 35.18
C CYS D 79 5.21 12.15 34.82
N ARG D 80 5.06 12.66 33.59
CA ARG D 80 3.77 13.18 33.15
C ARG D 80 2.77 12.05 33.10
N GLY D 81 3.18 10.94 32.49
CA GLY D 81 2.37 9.74 32.37
C GLY D 81 1.90 9.09 33.65
N LEU D 82 2.60 9.34 34.76
CA LEU D 82 2.17 8.87 36.07
C LEU D 82 0.93 9.63 36.56
N PRO D 83 0.07 8.99 37.38
CA PRO D 83 -1.19 9.60 37.81
C PRO D 83 -1.01 10.83 38.69
N GLU D 84 -1.97 11.74 38.61
CA GLU D 84 -2.07 12.89 39.51
C GLU D 84 -1.88 12.43 40.98
N GLY D 85 -1.00 13.12 41.70
CA GLY D 85 -0.74 12.88 43.13
C GLY D 85 0.41 11.94 43.49
N ALA D 86 1.03 11.34 42.47
CA ALA D 86 2.03 10.29 42.68
C ALA D 86 3.35 10.78 43.32
N GLU D 87 3.98 9.87 44.05
CA GLU D 87 5.30 10.05 44.63
C GLU D 87 6.29 9.35 43.70
N ILE D 88 7.29 10.07 43.22
CA ILE D 88 8.24 9.50 42.28
C ILE D 88 9.56 9.26 43.01
N ALA D 89 9.94 8.00 43.13
CA ALA D 89 11.16 7.58 43.84
C ALA D 89 12.26 7.30 42.83
N VAL D 90 13.23 8.22 42.74
CA VAL D 90 14.36 8.06 41.81
C VAL D 90 15.57 7.56 42.59
N GLN D 91 16.37 6.73 41.95
CA GLN D 91 17.54 6.11 42.57
C GLN D 91 18.54 5.73 41.50
N LEU D 92 19.81 6.06 41.71
CA LEU D 92 20.88 5.69 40.77
C LEU D 92 21.37 4.28 41.11
N GLU D 93 21.45 3.39 40.11
CA GLU D 93 21.99 2.04 40.29
C GLU D 93 23.01 1.74 39.17
N GLY D 94 24.26 2.10 39.41
CA GLY D 94 25.34 1.87 38.45
C GLY D 94 25.10 2.54 37.11
N ASP D 95 25.11 1.74 36.05
CA ASP D 95 24.75 2.16 34.69
C ASP D 95 23.39 2.86 34.57
N ARG D 96 22.44 2.53 35.44
CA ARG D 96 21.04 2.93 35.26
C ARG D 96 20.51 3.85 36.33
N MET D 97 19.48 4.61 35.96
CA MET D 97 18.66 5.32 36.93
C MET D 97 17.29 4.67 37.00
N LEU D 98 16.78 4.53 38.22
CA LEU D 98 15.54 3.79 38.50
C LEU D 98 14.49 4.76 38.97
N VAL D 99 13.30 4.64 38.40
CA VAL D 99 12.19 5.51 38.70
C VAL D 99 11.08 4.57 39.10
N ARG D 100 10.56 4.77 40.30
CA ARG D 100 9.52 3.91 40.90
C ARG D 100 8.38 4.75 41.42
N SER D 101 7.17 4.33 41.10
CA SER D 101 5.97 4.97 41.64
C SER D 101 4.82 3.99 41.49
N GLY D 102 4.00 3.89 42.54
CA GLY D 102 2.98 2.85 42.65
C GLY D 102 3.56 1.50 42.28
N ARG D 103 2.93 0.81 41.32
CA ARG D 103 3.44 -0.46 40.80
C ARG D 103 4.09 -0.28 39.41
N SER D 104 4.62 0.90 39.16
CA SER D 104 5.30 1.22 37.91
C SER D 104 6.79 1.34 38.18
N ARG D 105 7.60 0.80 37.26
N ARG D 105 7.61 0.73 37.31
CA ARG D 105 9.05 0.75 37.41
CA ARG D 105 9.07 0.76 37.43
C ARG D 105 9.74 0.97 36.07
C ARG D 105 9.71 1.01 36.07
N PHE D 106 10.75 1.84 36.08
CA PHE D 106 11.46 2.28 34.86
C PHE D 106 12.95 2.35 35.10
N SER D 107 13.72 1.80 34.16
CA SER D 107 15.17 1.82 34.24
C SER D 107 15.71 2.55 33.02
N LEU D 108 16.28 3.73 33.23
CA LEU D 108 16.79 4.57 32.15
C LEU D 108 18.31 4.44 31.97
N SER D 109 18.77 4.71 30.74
CA SER D 109 20.20 4.81 30.45
C SER D 109 20.76 6.07 31.08
N THR D 110 22.06 6.05 31.34
CA THR D 110 22.75 7.25 31.82
C THR D 110 23.98 7.55 30.99
N LEU D 111 24.39 8.80 31.07
CA LEU D 111 25.73 9.22 30.72
C LEU D 111 26.28 9.93 31.95
N PRO D 112 27.61 9.86 32.17
CA PRO D 112 28.11 10.37 33.46
C PRO D 112 28.02 11.91 33.58
N ALA D 113 27.74 12.38 34.78
CA ALA D 113 27.55 13.81 35.06
C ALA D 113 28.72 14.68 34.58
N ALA D 114 29.93 14.18 34.81
CA ALA D 114 31.16 14.89 34.44
C ALA D 114 31.44 15.06 32.92
N ASP D 115 30.66 14.45 32.03
CA ASP D 115 30.70 14.79 30.60
C ASP D 115 29.67 15.87 30.19
N PHE D 116 28.86 16.30 31.15
CA PHE D 116 27.78 17.26 30.89
C PHE D 116 28.39 18.67 30.80
N PRO D 117 28.21 19.37 29.66
CA PRO D 117 28.78 20.71 29.50
C PRO D 117 28.28 21.77 30.49
N ASN D 118 29.10 22.80 30.73
CA ASN D 118 28.72 23.87 31.65
C ASN D 118 29.03 25.24 31.08
N LEU D 119 27.99 25.99 30.75
CA LEU D 119 28.13 27.34 30.21
C LEU D 119 27.90 28.40 31.27
N ASP D 120 27.73 27.96 32.51
CA ASP D 120 27.46 28.88 33.61
C ASP D 120 28.68 29.50 34.28
N ASP D 121 29.89 29.09 33.92
CA ASP D 121 31.05 29.67 34.56
C ASP D 121 31.65 30.85 33.81
N TRP D 122 31.42 32.04 34.35
CA TRP D 122 31.90 33.31 33.84
C TRP D 122 31.57 34.38 34.86
N GLN D 123 32.19 35.54 34.74
CA GLN D 123 31.98 36.63 35.67
C GLN D 123 31.03 37.66 35.06
N SER D 124 30.02 38.06 35.83
CA SER D 124 29.17 39.17 35.44
C SER D 124 29.93 40.49 35.55
N GLU D 125 29.62 41.43 34.66
CA GLU D 125 30.14 42.80 34.69
C GLU D 125 29.05 43.84 35.04
N VAL D 126 27.79 43.55 34.68
CA VAL D 126 26.66 44.43 34.94
C VAL D 126 25.51 43.60 35.49
N GLU D 127 24.86 44.11 36.55
CA GLU D 127 23.68 43.48 37.14
C GLU D 127 22.56 44.48 37.32
N PHE D 128 21.35 44.07 36.93
CA PHE D 128 20.16 44.83 37.24
C PHE D 128 18.96 43.91 37.43
N THR D 129 17.98 44.45 38.15
CA THR D 129 16.76 43.75 38.51
C THR D 129 15.55 44.57 38.07
N LEU D 130 14.63 43.95 37.35
CA LEU D 130 13.41 44.62 36.86
C LEU D 130 12.19 43.71 36.96
N PRO D 131 10.96 44.27 36.83
CA PRO D 131 9.79 43.40 36.81
C PRO D 131 9.70 42.56 35.54
N GLN D 132 9.16 41.35 35.68
CA GLN D 132 8.95 40.46 34.53
C GLN D 132 8.09 41.09 33.47
N ALA D 133 7.02 41.78 33.89
CA ALA D 133 6.11 42.50 32.98
C ALA D 133 6.89 43.36 31.99
N THR D 134 7.88 44.10 32.49
CA THR D 134 8.66 45.01 31.65
C THR D 134 9.54 44.26 30.64
N MET D 135 10.26 43.24 31.08
CA MET D 135 11.03 42.42 30.15
C MET D 135 10.12 41.75 29.09
N LYS D 136 8.94 41.32 29.52
CA LYS D 136 7.95 40.71 28.62
C LYS D 136 7.42 41.72 27.60
N ARG D 137 7.11 42.93 28.06
CA ARG D 137 6.74 44.03 27.18
C ARG D 137 7.82 44.29 26.13
N LEU D 138 9.08 44.39 26.57
CA LEU D 138 10.19 44.63 25.66
C LEU D 138 10.39 43.55 24.60
N ILE D 139 10.35 42.29 25.02
CA ILE D 139 10.57 41.20 24.09
C ILE D 139 9.41 41.06 23.11
N GLU D 140 8.17 41.02 23.60
CA GLU D 140 6.99 40.92 22.70
C GLU D 140 6.88 42.07 21.71
N ALA D 141 7.20 43.29 22.18
CA ALA D 141 7.20 44.46 21.30
C ALA D 141 8.08 44.35 20.06
N THR D 142 9.20 43.62 20.13
CA THR D 142 10.14 43.55 19.01
C THR D 142 10.40 42.18 18.38
N GLN D 143 10.16 41.09 19.10
N GLN D 143 10.15 41.11 19.13
CA GLN D 143 10.62 39.75 18.70
CA GLN D 143 10.52 39.74 18.77
C GLN D 143 10.33 39.37 17.25
C GLN D 143 10.31 39.37 17.30
N PHE D 144 9.14 39.73 16.76
CA PHE D 144 8.73 39.41 15.36
C PHE D 144 9.65 40.01 14.27
N SER D 145 10.32 41.12 14.56
CA SER D 145 11.22 41.76 13.59
C SER D 145 12.64 41.16 13.53
N MET D 146 12.90 40.12 14.32
CA MET D 146 14.17 39.41 14.25
C MET D 146 14.29 38.72 12.93
N ALA D 147 15.48 38.74 12.35
CA ALA D 147 15.73 38.06 11.08
C ALA D 147 15.75 36.55 11.29
N HIS D 148 15.33 35.80 10.28
CA HIS D 148 15.34 34.34 10.39
C HIS D 148 16.33 33.75 9.40
N GLN D 149 17.31 33.04 9.92
CA GLN D 149 18.35 32.36 9.14
C GLN D 149 19.13 33.28 8.19
N ASP D 150 19.38 34.51 8.63
CA ASP D 150 20.08 35.50 7.82
C ASP D 150 21.56 35.21 7.73
N VAL D 151 22.19 35.66 6.65
CA VAL D 151 23.62 35.51 6.44
C VAL D 151 24.37 36.29 7.52
N ARG D 152 23.87 37.48 7.85
CA ARG D 152 24.49 38.28 8.89
C ARG D 152 23.90 37.70 10.16
N TYR D 153 24.72 37.00 10.92
CA TYR D 153 24.30 36.31 12.11
C TYR D 153 23.73 37.20 13.23
N TYR D 154 24.29 38.39 13.39
CA TYR D 154 23.85 39.29 14.45
C TYR D 154 22.37 39.69 14.34
N LEU D 155 21.87 39.80 13.11
CA LEU D 155 20.48 40.19 12.86
C LEU D 155 19.48 39.16 13.36
N ASN D 156 19.88 37.90 13.34
CA ASN D 156 19.06 36.81 13.86
C ASN D 156 18.68 36.97 15.34
N GLY D 157 19.48 37.71 16.09
CA GLY D 157 19.22 37.98 17.48
C GLY D 157 18.45 39.27 17.71
N MET D 158 18.42 39.64 18.97
CA MET D 158 17.80 40.83 19.47
C MET D 158 18.86 41.56 20.30
N LEU D 159 18.87 42.90 20.19
CA LEU D 159 19.82 43.77 20.88
C LEU D 159 19.17 44.22 22.22
N PHE D 160 19.89 44.02 23.33
CA PHE D 160 19.52 44.58 24.62
C PHE D 160 20.49 45.68 24.92
N GLU D 161 20.01 46.92 24.96
CA GLU D 161 20.84 48.09 25.13
C GLU D 161 20.40 48.80 26.40
N THR D 162 21.31 49.03 27.33
CA THR D 162 20.97 49.71 28.56
C THR D 162 21.62 51.08 28.59
N GLU D 163 20.87 52.11 28.22
CA GLU D 163 21.41 53.44 28.23
C GLU D 163 20.78 54.27 29.34
N GLY D 164 21.61 54.72 30.28
CA GLY D 164 21.12 55.54 31.36
C GLY D 164 19.99 54.90 32.14
N GLU D 165 18.91 55.65 32.27
CA GLU D 165 17.70 55.23 32.97
C GLU D 165 16.96 54.04 32.38
N GLU D 166 16.93 53.90 31.06
CA GLU D 166 16.18 52.82 30.43
C GLU D 166 16.92 51.62 29.85
N LEU D 167 16.14 50.55 29.65
CA LEU D 167 16.54 49.35 28.95
C LEU D 167 15.80 49.36 27.61
N ARG D 168 16.53 49.09 26.53
CA ARG D 168 15.99 49.12 25.18
C ARG D 168 16.21 47.80 24.47
N THR D 169 15.21 47.34 23.72
CA THR D 169 15.39 46.23 22.78
C THR D 169 15.26 46.72 21.35
N VAL D 170 16.02 46.09 20.46
CA VAL D 170 15.95 46.38 19.04
C VAL D 170 16.04 45.08 18.27
N ALA D 171 15.14 44.92 17.30
CA ALA D 171 15.14 43.79 16.38
C ALA D 171 14.96 44.31 14.96
N THR D 172 15.69 43.69 14.03
CA THR D 172 15.60 44.06 12.62
C THR D 172 16.20 43.02 11.70
N ASP D 173 15.49 42.72 10.62
CA ASP D 173 15.98 41.79 9.61
C ASP D 173 16.67 42.56 8.47
N GLY D 174 16.73 43.88 8.61
CA GLY D 174 17.33 44.79 7.66
C GLY D 174 16.35 45.43 6.69
N HIS D 175 15.14 44.89 6.60
CA HIS D 175 14.13 45.46 5.73
C HIS D 175 13.07 46.19 6.54
N ARG D 176 12.98 45.84 7.81
CA ARG D 176 12.03 46.44 8.73
C ARG D 176 12.67 46.52 10.10
N LEU D 177 12.04 47.25 11.01
CA LEU D 177 12.67 47.42 12.34
C LEU D 177 11.64 47.62 13.45
N ALA D 178 12.00 47.14 14.63
CA ALA D 178 11.23 47.38 15.84
C ALA D 178 12.20 47.85 16.90
N VAL D 179 11.79 48.83 17.70
CA VAL D 179 12.55 49.26 18.85
C VAL D 179 11.57 49.53 19.99
N CYS D 180 11.97 49.13 21.20
CA CYS D 180 11.18 49.37 22.41
C CYS D 180 12.10 49.75 23.58
N SER D 181 11.66 50.74 24.37
CA SER D 181 12.40 51.28 25.52
C SER D 181 11.46 51.33 26.71
N MET D 182 11.97 51.01 27.89
CA MET D 182 11.19 51.07 29.12
C MET D 182 12.11 51.54 30.23
N PRO D 183 11.65 52.49 31.08
CA PRO D 183 12.54 52.94 32.17
C PRO D 183 12.68 51.84 33.23
N ILE D 184 13.90 51.61 33.70
CA ILE D 184 14.19 50.59 34.72
C ILE D 184 14.58 51.16 36.09
N GLY D 185 14.77 52.47 36.20
CA GLY D 185 14.77 53.12 37.54
C GLY D 185 16.10 53.42 38.23
N ASP D 186 17.14 52.68 37.91
CA ASP D 186 18.44 52.98 38.48
C ASP D 186 19.40 53.21 37.34
N SER D 187 20.23 54.24 37.46
CA SER D 187 21.17 54.56 36.40
C SER D 187 22.16 53.42 36.20
N LEU D 188 22.45 53.13 34.94
CA LEU D 188 23.38 52.07 34.61
C LEU D 188 24.32 52.59 33.54
N PRO D 189 25.51 51.98 33.43
CA PRO D 189 26.45 52.40 32.40
C PRO D 189 25.96 51.96 31.05
N ASN D 190 26.29 52.71 30.00
CA ASN D 190 25.88 52.34 28.65
C ASN D 190 26.50 51.00 28.31
N HIS D 191 25.70 50.14 27.72
CA HIS D 191 26.09 48.78 27.37
C HIS D 191 25.06 48.19 26.39
N SER D 192 25.53 47.57 25.31
CA SER D 192 24.66 46.86 24.39
C SER D 192 25.24 45.48 23.99
N VAL D 193 24.36 44.48 23.96
CA VAL D 193 24.68 43.09 23.65
C VAL D 193 23.58 42.46 22.80
N ILE D 194 23.92 41.37 22.09
CA ILE D 194 23.00 40.68 21.21
C ILE D 194 22.71 39.26 21.77
N VAL D 195 21.46 39.05 22.20
CA VAL D 195 21.00 37.75 22.67
C VAL D 195 20.51 36.98 21.43
N PRO D 196 20.92 35.71 21.25
CA PRO D 196 20.44 34.96 20.08
C PRO D 196 18.98 34.50 20.15
N ARG D 197 18.43 34.15 18.98
CA ARG D 197 17.05 33.70 18.80
C ARG D 197 16.56 32.76 19.89
N LYS D 198 17.23 31.62 20.04
CA LYS D 198 16.80 30.63 21.05
C LYS D 198 16.88 31.17 22.48
N GLY D 199 17.82 32.06 22.74
CA GLY D 199 17.89 32.77 24.01
C GLY D 199 16.67 33.62 24.29
N VAL D 200 16.26 34.41 23.30
CA VAL D 200 15.05 35.23 23.42
C VAL D 200 13.79 34.38 23.62
N ILE D 201 13.72 33.26 22.91
CA ILE D 201 12.58 32.38 23.06
C ILE D 201 12.57 31.80 24.47
N GLU D 202 13.73 31.36 24.93
CA GLU D 202 13.86 30.81 26.27
C GLU D 202 13.56 31.85 27.33
N LEU D 203 14.03 33.08 27.11
CA LEU D 203 13.81 34.17 28.04
C LEU D 203 12.33 34.48 28.18
N MET D 204 11.62 34.45 27.06
CA MET D 204 10.19 34.67 27.03
C MET D 204 9.45 33.56 27.79
N ARG D 205 9.95 32.34 27.64
CA ARG D 205 9.39 31.16 28.27
C ARG D 205 9.41 31.22 29.80
N MET D 206 10.49 31.74 30.37
CA MET D 206 10.60 31.83 31.82
C MET D 206 9.54 32.74 32.40
N LEU D 207 9.32 33.86 31.73
CA LEU D 207 8.39 34.88 32.20
C LEU D 207 6.93 34.45 32.28
N ASP D 208 6.48 34.18 33.51
CA ASP D 208 5.09 33.80 33.78
C ASP D 208 4.18 34.98 34.13
N GLY D 209 4.70 36.20 34.09
CA GLY D 209 3.95 37.38 34.53
C GLY D 209 3.70 37.35 36.03
N GLY D 210 4.66 36.80 36.79
CA GLY D 210 4.56 36.77 38.23
C GLY D 210 5.00 38.06 38.88
N ASP D 211 4.83 38.11 40.19
CA ASP D 211 5.30 39.24 41.02
C ASP D 211 6.80 39.10 41.37
N THR D 212 7.36 37.90 41.17
CA THR D 212 8.78 37.65 41.42
C THR D 212 9.63 38.52 40.49
N PRO D 213 10.53 39.36 41.04
CA PRO D 213 11.38 40.13 40.16
C PRO D 213 12.40 39.25 39.38
N LEU D 214 12.86 39.80 38.26
CA LEU D 214 13.84 39.18 37.39
C LEU D 214 15.18 39.83 37.64
N ARG D 215 16.19 39.04 37.99
CA ARG D 215 17.57 39.53 38.13
C ARG D 215 18.33 39.17 36.86
N VAL D 216 18.95 40.15 36.23
CA VAL D 216 19.68 39.95 34.99
C VAL D 216 21.15 40.22 35.27
N GLN D 217 22.02 39.39 34.71
CA GLN D 217 23.48 39.59 34.82
C GLN D 217 24.09 39.49 33.43
N ILE D 218 24.92 40.48 33.08
CA ILE D 218 25.53 40.53 31.76
C ILE D 218 27.06 40.48 31.89
N GLY D 219 27.65 39.51 31.21
CA GLY D 219 29.10 39.42 31.09
C GLY D 219 29.47 39.82 29.66
N SER D 220 30.74 39.74 29.36
CA SER D 220 31.26 40.18 28.08
C SER D 220 30.85 39.28 26.93
N ASN D 221 30.59 38.01 27.23
CA ASN D 221 30.20 37.04 26.20
C ASN D 221 29.00 36.18 26.58
N ASN D 222 28.32 36.51 27.68
CA ASN D 222 27.23 35.71 28.22
C ASN D 222 26.22 36.61 28.95
N ILE D 223 25.03 36.07 29.15
CA ILE D 223 23.97 36.73 29.90
C ILE D 223 23.25 35.69 30.71
N ARG D 224 22.80 36.11 31.89
CA ARG D 224 22.07 35.24 32.81
C ARG D 224 20.84 35.95 33.32
N ALA D 225 19.81 35.16 33.61
CA ALA D 225 18.57 35.68 34.16
C ALA D 225 17.99 34.76 35.22
N HIS D 226 17.86 35.30 36.43
CA HIS D 226 17.24 34.61 37.56
C HIS D 226 15.78 35.05 37.73
N VAL D 227 14.90 34.08 37.94
CA VAL D 227 13.51 34.32 38.24
C VAL D 227 13.17 33.24 39.24
N GLY D 228 13.15 33.59 40.52
CA GLY D 228 12.86 32.61 41.54
C GLY D 228 13.88 31.48 41.55
N ASP D 229 13.37 30.26 41.45
CA ASP D 229 14.21 29.07 41.46
C ASP D 229 14.69 28.66 40.07
N PHE D 230 14.35 29.45 39.06
CA PHE D 230 14.75 29.15 37.69
C PHE D 230 15.84 30.09 37.19
N VAL D 231 16.91 29.52 36.65
CA VAL D 231 18.03 30.30 36.15
C VAL D 231 18.27 30.00 34.67
N PHE D 232 18.42 31.04 33.87
CA PHE D 232 18.67 30.87 32.44
C PHE D 232 19.98 31.56 32.12
N THR D 233 20.81 30.91 31.30
CA THR D 233 22.07 31.48 30.84
C THR D 233 22.27 31.17 29.36
N SER D 234 22.86 32.13 28.63
CA SER D 234 23.08 31.98 27.20
C SER D 234 24.35 32.70 26.75
N LYS D 235 24.99 32.16 25.71
CA LYS D 235 26.04 32.87 24.99
C LYS D 235 25.43 34.11 24.39
N LEU D 236 26.25 35.13 24.20
CA LEU D 236 25.88 36.34 23.43
C LEU D 236 26.46 36.25 22.03
N VAL D 237 25.86 36.99 21.09
CA VAL D 237 26.28 37.01 19.70
C VAL D 237 27.34 38.09 19.50
N ASP D 238 28.44 37.69 18.84
CA ASP D 238 29.55 38.59 18.52
C ASP D 238 29.17 39.30 17.22
N GLY D 239 29.22 40.64 17.20
CA GLY D 239 28.87 41.37 15.98
C GLY D 239 28.47 42.81 16.23
N ARG D 240 28.52 43.60 15.16
CA ARG D 240 28.19 45.02 15.18
C ARG D 240 26.73 45.18 14.74
N PHE D 241 25.83 45.24 15.71
CA PHE D 241 24.39 45.45 15.45
C PHE D 241 24.19 46.86 14.90
N PRO D 242 23.35 47.04 13.86
CA PRO D 242 23.23 48.38 13.25
C PRO D 242 22.52 49.41 14.13
N ASP D 243 22.81 50.69 13.92
CA ASP D 243 22.26 51.75 14.76
C ASP D 243 20.80 51.99 14.40
N TYR D 244 19.92 51.77 15.38
CA TYR D 244 18.49 51.96 15.17
C TYR D 244 18.13 53.43 14.88
N ARG D 245 18.84 54.38 15.49
CA ARG D 245 18.55 55.81 15.29
C ARG D 245 18.79 56.31 13.85
N ARG D 246 19.63 55.61 13.08
CA ARG D 246 19.86 55.90 11.65
C ARG D 246 18.65 55.52 10.76
N VAL D 247 17.93 54.47 11.15
CA VAL D 247 16.82 53.95 10.36
C VAL D 247 15.52 54.74 10.60
N LEU D 248 15.31 55.23 11.83
CA LEU D 248 14.09 56.01 12.14
C LEU D 248 13.99 57.20 11.18
N PRO D 249 12.78 57.45 10.64
CA PRO D 249 12.60 58.62 9.73
C PRO D 249 13.06 59.92 10.37
N LYS D 250 13.92 60.67 9.71
CA LYS D 250 14.46 61.89 10.33
C LYS D 250 13.46 62.98 10.67
N ASN D 251 12.64 63.38 9.71
CA ASN D 251 11.65 64.43 9.96
C ASN D 251 10.34 64.20 9.22
N PRO D 252 9.46 63.40 9.82
CA PRO D 252 8.14 63.08 9.26
C PRO D 252 7.12 64.16 9.57
N ASP D 253 6.88 65.05 8.62
CA ASP D 253 5.93 66.14 8.77
C ASP D 253 4.47 65.70 8.93
N LYS D 254 4.07 64.67 8.19
CA LYS D 254 2.70 64.18 8.23
C LYS D 254 2.38 63.13 9.30
N THR D 255 1.27 63.33 9.99
CA THR D 255 0.80 62.41 11.02
C THR D 255 -0.56 61.86 10.66
N LEU D 256 -0.68 60.54 10.68
CA LEU D 256 -1.92 59.87 10.36
C LEU D 256 -2.36 59.02 11.55
N GLU D 257 -3.62 59.15 11.95
CA GLU D 257 -4.13 58.37 13.06
C GLU D 257 -5.36 57.55 12.68
N ALA D 258 -5.34 56.29 13.08
CA ALA D 258 -6.44 55.33 12.80
C ALA D 258 -6.64 54.36 13.94
N GLY D 259 -7.81 53.73 13.95
CA GLY D 259 -8.09 52.66 14.91
C GLY D 259 -7.32 51.44 14.46
N CYS D 260 -6.50 50.88 15.38
CA CYS D 260 -5.63 49.73 15.08
C CYS D 260 -6.38 48.56 14.45
N ASP D 261 -7.48 48.15 15.07
CA ASP D 261 -8.20 46.97 14.60
C ASP D 261 -8.83 47.14 13.21
N SER D 262 -9.50 48.26 12.98
CA SER D 262 -10.06 48.57 11.66
C SER D 262 -9.01 48.63 10.55
N LEU D 263 -7.85 49.22 10.86
CA LEU D 263 -6.76 49.32 9.90
C LEU D 263 -6.18 47.96 9.58
N LYS D 264 -6.07 47.13 10.62
CA LYS D 264 -5.55 45.80 10.53
C LYS D 264 -6.44 44.95 9.64
N GLN D 265 -7.74 44.89 9.96
CA GLN D 265 -8.68 44.07 9.19
C GLN D 265 -8.72 44.48 7.73
N ALA D 266 -8.57 45.78 7.46
CA ALA D 266 -8.59 46.28 6.10
C ALA D 266 -7.33 45.87 5.33
N PHE D 267 -6.16 45.99 5.98
CA PHE D 267 -4.92 45.57 5.35
C PHE D 267 -4.94 44.05 5.12
N ALA D 268 -5.46 43.31 6.09
CA ALA D 268 -5.56 41.86 5.98
C ALA D 268 -6.43 41.44 4.80
N ARG D 269 -7.54 42.13 4.60
CA ARG D 269 -8.45 41.78 3.50
C ARG D 269 -7.81 42.06 2.15
N ALA D 270 -7.18 43.22 2.02
CA ALA D 270 -6.47 43.55 0.78
C ALA D 270 -5.33 42.57 0.50
N ALA D 271 -4.62 42.15 1.56
CA ALA D 271 -3.44 41.32 1.44
C ALA D 271 -3.71 40.01 0.72
N ILE D 272 -4.98 39.55 0.77
CA ILE D 272 -5.43 38.32 0.12
C ILE D 272 -5.17 38.34 -1.40
N LEU D 273 -5.30 39.52 -2.01
CA LEU D 273 -5.10 39.68 -3.45
C LEU D 273 -3.81 40.43 -3.78
N SER D 274 -2.89 40.48 -2.82
CA SER D 274 -1.53 40.95 -3.05
C SER D 274 -0.70 39.83 -3.69
N ASN D 275 0.34 40.24 -4.39
CA ASN D 275 1.33 39.36 -4.99
C ASN D 275 1.86 38.47 -3.89
N GLU D 276 1.77 37.15 -4.06
CA GLU D 276 2.13 36.18 -3.01
C GLU D 276 3.61 36.19 -2.61
N LYS D 277 4.46 36.63 -3.53
CA LYS D 277 5.89 36.72 -3.30
C LYS D 277 6.40 38.06 -2.74
N PHE D 278 5.89 39.17 -3.27
CA PHE D 278 6.32 40.52 -2.84
C PHE D 278 5.36 41.27 -1.92
N ARG D 279 4.12 40.78 -1.82
CA ARG D 279 3.13 41.37 -0.92
C ARG D 279 2.97 42.88 -1.00
N GLY D 280 3.05 43.42 -2.21
CA GLY D 280 2.90 44.85 -2.41
C GLY D 280 1.50 45.35 -2.14
N VAL D 281 1.40 46.50 -1.50
CA VAL D 281 0.12 47.11 -1.17
C VAL D 281 0.27 48.62 -1.25
N ARG D 282 -0.67 49.29 -1.93
CA ARG D 282 -0.61 50.76 -2.07
C ARG D 282 -1.56 51.43 -1.08
N LEU D 283 -1.11 52.54 -0.52
CA LEU D 283 -1.90 53.30 0.44
C LEU D 283 -2.09 54.75 0.02
N TYR D 284 -3.30 55.09 -0.43
CA TYR D 284 -3.61 56.47 -0.84
C TYR D 284 -4.16 57.17 0.38
N VAL D 285 -3.52 58.25 0.79
CA VAL D 285 -3.91 58.99 1.98
C VAL D 285 -4.43 60.35 1.54
N SER D 286 -5.59 60.72 2.07
CA SER D 286 -6.26 61.96 1.71
C SER D 286 -7.02 62.45 2.94
N GLU D 287 -7.79 63.53 2.78
CA GLU D 287 -8.46 64.13 3.93
C GLU D 287 -9.36 63.14 4.66
N ASN D 288 -9.00 62.86 5.90
CA ASN D 288 -9.73 61.94 6.78
C ASN D 288 -10.15 60.63 6.10
N GLN D 289 -9.23 60.08 5.30
CA GLN D 289 -9.50 58.84 4.57
C GLN D 289 -8.22 58.19 4.09
N ILE D 290 -8.18 56.86 4.18
CA ILE D 290 -7.21 56.09 3.46
C ILE D 290 -7.91 55.16 2.51
N LYS D 291 -7.31 55.01 1.34
CA LYS D 291 -7.68 54.02 0.36
C LYS D 291 -6.54 53.01 0.27
N ILE D 292 -6.84 51.73 0.50
CA ILE D 292 -5.85 50.66 0.38
C ILE D 292 -6.18 49.83 -0.84
N THR D 293 -5.15 49.53 -1.63
CA THR D 293 -5.26 48.86 -2.91
C THR D 293 -4.30 47.69 -3.01
N ALA D 294 -4.70 46.63 -3.68
CA ALA D 294 -3.82 45.47 -3.93
C ALA D 294 -4.19 44.77 -5.24
N ASN D 295 -3.20 44.34 -6.01
CA ASN D 295 -3.40 43.41 -7.13
C ASN D 295 -2.28 42.39 -7.25
N ASN D 296 -2.53 41.33 -8.01
CA ASN D 296 -1.56 40.21 -8.16
C ASN D 296 -1.29 40.02 -9.67
N PRO D 297 -0.38 39.08 -10.05
CA PRO D 297 -0.12 38.83 -11.48
C PRO D 297 -1.33 38.39 -12.33
N GLU D 298 -2.33 37.79 -11.70
CA GLU D 298 -3.57 37.39 -12.38
C GLU D 298 -4.58 38.54 -12.54
N GLN D 299 -4.19 39.74 -12.09
CA GLN D 299 -5.00 40.97 -12.17
C GLN D 299 -6.31 40.87 -11.36
N GLU D 300 -6.26 40.15 -10.25
CA GLU D 300 -7.30 40.23 -9.24
C GLU D 300 -7.03 41.52 -8.48
N GLU D 301 -8.08 42.21 -8.04
CA GLU D 301 -7.91 43.55 -7.41
C GLU D 301 -8.67 43.66 -6.11
N ALA D 302 -8.02 44.25 -5.10
CA ALA D 302 -8.66 44.55 -3.81
C ALA D 302 -8.65 46.06 -3.56
N GLU D 303 -9.67 46.53 -2.87
CA GLU D 303 -9.84 47.94 -2.56
C GLU D 303 -10.56 48.09 -1.21
N GLU D 304 -9.90 48.74 -0.24
CA GLU D 304 -10.54 49.10 1.03
C GLU D 304 -10.47 50.62 1.23
N ILE D 305 -11.51 51.20 1.80
CA ILE D 305 -11.51 52.62 2.20
C ILE D 305 -11.93 52.75 3.67
N LEU D 306 -11.21 53.56 4.44
CA LEU D 306 -11.49 53.78 5.85
C LEU D 306 -11.52 55.25 6.23
N ASP D 307 -12.42 55.60 7.18
CA ASP D 307 -12.33 56.84 7.90
C ASP D 307 -11.17 56.82 8.85
N VAL D 308 -10.21 57.71 8.61
CA VAL D 308 -9.10 57.98 9.53
C VAL D 308 -9.13 59.45 9.87
N THR D 309 -8.12 59.88 10.65
CA THR D 309 -7.89 61.28 11.01
C THR D 309 -6.57 61.71 10.35
N TYR D 310 -6.64 62.58 9.34
CA TYR D 310 -5.45 63.04 8.63
C TYR D 310 -5.72 64.42 8.04
N ALA D 311 -4.76 65.35 8.20
CA ALA D 311 -4.97 66.71 7.70
C ALA D 311 -3.99 67.16 6.61
N GLY D 312 -2.90 66.42 6.39
CA GLY D 312 -1.82 66.84 5.52
C GLY D 312 -2.08 66.73 4.04
N THR D 313 -1.01 66.89 3.27
CA THR D 313 -1.07 66.79 1.82
C THR D 313 -1.30 65.34 1.42
N GLU D 314 -1.83 65.17 0.23
CA GLU D 314 -2.20 63.84 -0.20
C GLU D 314 -1.02 63.14 -0.90
N MET D 315 -0.91 61.84 -0.68
CA MET D 315 0.17 61.06 -1.23
C MET D 315 -0.12 59.57 -1.30
N GLU D 316 0.60 58.90 -2.18
CA GLU D 316 0.53 57.47 -2.40
C GLU D 316 1.83 56.90 -1.83
N ILE D 317 1.73 55.76 -1.15
CA ILE D 317 2.91 55.07 -0.64
C ILE D 317 2.65 53.58 -0.73
N GLY D 318 3.70 52.80 -0.98
CA GLY D 318 3.56 51.37 -1.08
C GLY D 318 4.50 50.62 -0.17
N PHE D 319 4.05 49.50 0.37
CA PHE D 319 4.88 48.67 1.24
C PHE D 319 4.39 47.24 1.32
N ASN D 320 5.26 46.35 1.79
CA ASN D 320 4.89 44.96 1.96
C ASN D 320 3.83 44.98 3.06
N VAL D 321 2.73 44.26 2.86
CA VAL D 321 1.64 44.28 3.83
C VAL D 321 1.85 43.33 5.00
N SER D 322 2.68 42.32 4.80
CA SER D 322 3.05 41.44 5.92
CA SER D 322 3.03 41.45 5.93
C SER D 322 3.72 42.26 7.03
N TYR D 323 4.65 43.13 6.63
CA TYR D 323 5.40 43.95 7.59
C TYR D 323 4.51 44.87 8.38
N VAL D 324 3.52 45.46 7.72
CA VAL D 324 2.59 46.35 8.38
C VAL D 324 1.67 45.55 9.29
N LEU D 325 1.13 44.46 8.77
CA LEU D 325 0.27 43.58 9.56
C LEU D 325 0.99 43.10 10.80
N ASP D 326 2.22 42.62 10.63
CA ASP D 326 3.02 42.18 11.77
C ASP D 326 3.12 43.25 12.84
N VAL D 327 3.35 44.48 12.40
CA VAL D 327 3.39 45.63 13.30
C VAL D 327 2.04 45.89 13.97
N LEU D 328 0.96 45.92 13.18
CA LEU D 328 -0.35 46.16 13.75
C LEU D 328 -0.74 45.07 14.75
N ASN D 329 -0.48 43.80 14.40
CA ASN D 329 -0.68 42.66 15.31
C ASN D 329 0.17 42.77 16.58
N ALA D 330 1.37 43.31 16.49
CA ALA D 330 2.19 43.54 17.68
C ALA D 330 1.64 44.66 18.59
N LEU D 331 1.05 45.72 18.02
CA LEU D 331 0.56 46.87 18.80
C LEU D 331 -0.61 46.56 19.73
N LYS D 332 -1.60 45.79 19.28
CA LYS D 332 -2.73 45.35 20.13
C LYS D 332 -3.31 46.49 20.98
N CYS D 333 -3.57 47.62 20.35
CA CYS D 333 -3.99 48.84 21.06
C CYS D 333 -5.20 49.50 20.39
N GLU D 334 -5.68 50.62 20.96
CA GLU D 334 -6.87 51.33 20.45
C GLU D 334 -6.62 52.01 19.11
N ASN D 335 -5.61 52.88 19.07
CA ASN D 335 -5.33 53.73 17.91
C ASN D 335 -3.84 53.68 17.54
N VAL D 336 -3.54 53.83 16.25
CA VAL D 336 -2.19 53.81 15.72
C VAL D 336 -1.88 55.18 15.16
N ARG D 337 -0.65 55.65 15.34
CA ARG D 337 -0.22 56.90 14.75
C ARG D 337 0.85 56.53 13.74
N ILE D 338 0.68 56.97 12.50
CA ILE D 338 1.66 56.69 11.47
C ILE D 338 2.29 58.00 11.01
N LEU D 339 3.61 58.04 10.99
CA LEU D 339 4.34 59.21 10.56
C LEU D 339 4.86 58.99 9.15
N LEU D 340 4.38 59.80 8.22
CA LEU D 340 4.75 59.68 6.81
C LEU D 340 5.49 60.92 6.32
N THR D 341 6.59 60.71 5.60
CA THR D 341 7.33 61.83 5.06
C THR D 341 7.07 62.04 3.57
N ASP D 342 7.20 60.98 2.77
CA ASP D 342 6.97 61.00 1.32
C ASP D 342 6.85 59.59 0.72
N SER D 343 6.71 59.51 -0.59
CA SER D 343 6.56 58.22 -1.30
C SER D 343 7.79 57.31 -1.36
N VAL D 344 8.98 57.89 -1.31
CA VAL D 344 10.25 57.16 -1.40
C VAL D 344 10.96 57.00 -0.06
N SER D 345 10.34 57.49 1.02
CA SER D 345 10.94 57.40 2.35
C SER D 345 10.26 56.37 3.24
N SER D 346 10.91 56.04 4.36
CA SER D 346 10.36 55.09 5.30
C SER D 346 9.22 55.66 6.12
N VAL D 347 8.51 54.79 6.82
CA VAL D 347 7.36 55.23 7.56
C VAL D 347 7.43 54.66 8.99
N GLN D 348 7.25 55.53 9.97
CA GLN D 348 7.22 55.12 11.38
C GLN D 348 5.80 54.73 11.74
N ILE D 349 5.68 53.75 12.63
CA ILE D 349 4.39 53.32 13.18
C ILE D 349 4.53 53.18 14.69
N GLU D 350 3.50 53.62 15.41
CA GLU D 350 3.49 53.56 16.85
C GLU D 350 2.10 53.60 17.39
N ASP D 351 1.91 53.13 18.62
CA ASP D 351 0.66 53.33 19.35
C ASP D 351 0.50 54.83 19.55
N ALA D 352 -0.69 55.33 19.30
CA ALA D 352 -0.99 56.76 19.47
C ALA D 352 -0.92 57.19 20.94
N ALA D 353 -1.22 56.25 21.85
CA ALA D 353 -1.26 56.47 23.31
C ALA D 353 0.07 56.29 24.09
N SER D 354 1.11 55.76 23.44
CA SER D 354 2.40 55.47 24.09
C SER D 354 3.57 55.62 23.12
N GLN D 355 4.59 56.36 23.53
CA GLN D 355 5.79 56.61 22.69
C GLN D 355 6.88 55.52 22.86
N SER D 356 6.64 54.54 23.73
CA SER D 356 7.67 53.62 24.15
C SER D 356 8.14 52.61 23.08
N ALA D 357 7.31 52.36 22.07
CA ALA D 357 7.66 51.39 21.00
C ALA D 357 7.44 52.02 19.64
N ALA D 358 8.47 51.90 18.80
CA ALA D 358 8.45 52.44 17.47
C ALA D 358 8.80 51.37 16.45
N TYR D 359 8.20 51.48 15.28
CA TYR D 359 8.31 50.52 14.21
C TYR D 359 8.54 51.24 12.92
N VAL D 360 9.54 50.77 12.16
CA VAL D 360 9.92 51.42 10.92
C VAL D 360 9.77 50.42 9.83
N VAL D 361 9.10 50.83 8.76
CA VAL D 361 8.88 50.00 7.58
C VAL D 361 9.23 50.81 6.34
N MET D 362 9.98 50.20 5.42
CA MET D 362 10.40 50.87 4.20
C MET D 362 9.35 50.90 3.10
N PRO D 363 9.57 51.74 2.08
CA PRO D 363 8.60 51.83 0.96
C PRO D 363 8.84 50.85 -0.19
N MET D 364 7.88 50.79 -1.09
CA MET D 364 7.98 49.96 -2.25
C MET D 364 7.61 50.79 -3.46
N ARG D 365 8.36 50.53 -4.53
CA ARG D 365 8.15 51.03 -5.89
C ARG D 365 8.54 52.49 -6.10
S SO4 E . -29.94 -11.05 -24.63
O1 SO4 E . -29.86 -12.19 -23.67
O2 SO4 E . -29.54 -11.50 -25.99
O3 SO4 E . -31.32 -10.52 -24.69
O4 SO4 E . -29.03 -9.95 -24.21
S SO4 F . 12.75 -32.53 14.73
O1 SO4 F . 12.75 -33.77 15.53
O2 SO4 F . 12.47 -32.95 13.36
O3 SO4 F . 11.67 -31.61 15.15
O4 SO4 F . 14.04 -31.80 14.84
S SO4 G . -29.96 36.64 3.43
O1 SO4 G . -30.44 35.78 4.54
O2 SO4 G . -30.25 35.94 2.15
O3 SO4 G . -30.57 38.01 3.47
O4 SO4 G . -28.53 36.75 3.71
#